data_3RGS
#
_entry.id   3RGS
#
_cell.length_a   83.480
_cell.length_b   140.720
_cell.length_c   229.520
_cell.angle_alpha   90.00
_cell.angle_beta   90.00
_cell.angle_gamma   90.00
#
_symmetry.space_group_name_H-M   'P 21 21 21'
#
loop_
_entity.id
_entity.type
_entity.pdbx_description
1 polymer Catalase
2 non-polymer 'PROTOPORPHYRIN IX CONTAINING FE'
3 non-polymer AMMONIA
4 water water
#
_entity_poly.entity_id   1
_entity_poly.type   'polypeptide(L)'
_entity_poly.pdbx_seq_one_letter_code
;NRDPASDQMKHWKEQRAAQKPDVLTTGGGNPVGDKLNSLTVGPRGPLLVQDVVFTDEMAHFDRERIPERVVHAKGAGAFG
YFEVTHDITRYSKAKVFEHIGKRTPIAVRFSTVAGESGSADTVRDPRGFAVKFYTEDGNWDLVGNNTPIFFIRDALLFPS
FIHSQKRNPQTHLKDPDMVWDFWSLRPESLHQVSFLFSDRGIPDGHRHMNGYGSHTFKLVNANGEAVYCKFHYKTDQGIK
NLSVEDAARLAHEDPDYGLRDLFNAIATGNYPSWTLYIQVMTFSEAEIFPFNPFDLTKVWPHGDYPLIPVGKLVLNRNPV
NYFAEVEQLAFDPSNMPPGIEPSPDKMLQGRLFAYPDTHRHRLGPNYLQIPVNCPYRARVANYQRDGPMCMMDNQGGAPN
YYPNSFSAPEHQPSALEHRTHFSGDVQRFNSANDDNVTQVRTFYLKVLNEEQRKRLCENIAGHLKDAQLFIQKKAVKNFS
DVHPEYGSRIQALLDKYNE
;
_entity_poly.pdbx_strand_id   A,B,C,D
#
# COMPACT_ATOMS: atom_id res chain seq x y z
N ASN A 1 -25.59 37.97 -1.30
CA ASN A 1 -25.40 36.48 -1.40
C ASN A 1 -24.85 36.10 -2.77
N ARG A 2 -24.09 35.01 -2.81
CA ARG A 2 -23.52 34.54 -4.06
C ARG A 2 -24.16 33.21 -4.42
N ASP A 3 -23.55 32.48 -5.36
CA ASP A 3 -24.06 31.18 -5.76
C ASP A 3 -23.95 30.23 -4.57
N PRO A 4 -24.80 29.21 -4.52
CA PRO A 4 -24.81 28.23 -3.42
C PRO A 4 -23.42 27.63 -3.14
N ALA A 5 -22.70 27.27 -4.21
CA ALA A 5 -21.39 26.67 -4.06
C ALA A 5 -20.46 27.59 -3.27
N SER A 6 -20.42 28.87 -3.64
CA SER A 6 -19.57 29.85 -2.96
C SER A 6 -19.90 30.01 -1.47
N ASP A 7 -21.19 29.87 -1.13
CA ASP A 7 -21.62 30.00 0.27
C ASP A 7 -21.62 28.68 1.03
N GLN A 8 -20.83 27.72 0.57
CA GLN A 8 -20.76 26.41 1.23
C GLN A 8 -20.50 26.51 2.73
N MET A 9 -19.42 27.18 3.13
CA MET A 9 -19.12 27.32 4.55
C MET A 9 -20.12 28.19 5.29
N LYS A 10 -20.57 29.25 4.62
CA LYS A 10 -21.54 30.16 5.20
C LYS A 10 -22.79 29.40 5.62
N HIS A 11 -23.25 28.51 4.73
CA HIS A 11 -24.43 27.71 5.02
C HIS A 11 -24.20 26.65 6.08
N TRP A 12 -23.00 26.06 6.09
CA TRP A 12 -22.66 25.04 7.09
C TRP A 12 -22.79 25.68 8.47
N LYS A 13 -22.21 26.86 8.62
CA LYS A 13 -22.25 27.59 9.88
C LYS A 13 -23.69 27.92 10.30
N GLU A 14 -24.46 28.48 9.39
CA GLU A 14 -25.83 28.84 9.70
C GLU A 14 -26.57 27.58 10.14
N GLN A 15 -26.24 26.47 9.51
CA GLN A 15 -26.85 25.18 9.83
C GLN A 15 -26.55 24.81 11.29
N ARG A 16 -25.35 25.13 11.75
CA ARG A 16 -24.94 24.85 13.11
C ARG A 16 -25.75 25.67 14.11
N ALA A 17 -26.29 26.78 13.65
CA ALA A 17 -27.11 27.64 14.51
C ALA A 17 -26.31 28.13 15.71
N ALA A 18 -26.92 28.02 16.89
CA ALA A 18 -26.27 28.45 18.13
C ALA A 18 -25.53 27.29 18.80
N GLN A 19 -25.61 26.12 18.19
CA GLN A 19 -24.95 24.93 18.72
C GLN A 19 -23.47 25.22 18.95
N LYS A 20 -22.99 24.90 20.15
CA LYS A 20 -21.61 25.12 20.52
C LYS A 20 -20.67 24.29 19.65
N PRO A 21 -19.50 24.85 19.29
CA PRO A 21 -18.54 24.12 18.46
C PRO A 21 -18.03 22.88 19.18
N ASP A 22 -17.82 21.80 18.42
CA ASP A 22 -17.33 20.56 19.00
C ASP A 22 -15.92 20.78 19.54
N VAL A 23 -15.49 19.88 20.43
CA VAL A 23 -14.16 19.95 21.00
C VAL A 23 -13.19 19.34 19.99
N LEU A 24 -12.10 20.05 19.71
CA LEU A 24 -11.09 19.59 18.78
C LEU A 24 -10.24 18.48 19.41
N THR A 25 -10.18 17.32 18.74
CA THR A 25 -9.44 16.19 19.27
C THR A 25 -8.39 15.63 18.31
N THR A 26 -7.57 14.71 18.84
CA THR A 26 -6.56 14.03 18.05
C THR A 26 -7.36 12.93 17.36
N GLY A 27 -6.70 12.16 16.50
CA GLY A 27 -7.40 11.07 15.83
C GLY A 27 -7.89 10.04 16.83
N GLY A 28 -7.17 9.92 17.95
CA GLY A 28 -7.55 8.98 18.98
C GLY A 28 -8.65 9.48 19.92
N GLY A 29 -9.20 10.65 19.61
CA GLY A 29 -10.27 11.21 20.43
C GLY A 29 -9.86 12.01 21.65
N ASN A 30 -8.55 12.20 21.86
CA ASN A 30 -8.06 12.97 23.01
C ASN A 30 -8.25 14.46 22.72
N PRO A 31 -8.87 15.20 23.66
CA PRO A 31 -9.08 16.64 23.47
C PRO A 31 -7.72 17.34 23.35
N VAL A 32 -7.65 18.35 22.49
CA VAL A 32 -6.41 19.10 22.28
C VAL A 32 -6.43 20.45 23.02
N GLY A 33 -5.37 20.74 23.77
CA GLY A 33 -5.30 21.98 24.52
C GLY A 33 -5.01 23.23 23.71
N ASP A 34 -4.07 23.13 22.77
CA ASP A 34 -3.68 24.25 21.92
C ASP A 34 -3.12 23.65 20.65
N LYS A 35 -3.89 23.70 19.56
CA LYS A 35 -3.43 23.13 18.31
C LYS A 35 -2.81 24.17 17.37
N LEU A 36 -2.44 25.32 17.93
CA LEU A 36 -1.84 26.39 17.13
C LEU A 36 -0.37 26.64 17.48
N ASN A 37 0.09 26.04 18.57
CA ASN A 37 1.48 26.21 19.01
C ASN A 37 2.12 24.88 19.38
N SER A 38 3.27 24.60 18.78
CA SER A 38 3.99 23.36 19.01
C SER A 38 4.62 23.31 20.39
N LEU A 39 4.89 22.09 20.87
CA LEU A 39 5.50 21.88 22.18
C LEU A 39 7.01 21.92 22.06
N THR A 40 7.64 22.92 22.69
CA THR A 40 9.09 23.07 22.64
C THR A 40 9.69 23.32 24.02
N VAL A 41 11.01 23.23 24.12
CA VAL A 41 11.69 23.51 25.38
C VAL A 41 12.14 24.96 25.29
N GLY A 42 11.33 25.85 25.85
CA GLY A 42 11.65 27.27 25.78
C GLY A 42 11.00 27.84 24.52
N PRO A 43 10.69 29.15 24.50
CA PRO A 43 10.07 29.79 23.35
C PRO A 43 10.88 29.72 22.05
N ARG A 44 12.18 29.51 22.17
CA ARG A 44 13.03 29.40 20.99
C ARG A 44 13.83 28.11 21.04
N GLY A 45 13.21 27.08 21.62
CA GLY A 45 13.86 25.80 21.75
C GLY A 45 13.35 24.76 20.76
N PRO A 46 13.98 23.57 20.73
CA PRO A 46 13.66 22.44 19.85
C PRO A 46 12.26 21.85 20.04
N LEU A 47 11.77 21.21 18.98
CA LEU A 47 10.46 20.56 18.95
C LEU A 47 10.58 19.19 19.63
N LEU A 48 9.61 18.84 20.45
CA LEU A 48 9.64 17.57 21.16
C LEU A 48 8.83 16.44 20.52
N VAL A 49 9.39 15.23 20.57
CA VAL A 49 8.72 14.05 20.03
C VAL A 49 7.43 13.88 20.83
N GLN A 50 7.49 14.37 22.07
CA GLN A 50 6.37 14.33 23.00
C GLN A 50 5.13 15.07 22.49
N ASP A 51 5.30 15.88 21.46
CA ASP A 51 4.16 16.59 20.88
C ASP A 51 3.45 15.62 19.96
N VAL A 52 2.55 14.81 20.52
CA VAL A 52 1.84 13.83 19.72
C VAL A 52 0.60 14.43 19.06
N VAL A 53 0.31 15.69 19.38
CA VAL A 53 -0.82 16.38 18.75
C VAL A 53 -0.30 16.74 17.35
N PHE A 54 0.91 17.24 17.28
CA PHE A 54 1.54 17.59 16.02
C PHE A 54 1.71 16.37 15.12
N THR A 55 2.37 15.34 15.64
CA THR A 55 2.61 14.14 14.86
C THR A 55 1.32 13.49 14.35
N ASP A 56 0.31 13.38 15.22
CA ASP A 56 -0.96 12.78 14.83
C ASP A 56 -1.57 13.55 13.65
N GLU A 57 -1.64 14.87 13.75
CA GLU A 57 -2.20 15.67 12.67
C GLU A 57 -1.34 15.68 11.40
N MET A 58 -0.04 15.88 11.56
CA MET A 58 0.86 15.93 10.41
C MET A 58 0.96 14.61 9.67
N ALA A 59 1.00 13.51 10.44
CA ALA A 59 1.09 12.20 9.84
C ALA A 59 -0.12 11.95 8.95
N HIS A 60 -1.29 12.42 9.37
CA HIS A 60 -2.47 12.22 8.55
C HIS A 60 -2.44 13.13 7.32
N PHE A 61 -1.94 14.36 7.52
CA PHE A 61 -1.83 15.30 6.42
C PHE A 61 -0.90 14.68 5.38
N ASP A 62 0.19 14.09 5.85
CA ASP A 62 1.17 13.48 4.97
C ASP A 62 0.62 12.32 4.16
N ARG A 63 -0.56 11.81 4.56
CA ARG A 63 -1.18 10.67 3.88
C ARG A 63 -2.53 10.94 3.25
N GLU A 64 -2.87 12.21 3.07
CA GLU A 64 -4.15 12.59 2.50
C GLU A 64 -4.44 12.10 1.09
N ARG A 65 -3.41 12.04 0.26
CA ARG A 65 -3.58 11.65 -1.14
C ARG A 65 -3.54 10.17 -1.49
N ILE A 66 -4.35 9.82 -2.48
CA ILE A 66 -4.41 8.47 -3.00
C ILE A 66 -4.20 8.64 -4.50
N PRO A 67 -3.81 7.56 -5.19
CA PRO A 67 -3.60 7.69 -6.65
C PRO A 67 -4.88 8.18 -7.30
N GLU A 68 -4.76 9.03 -8.31
CA GLU A 68 -5.95 9.49 -9.02
C GLU A 68 -6.28 8.39 -10.03
N ARG A 69 -7.49 8.42 -10.57
CA ARG A 69 -7.89 7.40 -11.56
C ARG A 69 -6.88 7.45 -12.70
N VAL A 70 -6.46 6.28 -13.19
CA VAL A 70 -5.48 6.24 -14.28
C VAL A 70 -6.01 6.97 -15.53
N VAL A 71 -7.34 7.05 -15.65
CA VAL A 71 -8.01 7.80 -16.72
C VAL A 71 -9.28 8.36 -16.10
N HIS A 72 -9.82 9.43 -16.68
CA HIS A 72 -11.03 10.07 -16.14
C HIS A 72 -10.77 10.62 -14.73
N ALA A 73 -9.55 11.07 -14.48
CA ALA A 73 -9.18 11.58 -13.16
C ALA A 73 -9.89 12.86 -12.70
N LYS A 74 -10.28 13.73 -13.65
CA LYS A 74 -10.95 14.99 -13.30
C LYS A 74 -12.47 14.87 -13.46
N GLY A 75 -13.20 14.94 -12.36
CA GLY A 75 -14.64 14.81 -12.45
C GLY A 75 -15.50 15.42 -11.37
N ALA A 76 -16.80 15.22 -11.50
CA ALA A 76 -17.78 15.73 -10.56
C ALA A 76 -18.80 14.64 -10.30
N GLY A 77 -19.44 14.67 -9.14
CA GLY A 77 -20.42 13.66 -8.83
C GLY A 77 -21.69 14.19 -8.18
N ALA A 78 -22.72 13.38 -8.19
CA ALA A 78 -24.00 13.73 -7.60
C ALA A 78 -24.78 12.44 -7.39
N PHE A 79 -25.84 12.53 -6.60
CA PHE A 79 -26.68 11.39 -6.31
C PHE A 79 -28.14 11.67 -6.60
N GLY A 80 -28.93 10.62 -6.75
CA GLY A 80 -30.33 10.78 -7.04
C GLY A 80 -31.02 9.44 -7.13
N TYR A 81 -31.86 9.29 -8.14
CA TYR A 81 -32.59 8.04 -8.28
C TYR A 81 -32.95 7.72 -9.72
N PHE A 82 -33.25 6.45 -9.94
CA PHE A 82 -33.68 5.94 -11.23
C PHE A 82 -35.13 5.51 -11.04
N GLU A 83 -35.98 5.86 -11.98
CA GLU A 83 -37.38 5.48 -11.88
C GLU A 83 -37.85 4.83 -13.17
N VAL A 84 -38.47 3.66 -13.05
CA VAL A 84 -38.97 2.92 -14.19
C VAL A 84 -40.26 3.59 -14.68
N THR A 85 -40.33 3.89 -15.97
CA THR A 85 -41.53 4.51 -16.53
C THR A 85 -42.24 3.57 -17.50
N HIS A 86 -41.51 2.59 -18.03
CA HIS A 86 -42.10 1.64 -18.96
C HIS A 86 -41.73 0.21 -18.60
N ASP A 87 -42.51 -0.74 -19.11
CA ASP A 87 -42.31 -2.15 -18.82
C ASP A 87 -41.47 -2.86 -19.88
N ILE A 88 -40.24 -3.21 -19.53
CA ILE A 88 -39.36 -3.94 -20.47
C ILE A 88 -39.02 -5.29 -19.86
N THR A 89 -39.92 -5.81 -19.03
CA THR A 89 -39.70 -7.08 -18.36
C THR A 89 -39.69 -8.25 -19.34
N ARG A 90 -40.13 -8.02 -20.57
CA ARG A 90 -40.13 -9.08 -21.56
C ARG A 90 -38.70 -9.29 -22.05
N TYR A 91 -37.84 -8.30 -21.84
CA TYR A 91 -36.45 -8.37 -22.26
C TYR A 91 -35.51 -8.69 -21.09
N SER A 92 -35.72 -8.04 -19.96
CA SER A 92 -34.89 -8.24 -18.78
C SER A 92 -35.68 -8.52 -17.51
N LYS A 93 -35.19 -9.46 -16.70
CA LYS A 93 -35.82 -9.82 -15.44
C LYS A 93 -35.16 -9.07 -14.29
N ALA A 94 -34.18 -8.23 -14.60
CA ALA A 94 -33.46 -7.48 -13.56
C ALA A 94 -34.44 -6.76 -12.66
N LYS A 95 -34.26 -6.90 -11.35
CA LYS A 95 -35.17 -6.26 -10.39
C LYS A 95 -35.26 -4.75 -10.53
N VAL A 96 -34.19 -4.13 -11.02
CA VAL A 96 -34.18 -2.69 -11.19
C VAL A 96 -35.26 -2.22 -12.17
N PHE A 97 -35.73 -3.14 -13.01
CA PHE A 97 -36.77 -2.83 -13.99
C PHE A 97 -38.09 -3.49 -13.60
N GLU A 98 -38.08 -4.15 -12.46
CA GLU A 98 -39.23 -4.90 -11.93
C GLU A 98 -40.63 -4.36 -12.24
N HIS A 99 -40.89 -3.10 -11.94
CA HIS A 99 -42.22 -2.55 -12.20
C HIS A 99 -42.22 -1.05 -12.43
N ILE A 100 -43.22 -0.58 -13.16
CA ILE A 100 -43.34 0.85 -13.43
C ILE A 100 -43.48 1.60 -12.11
N GLY A 101 -42.76 2.70 -11.97
CA GLY A 101 -42.80 3.48 -10.76
C GLY A 101 -41.70 3.09 -9.78
N LYS A 102 -41.07 1.95 -10.04
CA LYS A 102 -39.97 1.43 -9.21
C LYS A 102 -38.80 2.42 -9.13
N ARG A 103 -38.43 2.78 -7.91
CA ARG A 103 -37.33 3.72 -7.67
C ARG A 103 -36.08 3.04 -7.12
N THR A 104 -34.93 3.37 -7.69
CA THR A 104 -33.66 2.81 -7.25
C THR A 104 -32.64 3.93 -7.08
N PRO A 105 -31.98 4.00 -5.92
CA PRO A 105 -30.98 5.05 -5.66
C PRO A 105 -29.81 4.91 -6.63
N ILE A 106 -29.26 6.04 -7.08
CA ILE A 106 -28.12 6.02 -7.98
C ILE A 106 -27.06 7.02 -7.58
N ALA A 107 -25.84 6.76 -8.05
CA ALA A 107 -24.70 7.63 -7.82
C ALA A 107 -24.13 7.82 -9.22
N VAL A 108 -23.72 9.05 -9.53
CA VAL A 108 -23.19 9.36 -10.84
C VAL A 108 -21.91 10.18 -10.77
N ARG A 109 -20.98 9.90 -11.68
CA ARG A 109 -19.76 10.67 -11.74
C ARG A 109 -19.52 11.02 -13.21
N PHE A 110 -19.30 12.30 -13.45
CA PHE A 110 -19.04 12.84 -14.77
C PHE A 110 -17.55 13.15 -14.80
N SER A 111 -16.95 13.14 -15.99
CA SER A 111 -15.53 13.40 -16.06
C SER A 111 -14.99 13.59 -17.47
N THR A 112 -13.76 14.09 -17.56
CA THR A 112 -13.08 14.23 -18.84
C THR A 112 -12.28 12.93 -18.90
N VAL A 113 -11.31 12.81 -19.80
CA VAL A 113 -10.57 11.56 -19.91
C VAL A 113 -9.06 11.58 -19.66
N ALA A 114 -8.35 12.40 -20.43
CA ALA A 114 -6.89 12.46 -20.33
C ALA A 114 -6.28 13.32 -19.24
N GLY A 115 -6.91 14.45 -18.92
CA GLY A 115 -6.37 15.34 -17.91
C GLY A 115 -6.27 14.81 -16.50
N GLU A 116 -5.28 15.31 -15.75
CA GLU A 116 -5.08 14.89 -14.37
C GLU A 116 -6.07 15.65 -13.46
N SER A 117 -6.02 15.37 -12.16
CA SER A 117 -6.92 16.00 -11.19
C SER A 117 -6.94 17.52 -11.18
N GLY A 118 -5.88 18.15 -11.66
CA GLY A 118 -5.87 19.61 -11.66
C GLY A 118 -6.20 20.24 -13.00
N SER A 119 -6.53 19.42 -13.99
CA SER A 119 -6.83 19.92 -15.33
C SER A 119 -8.17 20.65 -15.42
N ALA A 120 -8.43 21.28 -16.56
CA ALA A 120 -9.66 22.03 -16.79
C ALA A 120 -10.80 21.14 -17.30
N ASP A 121 -12.03 21.53 -16.94
CA ASP A 121 -13.23 20.80 -17.36
C ASP A 121 -13.62 21.04 -18.81
N THR A 122 -13.55 22.30 -19.24
CA THR A 122 -13.97 22.65 -20.60
C THR A 122 -12.94 22.45 -21.69
N VAL A 123 -12.53 21.21 -21.91
CA VAL A 123 -11.55 20.88 -22.95
C VAL A 123 -12.12 19.78 -23.84
N ARG A 124 -11.62 19.69 -25.07
CA ARG A 124 -12.10 18.66 -26.00
C ARG A 124 -11.66 17.32 -25.43
N ASP A 125 -12.61 16.41 -25.31
CA ASP A 125 -12.31 15.10 -24.72
C ASP A 125 -13.64 14.38 -24.59
N PRO A 126 -13.62 13.04 -24.51
CA PRO A 126 -14.93 12.40 -24.35
C PRO A 126 -15.31 12.73 -22.91
N ARG A 127 -16.53 12.41 -22.51
CA ARG A 127 -16.94 12.66 -21.14
C ARG A 127 -17.42 11.36 -20.52
N GLY A 128 -16.92 11.05 -19.33
CA GLY A 128 -17.36 9.85 -18.64
C GLY A 128 -18.70 10.16 -18.03
N PHE A 129 -19.57 9.16 -17.97
CA PHE A 129 -20.91 9.33 -17.40
C PHE A 129 -21.26 7.98 -16.78
N ALA A 130 -20.66 7.70 -15.63
CA ALA A 130 -20.87 6.44 -14.94
C ALA A 130 -22.04 6.51 -13.97
N VAL A 131 -22.90 5.49 -14.01
CA VAL A 131 -24.07 5.43 -13.14
C VAL A 131 -24.08 4.16 -12.30
N LYS A 132 -24.20 4.33 -10.99
CA LYS A 132 -24.24 3.20 -10.06
C LYS A 132 -25.65 3.05 -9.53
N PHE A 133 -26.28 1.92 -9.82
CA PHE A 133 -27.64 1.64 -9.36
C PHE A 133 -27.54 0.71 -8.15
N TYR A 134 -27.98 1.17 -6.99
CA TYR A 134 -27.93 0.33 -5.79
C TYR A 134 -29.20 -0.52 -5.75
N THR A 135 -29.17 -1.69 -6.40
CA THR A 135 -30.34 -2.56 -6.45
C THR A 135 -30.36 -3.65 -5.37
N GLU A 136 -31.51 -4.32 -5.25
CA GLU A 136 -31.67 -5.38 -4.27
C GLU A 136 -30.84 -6.60 -4.65
N ASP A 137 -30.49 -6.70 -5.93
CA ASP A 137 -29.66 -7.81 -6.41
C ASP A 137 -28.23 -7.32 -6.52
N GLY A 138 -27.87 -6.36 -5.68
CA GLY A 138 -26.53 -5.82 -5.70
C GLY A 138 -26.40 -4.59 -6.58
N ASN A 139 -25.19 -4.04 -6.65
CA ASN A 139 -24.98 -2.85 -7.47
C ASN A 139 -24.83 -3.17 -8.95
N TRP A 140 -25.46 -2.33 -9.77
CA TRP A 140 -25.36 -2.44 -11.22
C TRP A 140 -24.64 -1.16 -11.65
N ASP A 141 -23.43 -1.32 -12.17
CA ASP A 141 -22.68 -0.15 -12.63
C ASP A 141 -22.70 -0.06 -14.14
N LEU A 142 -23.38 0.99 -14.63
CA LEU A 142 -23.46 1.26 -16.06
C LEU A 142 -22.42 2.35 -16.25
N VAL A 143 -21.20 1.93 -16.58
CA VAL A 143 -20.08 2.85 -16.75
C VAL A 143 -20.04 3.38 -18.17
N GLY A 144 -20.86 4.39 -18.46
CA GLY A 144 -20.92 4.94 -19.80
C GLY A 144 -20.09 6.19 -20.08
N ASN A 145 -20.22 6.67 -21.32
CA ASN A 145 -19.55 7.85 -21.82
C ASN A 145 -20.60 8.72 -22.53
N ASN A 146 -20.19 9.90 -23.01
CA ASN A 146 -21.12 10.78 -23.70
C ASN A 146 -21.12 10.49 -25.21
N THR A 147 -20.66 9.30 -25.56
CA THR A 147 -20.60 8.86 -26.96
C THR A 147 -20.99 7.38 -27.01
N PRO A 148 -21.69 6.96 -28.08
CA PRO A 148 -22.11 5.57 -28.23
C PRO A 148 -21.01 4.63 -28.71
N ILE A 149 -19.89 5.21 -29.14
CA ILE A 149 -18.77 4.44 -29.67
C ILE A 149 -17.44 4.81 -29.00
N PHE A 150 -16.36 4.20 -29.47
CA PHE A 150 -15.03 4.47 -28.94
C PHE A 150 -13.97 4.38 -30.05
N PHE A 151 -12.76 4.81 -29.73
CA PHE A 151 -11.64 4.84 -30.67
C PHE A 151 -11.09 3.49 -31.12
N ILE A 152 -11.22 2.47 -30.27
CA ILE A 152 -10.68 1.15 -30.60
C ILE A 152 -11.67 0.04 -30.33
N ARG A 153 -11.36 -1.17 -30.81
CA ARG A 153 -12.25 -2.31 -30.65
C ARG A 153 -11.64 -3.55 -29.99
N ASP A 154 -10.43 -3.39 -29.44
CA ASP A 154 -9.77 -4.49 -28.74
C ASP A 154 -9.02 -3.88 -27.55
N ALA A 155 -9.27 -4.42 -26.37
CA ALA A 155 -8.66 -3.93 -25.13
C ALA A 155 -7.13 -3.89 -25.10
N LEU A 156 -6.46 -4.72 -25.89
CA LEU A 156 -5.01 -4.72 -25.89
C LEU A 156 -4.42 -3.39 -26.35
N LEU A 157 -5.23 -2.59 -27.04
CA LEU A 157 -4.76 -1.29 -27.52
C LEU A 157 -5.12 -0.15 -26.59
N PHE A 158 -5.90 -0.44 -25.55
CA PHE A 158 -6.33 0.61 -24.63
C PHE A 158 -5.20 1.31 -23.87
N PRO A 159 -4.28 0.55 -23.25
CA PRO A 159 -3.20 1.23 -22.53
C PRO A 159 -2.40 2.12 -23.47
N SER A 160 -2.11 1.62 -24.66
CA SER A 160 -1.35 2.39 -25.64
C SER A 160 -2.12 3.63 -26.06
N PHE A 161 -3.42 3.49 -26.31
CA PHE A 161 -4.22 4.65 -26.69
C PHE A 161 -4.18 5.72 -25.61
N ILE A 162 -4.39 5.31 -24.36
CA ILE A 162 -4.38 6.27 -23.26
C ILE A 162 -3.01 6.92 -23.14
N HIS A 163 -1.96 6.13 -23.30
CA HIS A 163 -0.59 6.63 -23.24
C HIS A 163 -0.41 7.72 -24.29
N SER A 164 -0.85 7.45 -25.50
CA SER A 164 -0.71 8.41 -26.60
C SER A 164 -1.50 9.69 -26.37
N GLN A 165 -2.56 9.60 -25.58
CA GLN A 165 -3.41 10.76 -25.29
C GLN A 165 -2.92 11.56 -24.09
N LYS A 166 -1.92 11.04 -23.39
CA LYS A 166 -1.40 11.71 -22.22
C LYS A 166 -0.03 12.36 -22.44
N ARG A 167 0.82 12.35 -21.41
CA ARG A 167 2.12 13.00 -21.53
C ARG A 167 3.27 12.18 -22.07
N ASN A 168 4.16 12.86 -22.80
CA ASN A 168 5.36 12.25 -23.37
C ASN A 168 6.12 11.73 -22.15
N PRO A 169 6.62 10.48 -22.20
CA PRO A 169 7.36 9.89 -21.08
C PRO A 169 8.63 10.62 -20.62
N GLN A 170 9.22 11.41 -21.51
CA GLN A 170 10.44 12.13 -21.15
C GLN A 170 10.20 13.60 -20.79
N THR A 171 9.46 14.32 -21.63
CA THR A 171 9.20 15.74 -21.42
C THR A 171 8.00 16.04 -20.52
N HIS A 172 7.09 15.07 -20.39
CA HIS A 172 5.89 15.22 -19.57
C HIS A 172 4.93 16.24 -20.20
N LEU A 173 5.04 16.42 -21.52
CA LEU A 173 4.19 17.36 -22.25
C LEU A 173 3.19 16.64 -23.15
N LYS A 174 2.08 17.30 -23.47
CA LYS A 174 1.12 16.71 -24.39
C LYS A 174 1.94 16.56 -25.67
N ASP A 175 1.71 15.51 -26.44
CA ASP A 175 2.50 15.30 -27.64
C ASP A 175 1.67 14.98 -28.87
N PRO A 176 1.46 15.97 -29.76
CA PRO A 176 0.66 15.76 -30.98
C PRO A 176 1.14 14.58 -31.82
N ASP A 177 2.46 14.34 -31.86
CA ASP A 177 3.01 13.23 -32.61
C ASP A 177 2.47 11.90 -32.06
N MET A 178 2.41 11.81 -30.73
CA MET A 178 1.91 10.60 -30.10
C MET A 178 0.42 10.43 -30.40
N VAL A 179 -0.33 11.49 -30.21
CA VAL A 179 -1.77 11.46 -30.46
C VAL A 179 -2.10 11.01 -31.88
N TRP A 180 -1.52 11.69 -32.87
CA TRP A 180 -1.81 11.38 -34.25
C TRP A 180 -1.07 10.22 -34.89
N ASP A 181 0.07 9.83 -34.35
CA ASP A 181 0.77 8.69 -34.91
C ASP A 181 -0.09 7.47 -34.59
N PHE A 182 -0.61 7.42 -33.36
CA PHE A 182 -1.46 6.30 -32.95
C PHE A 182 -2.75 6.27 -33.78
N TRP A 183 -3.46 7.40 -33.82
CA TRP A 183 -4.70 7.44 -34.59
C TRP A 183 -4.53 7.15 -36.08
N SER A 184 -3.47 7.69 -36.69
CA SER A 184 -3.26 7.47 -38.12
C SER A 184 -2.89 6.01 -38.42
N LEU A 185 -2.33 5.33 -37.43
CA LEU A 185 -1.95 3.92 -37.59
C LEU A 185 -3.12 2.99 -37.30
N ARG A 186 -4.10 3.48 -36.54
CA ARG A 186 -5.28 2.70 -36.17
C ARG A 186 -6.54 3.41 -36.67
N PRO A 187 -6.84 3.30 -37.97
CA PRO A 187 -8.00 3.92 -38.62
C PRO A 187 -9.37 3.59 -38.01
N GLU A 188 -9.44 2.54 -37.19
CA GLU A 188 -10.72 2.20 -36.58
C GLU A 188 -11.21 3.36 -35.71
N SER A 189 -10.27 4.24 -35.34
CA SER A 189 -10.57 5.40 -34.51
C SER A 189 -11.29 6.54 -35.22
N LEU A 190 -11.39 6.46 -36.54
CA LEU A 190 -12.03 7.51 -37.33
C LEU A 190 -13.44 7.90 -36.88
N HIS A 191 -14.25 6.90 -36.52
CA HIS A 191 -15.61 7.20 -36.12
C HIS A 191 -15.67 8.08 -34.87
N GLN A 192 -15.00 7.67 -33.79
CA GLN A 192 -15.02 8.44 -32.55
C GLN A 192 -14.21 9.74 -32.68
N VAL A 193 -13.17 9.73 -33.50
CA VAL A 193 -12.38 10.95 -33.70
C VAL A 193 -13.28 12.01 -34.36
N SER A 194 -14.09 11.57 -35.32
CA SER A 194 -14.99 12.47 -36.02
C SER A 194 -16.00 13.06 -35.04
N PHE A 195 -16.45 12.24 -34.11
CA PHE A 195 -17.40 12.68 -33.10
C PHE A 195 -16.72 13.65 -32.15
N LEU A 196 -15.52 13.29 -31.69
CA LEU A 196 -14.74 14.08 -30.75
C LEU A 196 -14.40 15.49 -31.25
N PHE A 197 -14.05 15.61 -32.53
CA PHE A 197 -13.71 16.92 -33.07
C PHE A 197 -14.91 17.69 -33.61
N SER A 198 -16.11 17.19 -33.37
CA SER A 198 -17.32 17.88 -33.80
C SER A 198 -17.73 18.72 -32.60
N ASP A 199 -18.85 19.46 -32.70
CA ASP A 199 -19.29 20.30 -31.59
C ASP A 199 -19.43 19.54 -30.27
N ARG A 200 -19.83 18.27 -30.38
CA ARG A 200 -20.03 17.40 -29.21
C ARG A 200 -18.77 17.16 -28.40
N GLY A 201 -17.62 17.51 -28.97
CA GLY A 201 -16.36 17.32 -28.28
C GLY A 201 -16.19 18.15 -27.02
N ILE A 202 -17.01 19.19 -26.86
CA ILE A 202 -16.93 20.03 -25.67
C ILE A 202 -18.31 20.44 -25.19
N PRO A 203 -19.00 19.56 -24.45
CA PRO A 203 -20.33 19.89 -23.94
C PRO A 203 -20.33 21.03 -22.93
N ASP A 204 -21.45 21.72 -22.81
CA ASP A 204 -21.58 22.83 -21.87
C ASP A 204 -21.90 22.24 -20.50
N GLY A 205 -20.86 21.83 -19.78
CA GLY A 205 -21.11 21.23 -18.48
C GLY A 205 -21.58 19.80 -18.67
N HIS A 206 -21.95 19.13 -17.58
CA HIS A 206 -22.37 17.73 -17.66
C HIS A 206 -23.87 17.51 -17.86
N ARG A 207 -24.67 18.55 -17.68
CA ARG A 207 -26.11 18.43 -17.80
C ARG A 207 -26.64 18.50 -19.24
N HIS A 208 -25.82 18.97 -20.17
CA HIS A 208 -26.26 19.11 -21.56
C HIS A 208 -25.63 18.12 -22.53
N MET A 209 -25.52 16.87 -22.11
CA MET A 209 -24.96 15.81 -22.95
C MET A 209 -25.68 14.50 -22.68
N ASN A 210 -25.62 13.59 -23.64
CA ASN A 210 -26.26 12.29 -23.48
C ASN A 210 -25.30 11.31 -22.84
N GLY A 211 -25.85 10.18 -22.41
CA GLY A 211 -25.07 9.11 -21.82
C GLY A 211 -25.30 7.88 -22.68
N TYR A 212 -24.32 6.99 -22.70
CA TYR A 212 -24.41 5.78 -23.50
C TYR A 212 -23.63 4.67 -22.82
N GLY A 213 -24.15 3.45 -22.89
CA GLY A 213 -23.44 2.32 -22.32
C GLY A 213 -22.36 2.00 -23.33
N SER A 214 -22.57 2.46 -24.57
CA SER A 214 -21.66 2.26 -25.69
C SER A 214 -21.66 0.80 -26.16
N HIS A 215 -21.19 -0.10 -25.30
CA HIS A 215 -21.12 -1.53 -25.63
C HIS A 215 -22.48 -2.16 -25.84
N THR A 216 -22.47 -3.28 -26.55
CA THR A 216 -23.68 -4.05 -26.73
C THR A 216 -23.67 -4.90 -25.47
N PHE A 217 -24.81 -4.99 -24.79
CA PHE A 217 -24.91 -5.83 -23.60
C PHE A 217 -25.94 -6.89 -23.90
N LYS A 218 -26.22 -7.73 -22.91
CA LYS A 218 -27.21 -8.78 -23.09
C LYS A 218 -28.26 -8.73 -21.98
N LEU A 219 -29.52 -8.81 -22.36
CA LEU A 219 -30.63 -8.81 -21.40
C LEU A 219 -31.24 -10.21 -21.40
N VAL A 220 -31.65 -10.68 -20.22
CA VAL A 220 -32.23 -12.01 -20.09
C VAL A 220 -33.54 -11.92 -19.30
N ASN A 221 -34.63 -12.46 -19.84
CA ASN A 221 -35.91 -12.41 -19.14
C ASN A 221 -36.14 -13.60 -18.23
N ALA A 222 -37.30 -13.64 -17.57
CA ALA A 222 -37.64 -14.70 -16.64
C ALA A 222 -37.75 -16.08 -17.29
N ASN A 223 -37.99 -16.11 -18.59
CA ASN A 223 -38.11 -17.38 -19.30
C ASN A 223 -36.77 -17.89 -19.79
N GLY A 224 -35.71 -17.12 -19.53
CA GLY A 224 -34.38 -17.53 -19.96
C GLY A 224 -34.07 -17.15 -21.40
N GLU A 225 -34.89 -16.28 -21.97
CA GLU A 225 -34.67 -15.84 -23.34
C GLU A 225 -33.77 -14.61 -23.29
N ALA A 226 -32.86 -14.49 -24.24
CA ALA A 226 -31.95 -13.36 -24.27
C ALA A 226 -31.96 -12.57 -25.56
N VAL A 227 -31.66 -11.29 -25.44
CA VAL A 227 -31.58 -10.39 -26.58
C VAL A 227 -30.38 -9.50 -26.29
N TYR A 228 -29.80 -8.91 -27.33
CA TYR A 228 -28.69 -8.00 -27.14
C TYR A 228 -29.27 -6.61 -27.08
N CYS A 229 -28.61 -5.70 -26.36
CA CYS A 229 -29.12 -4.36 -26.24
C CYS A 229 -28.04 -3.29 -26.18
N LYS A 230 -28.48 -2.04 -26.26
CA LYS A 230 -27.65 -0.85 -26.18
C LYS A 230 -28.39 0.05 -25.19
N PHE A 231 -27.65 0.73 -24.32
CA PHE A 231 -28.27 1.64 -23.35
C PHE A 231 -28.01 3.06 -23.79
N HIS A 232 -29.06 3.88 -23.76
CA HIS A 232 -28.96 5.29 -24.14
C HIS A 232 -29.72 6.11 -23.09
N TYR A 233 -29.06 7.10 -22.49
CA TYR A 233 -29.76 7.98 -21.55
C TYR A 233 -29.54 9.41 -22.03
N LYS A 234 -30.57 9.94 -22.69
CA LYS A 234 -30.55 11.27 -23.27
C LYS A 234 -30.90 12.38 -22.28
N THR A 235 -30.15 13.48 -22.38
CA THR A 235 -30.37 14.62 -21.50
C THR A 235 -31.72 15.28 -21.72
N ASP A 236 -32.44 15.53 -20.62
CA ASP A 236 -33.74 16.17 -20.71
C ASP A 236 -33.53 17.69 -20.71
N GLN A 237 -32.27 18.11 -20.56
CA GLN A 237 -31.93 19.53 -20.56
C GLN A 237 -31.57 19.98 -21.96
N GLY A 238 -31.41 19.02 -22.86
CA GLY A 238 -31.07 19.33 -24.24
C GLY A 238 -29.58 19.41 -24.49
N ILE A 239 -29.15 19.01 -25.68
CA ILE A 239 -27.76 19.03 -26.06
C ILE A 239 -27.31 20.49 -26.17
N LYS A 240 -26.18 20.80 -25.55
CA LYS A 240 -25.66 22.16 -25.58
C LYS A 240 -24.14 22.06 -25.47
N ASN A 241 -23.43 22.69 -26.42
CA ASN A 241 -21.98 22.64 -26.44
C ASN A 241 -21.35 24.01 -26.28
N LEU A 242 -20.05 24.03 -25.97
CA LEU A 242 -19.30 25.26 -25.81
C LEU A 242 -18.44 25.48 -27.06
N SER A 243 -18.38 26.71 -27.54
CA SER A 243 -17.56 27.01 -28.70
C SER A 243 -16.11 26.86 -28.27
N VAL A 244 -15.22 26.65 -29.22
CA VAL A 244 -13.80 26.51 -28.91
C VAL A 244 -13.32 27.74 -28.14
N GLU A 245 -13.81 28.92 -28.51
CA GLU A 245 -13.41 30.15 -27.84
C GLU A 245 -13.86 30.20 -26.39
N ASP A 246 -15.15 29.98 -26.16
CA ASP A 246 -15.69 30.00 -24.80
C ASP A 246 -15.04 28.94 -23.91
N ALA A 247 -14.77 27.76 -24.49
CA ALA A 247 -14.16 26.67 -23.74
C ALA A 247 -12.74 27.03 -23.33
N ALA A 248 -12.01 27.68 -24.23
CA ALA A 248 -10.64 28.08 -23.95
C ALA A 248 -10.61 29.15 -22.85
N ARG A 249 -11.59 30.04 -22.89
CA ARG A 249 -11.68 31.10 -21.89
C ARG A 249 -12.00 30.50 -20.53
N LEU A 250 -13.00 29.63 -20.49
CA LEU A 250 -13.41 29.00 -19.25
C LEU A 250 -12.30 28.12 -18.69
N ALA A 251 -11.45 27.60 -19.56
CA ALA A 251 -10.35 26.75 -19.14
C ALA A 251 -9.47 27.45 -18.11
N HIS A 252 -9.28 28.75 -18.24
CA HIS A 252 -8.45 29.48 -17.28
C HIS A 252 -9.27 30.31 -16.30
N GLU A 253 -10.46 30.76 -16.72
CA GLU A 253 -11.31 31.55 -15.83
C GLU A 253 -11.95 30.65 -14.78
N ASP A 254 -12.32 29.43 -15.18
CA ASP A 254 -12.92 28.48 -14.25
C ASP A 254 -12.64 27.04 -14.68
N PRO A 255 -11.48 26.50 -14.27
CA PRO A 255 -11.10 25.13 -14.62
C PRO A 255 -12.12 24.12 -14.10
N ASP A 256 -12.96 24.55 -13.16
CA ASP A 256 -13.96 23.66 -12.55
C ASP A 256 -15.39 24.03 -12.92
N TYR A 257 -15.56 24.56 -14.12
CA TYR A 257 -16.86 24.97 -14.64
C TYR A 257 -17.90 23.87 -14.53
N GLY A 258 -17.54 22.64 -14.89
CA GLY A 258 -18.47 21.53 -14.81
C GLY A 258 -18.86 21.19 -13.39
N LEU A 259 -17.90 21.24 -12.48
CA LEU A 259 -18.15 20.96 -11.07
C LEU A 259 -19.11 21.98 -10.48
N ARG A 260 -18.81 23.25 -10.70
CA ARG A 260 -19.62 24.35 -10.19
C ARG A 260 -21.04 24.33 -10.75
N ASP A 261 -21.14 24.18 -12.07
CA ASP A 261 -22.44 24.14 -12.73
C ASP A 261 -23.36 23.06 -12.17
N LEU A 262 -22.84 21.85 -11.99
CA LEU A 262 -23.66 20.76 -11.47
C LEU A 262 -24.09 21.01 -10.02
N PHE A 263 -23.15 21.39 -9.17
CA PHE A 263 -23.48 21.64 -7.77
C PHE A 263 -24.53 22.74 -7.61
N ASN A 264 -24.39 23.81 -8.38
CA ASN A 264 -25.36 24.90 -8.29
C ASN A 264 -26.71 24.52 -8.84
N ALA A 265 -26.73 23.75 -9.92
CA ALA A 265 -28.00 23.32 -10.51
C ALA A 265 -28.79 22.56 -9.45
N ILE A 266 -28.13 21.60 -8.80
CA ILE A 266 -28.78 20.80 -7.76
C ILE A 266 -29.10 21.63 -6.52
N ALA A 267 -28.16 22.49 -6.12
CA ALA A 267 -28.35 23.33 -4.94
C ALA A 267 -29.57 24.24 -5.06
N THR A 268 -29.88 24.66 -6.27
CA THR A 268 -31.01 25.56 -6.50
C THR A 268 -32.29 24.84 -6.91
N GLY A 269 -32.27 23.51 -6.88
CA GLY A 269 -33.46 22.75 -7.24
C GLY A 269 -33.66 22.47 -8.72
N ASN A 270 -32.73 22.93 -9.55
CA ASN A 270 -32.82 22.68 -10.98
C ASN A 270 -32.18 21.32 -11.27
N TYR A 271 -32.79 20.26 -10.73
CA TYR A 271 -32.29 18.90 -10.89
C TYR A 271 -32.22 18.40 -12.33
N PRO A 272 -31.03 17.99 -12.77
CA PRO A 272 -30.91 17.51 -14.15
C PRO A 272 -31.42 16.08 -14.24
N SER A 273 -31.99 15.71 -15.38
CA SER A 273 -32.49 14.37 -15.56
C SER A 273 -32.19 13.86 -16.96
N TRP A 274 -32.25 12.54 -17.11
CA TRP A 274 -31.99 11.88 -18.38
C TRP A 274 -33.05 10.81 -18.58
N THR A 275 -33.41 10.56 -19.83
CA THR A 275 -34.41 9.54 -20.14
C THR A 275 -33.64 8.33 -20.65
N LEU A 276 -33.80 7.20 -19.94
CA LEU A 276 -33.12 5.98 -20.32
C LEU A 276 -33.88 5.16 -21.35
N TYR A 277 -33.20 4.76 -22.42
CA TYR A 277 -33.78 3.94 -23.47
C TYR A 277 -32.85 2.78 -23.72
N ILE A 278 -33.32 1.81 -24.50
CA ILE A 278 -32.52 0.67 -24.90
C ILE A 278 -32.87 0.38 -26.35
N GLN A 279 -31.93 -0.21 -27.06
CA GLN A 279 -32.12 -0.64 -28.43
C GLN A 279 -32.03 -2.14 -28.26
N VAL A 280 -32.86 -2.89 -28.97
CA VAL A 280 -32.83 -4.34 -28.85
C VAL A 280 -32.54 -5.03 -30.18
N MET A 281 -31.64 -6.00 -30.14
CA MET A 281 -31.27 -6.77 -31.31
C MET A 281 -31.32 -8.24 -30.92
N THR A 282 -32.12 -9.03 -31.64
CA THR A 282 -32.23 -10.45 -31.34
C THR A 282 -30.95 -11.13 -31.80
N PHE A 283 -30.74 -12.37 -31.35
CA PHE A 283 -29.57 -13.13 -31.75
C PHE A 283 -29.59 -13.41 -33.26
N SER A 284 -30.79 -13.50 -33.83
CA SER A 284 -30.94 -13.74 -35.26
C SER A 284 -30.43 -12.53 -36.04
N GLU A 285 -30.87 -11.35 -35.60
CA GLU A 285 -30.47 -10.10 -36.25
C GLU A 285 -28.97 -9.87 -36.11
N ALA A 286 -28.42 -10.23 -34.95
CA ALA A 286 -27.00 -10.06 -34.70
C ALA A 286 -26.18 -10.88 -35.68
N GLU A 287 -26.76 -12.00 -36.11
CA GLU A 287 -26.10 -12.89 -37.06
C GLU A 287 -26.03 -12.28 -38.45
N ILE A 288 -27.01 -11.44 -38.80
CA ILE A 288 -27.04 -10.83 -40.11
C ILE A 288 -26.73 -9.33 -40.13
N PHE A 289 -26.35 -8.77 -38.99
CA PHE A 289 -26.00 -7.36 -38.92
C PHE A 289 -24.82 -7.16 -39.87
N PRO A 290 -24.86 -6.11 -40.71
CA PRO A 290 -23.81 -5.79 -41.69
C PRO A 290 -22.39 -5.67 -41.13
N PHE A 291 -22.28 -5.44 -39.83
CA PHE A 291 -20.99 -5.30 -39.17
C PHE A 291 -20.98 -6.21 -37.96
N ASN A 292 -19.87 -6.23 -37.23
CA ASN A 292 -19.80 -7.02 -36.01
C ASN A 292 -20.65 -6.24 -35.03
N PRO A 293 -21.77 -6.81 -34.58
CA PRO A 293 -22.64 -6.08 -33.64
C PRO A 293 -21.96 -5.80 -32.29
N PHE A 294 -20.83 -6.46 -32.06
CA PHE A 294 -20.08 -6.29 -30.82
C PHE A 294 -18.82 -5.42 -31.02
N ASP A 295 -18.79 -4.73 -32.16
CA ASP A 295 -17.68 -3.84 -32.52
C ASP A 295 -17.96 -2.47 -31.92
N LEU A 296 -17.19 -2.09 -30.89
CA LEU A 296 -17.41 -0.81 -30.21
C LEU A 296 -17.29 0.44 -31.09
N THR A 297 -16.77 0.30 -32.31
CA THR A 297 -16.64 1.44 -33.20
C THR A 297 -17.86 1.60 -34.11
N LYS A 298 -18.90 0.81 -33.85
CA LYS A 298 -20.11 0.85 -34.66
C LYS A 298 -21.34 1.16 -33.81
N VAL A 299 -22.33 1.82 -34.42
CA VAL A 299 -23.58 2.10 -33.72
C VAL A 299 -24.64 1.23 -34.37
N TRP A 300 -25.80 1.12 -33.74
CA TRP A 300 -26.90 0.36 -34.32
C TRP A 300 -27.84 1.45 -34.83
N PRO A 301 -28.05 1.52 -36.15
CA PRO A 301 -28.93 2.55 -36.72
C PRO A 301 -30.31 2.54 -36.05
N HIS A 302 -30.76 3.73 -35.62
CA HIS A 302 -32.06 3.85 -34.97
C HIS A 302 -33.21 3.44 -35.89
N GLY A 303 -33.05 3.68 -37.18
CA GLY A 303 -34.10 3.32 -38.12
C GLY A 303 -34.39 1.83 -38.08
N ASP A 304 -33.35 1.03 -37.91
CA ASP A 304 -33.49 -0.42 -37.85
C ASP A 304 -33.75 -0.91 -36.43
N TYR A 305 -33.20 -0.20 -35.45
CA TYR A 305 -33.37 -0.57 -34.04
C TYR A 305 -33.81 0.65 -33.24
N PRO A 306 -35.12 0.93 -33.25
CA PRO A 306 -35.70 2.06 -32.53
C PRO A 306 -35.39 2.09 -31.04
N LEU A 307 -35.35 3.28 -30.47
CA LEU A 307 -35.10 3.45 -29.05
C LEU A 307 -36.39 3.14 -28.29
N ILE A 308 -36.27 2.31 -27.27
CA ILE A 308 -37.40 1.91 -26.44
C ILE A 308 -37.24 2.55 -25.07
N PRO A 309 -38.20 3.37 -24.64
CA PRO A 309 -38.13 4.03 -23.34
C PRO A 309 -38.16 3.03 -22.18
N VAL A 310 -37.42 3.32 -21.12
CA VAL A 310 -37.36 2.45 -19.95
C VAL A 310 -37.62 3.19 -18.64
N GLY A 311 -36.98 4.35 -18.48
CA GLY A 311 -37.17 5.10 -17.25
C GLY A 311 -36.47 6.43 -17.24
N LYS A 312 -36.29 6.99 -16.04
CA LYS A 312 -35.63 8.29 -15.89
C LYS A 312 -34.56 8.33 -14.81
N LEU A 313 -33.49 9.07 -15.08
CA LEU A 313 -32.40 9.23 -14.13
C LEU A 313 -32.46 10.68 -13.65
N VAL A 314 -32.50 10.87 -12.34
CA VAL A 314 -32.57 12.22 -11.76
C VAL A 314 -31.51 12.42 -10.68
N LEU A 315 -30.79 13.53 -10.76
CA LEU A 315 -29.78 13.85 -9.75
C LEU A 315 -30.34 14.99 -8.91
N ASN A 316 -30.63 14.69 -7.64
CA ASN A 316 -31.20 15.70 -6.76
C ASN A 316 -30.45 15.87 -5.44
N ARG A 317 -29.23 15.33 -5.35
CA ARG A 317 -28.45 15.46 -4.12
C ARG A 317 -26.97 15.64 -4.38
N ASN A 318 -26.41 16.72 -3.87
CA ASN A 318 -24.99 17.01 -4.02
C ASN A 318 -24.22 16.20 -2.99
N PRO A 319 -22.94 15.92 -3.25
CA PRO A 319 -22.19 15.16 -2.25
C PRO A 319 -21.92 16.11 -1.08
N VAL A 320 -21.73 15.56 0.11
CA VAL A 320 -21.46 16.37 1.28
C VAL A 320 -19.95 16.51 1.45
N ASN A 321 -19.24 15.42 1.19
CA ASN A 321 -17.79 15.46 1.24
C ASN A 321 -17.31 14.84 -0.07
N TYR A 322 -16.70 15.67 -0.91
CA TYR A 322 -16.21 15.26 -2.21
C TYR A 322 -15.28 14.04 -2.23
N PHE A 323 -14.23 14.08 -1.41
CA PHE A 323 -13.28 12.97 -1.38
C PHE A 323 -13.95 11.65 -1.03
N ALA A 324 -14.77 11.65 0.02
CA ALA A 324 -15.43 10.43 0.48
C ALA A 324 -16.47 9.85 -0.48
N GLU A 325 -17.32 10.71 -1.03
CA GLU A 325 -18.40 10.28 -1.92
C GLU A 325 -18.12 10.34 -3.41
N VAL A 326 -17.13 11.10 -3.83
CA VAL A 326 -16.84 11.20 -5.25
C VAL A 326 -15.47 10.66 -5.66
N GLU A 327 -14.40 11.16 -5.04
CA GLU A 327 -13.07 10.70 -5.40
C GLU A 327 -12.90 9.20 -5.16
N GLN A 328 -13.52 8.69 -4.09
CA GLN A 328 -13.44 7.26 -3.76
C GLN A 328 -14.48 6.40 -4.47
N LEU A 329 -15.35 7.04 -5.25
CA LEU A 329 -16.40 6.33 -5.96
C LEU A 329 -15.76 5.33 -6.95
N ALA A 330 -16.25 4.09 -6.92
CA ALA A 330 -15.72 3.04 -7.79
C ALA A 330 -16.82 2.34 -8.59
N PHE A 331 -16.74 2.41 -9.91
CA PHE A 331 -17.72 1.76 -10.78
C PHE A 331 -17.07 0.56 -11.48
N ASP A 332 -17.69 -0.61 -11.40
CA ASP A 332 -17.17 -1.81 -12.05
C ASP A 332 -18.17 -2.34 -13.08
N PRO A 333 -17.82 -2.29 -14.37
CA PRO A 333 -18.75 -2.79 -15.39
C PRO A 333 -19.18 -4.22 -15.08
N SER A 334 -18.33 -4.96 -14.37
CA SER A 334 -18.62 -6.35 -14.01
C SER A 334 -19.72 -6.45 -12.97
N ASN A 335 -20.09 -5.31 -12.38
CA ASN A 335 -21.18 -5.26 -11.41
C ASN A 335 -22.47 -5.27 -12.22
N MET A 336 -23.02 -6.45 -12.44
CA MET A 336 -24.26 -6.61 -13.19
C MET A 336 -25.14 -7.60 -12.43
N PRO A 337 -26.40 -7.24 -12.18
CA PRO A 337 -27.33 -8.12 -11.46
C PRO A 337 -27.95 -9.11 -12.44
N PRO A 338 -28.62 -10.16 -11.92
CA PRO A 338 -29.25 -11.12 -12.83
C PRO A 338 -30.19 -10.39 -13.78
N GLY A 339 -30.16 -10.74 -15.06
CA GLY A 339 -31.02 -10.09 -16.03
C GLY A 339 -30.24 -9.17 -16.95
N ILE A 340 -28.99 -8.90 -16.58
CA ILE A 340 -28.10 -8.05 -17.35
C ILE A 340 -26.75 -8.76 -17.43
N GLU A 341 -26.25 -8.96 -18.66
CA GLU A 341 -24.98 -9.65 -18.86
C GLU A 341 -24.14 -9.01 -19.95
N PRO A 342 -22.84 -9.34 -19.98
CA PRO A 342 -21.96 -8.77 -21.00
C PRO A 342 -22.13 -9.46 -22.34
N SER A 343 -21.71 -8.80 -23.42
CA SER A 343 -21.77 -9.39 -24.75
C SER A 343 -20.33 -9.79 -25.05
N PRO A 344 -20.07 -10.39 -26.22
CA PRO A 344 -18.70 -10.78 -26.56
C PRO A 344 -17.76 -9.63 -26.93
N ASP A 345 -18.25 -8.39 -26.86
CA ASP A 345 -17.44 -7.20 -27.21
C ASP A 345 -16.07 -7.33 -26.54
N LYS A 346 -15.02 -7.45 -27.34
CA LYS A 346 -13.67 -7.61 -26.81
C LYS A 346 -13.31 -6.49 -25.85
N MET A 347 -13.79 -5.29 -26.12
CA MET A 347 -13.51 -4.14 -25.25
C MET A 347 -14.20 -4.33 -23.91
N LEU A 348 -15.49 -4.67 -23.94
CA LEU A 348 -16.25 -4.89 -22.71
C LEU A 348 -15.63 -6.02 -21.90
N GLN A 349 -15.30 -7.12 -22.57
CA GLN A 349 -14.69 -8.27 -21.90
C GLN A 349 -13.47 -7.82 -21.10
N GLY A 350 -12.64 -6.98 -21.71
CA GLY A 350 -11.46 -6.49 -21.03
C GLY A 350 -11.76 -5.62 -19.83
N ARG A 351 -12.81 -4.81 -19.93
CA ARG A 351 -13.21 -3.92 -18.85
C ARG A 351 -13.73 -4.72 -17.64
N LEU A 352 -14.24 -5.92 -17.91
CA LEU A 352 -14.75 -6.77 -16.83
C LEU A 352 -13.66 -7.01 -15.81
N PHE A 353 -12.41 -7.03 -16.28
CA PHE A 353 -11.25 -7.25 -15.43
C PHE A 353 -10.61 -5.97 -14.87
N ALA A 354 -10.36 -5.02 -15.77
CA ALA A 354 -9.69 -3.76 -15.43
C ALA A 354 -10.18 -2.90 -14.27
N TYR A 355 -11.48 -2.68 -14.17
CA TYR A 355 -11.99 -1.81 -13.12
C TYR A 355 -11.81 -2.34 -11.69
N PRO A 356 -12.31 -3.56 -11.41
CA PRO A 356 -12.11 -4.02 -10.02
C PRO A 356 -10.61 -4.09 -9.73
N ASP A 357 -9.84 -4.45 -10.75
CA ASP A 357 -8.39 -4.57 -10.60
C ASP A 357 -7.76 -3.23 -10.20
N THR A 358 -8.05 -2.18 -10.95
CA THR A 358 -7.48 -0.87 -10.62
C THR A 358 -8.04 -0.33 -9.29
N HIS A 359 -9.27 -0.70 -8.96
CA HIS A 359 -9.88 -0.24 -7.71
C HIS A 359 -9.18 -0.84 -6.49
N ARG A 360 -8.74 -2.09 -6.60
CA ARG A 360 -8.04 -2.73 -5.50
C ARG A 360 -6.71 -2.00 -5.26
N HIS A 361 -6.18 -1.39 -6.31
CA HIS A 361 -4.92 -0.63 -6.23
C HIS A 361 -5.16 0.81 -5.77
N ARG A 362 -6.02 1.53 -6.49
CA ARG A 362 -6.32 2.93 -6.20
C ARG A 362 -6.94 3.18 -4.83
N LEU A 363 -7.94 2.37 -4.48
CA LEU A 363 -8.65 2.52 -3.21
C LEU A 363 -8.15 1.53 -2.18
N GLY A 364 -8.24 0.24 -2.49
CA GLY A 364 -7.78 -0.77 -1.57
C GLY A 364 -8.50 -2.08 -1.76
N PRO A 365 -7.92 -3.20 -1.30
CA PRO A 365 -8.56 -4.52 -1.44
C PRO A 365 -10.03 -4.51 -1.04
N ASN A 366 -10.34 -3.78 0.03
CA ASN A 366 -11.71 -3.71 0.53
C ASN A 366 -12.48 -2.46 0.13
N TYR A 367 -12.26 -2.00 -1.10
CA TYR A 367 -12.92 -0.79 -1.59
C TYR A 367 -14.45 -0.88 -1.67
N LEU A 368 -14.99 -2.10 -1.74
CA LEU A 368 -16.44 -2.25 -1.80
C LEU A 368 -17.07 -2.04 -0.43
N GLN A 369 -16.24 -1.81 0.58
CA GLN A 369 -16.71 -1.56 1.93
C GLN A 369 -16.77 -0.06 2.20
N ILE A 370 -16.20 0.75 1.30
CA ILE A 370 -16.27 2.19 1.45
C ILE A 370 -17.76 2.49 1.28
N PRO A 371 -18.34 3.27 2.20
CA PRO A 371 -19.76 3.62 2.14
C PRO A 371 -20.40 3.82 0.77
N VAL A 372 -19.85 4.74 -0.03
CA VAL A 372 -20.42 5.03 -1.33
C VAL A 372 -20.39 3.86 -2.33
N ASN A 373 -19.48 2.91 -2.10
CA ASN A 373 -19.38 1.76 -3.00
C ASN A 373 -20.08 0.51 -2.47
N CYS A 374 -20.55 0.56 -1.22
CA CYS A 374 -21.22 -0.59 -0.62
C CYS A 374 -22.59 -0.82 -1.25
N PRO A 375 -22.93 -2.09 -1.54
CA PRO A 375 -24.24 -2.38 -2.13
C PRO A 375 -25.20 -2.44 -0.94
N TYR A 376 -25.48 -1.27 -0.38
CA TYR A 376 -26.31 -1.15 0.80
C TYR A 376 -27.79 -1.52 0.66
N ARG A 377 -28.22 -1.80 -0.56
CA ARG A 377 -29.62 -2.19 -0.79
C ARG A 377 -29.68 -3.71 -0.86
N ALA A 378 -28.52 -4.34 -0.79
CA ALA A 378 -28.43 -5.79 -0.86
C ALA A 378 -27.75 -6.32 0.39
N ARG A 379 -27.86 -7.62 0.61
CA ARG A 379 -27.25 -8.26 1.76
C ARG A 379 -26.01 -9.03 1.31
N VAL A 380 -24.83 -8.45 1.54
CA VAL A 380 -23.59 -9.09 1.15
C VAL A 380 -23.26 -10.22 2.12
N ALA A 381 -23.24 -11.44 1.61
CA ALA A 381 -22.95 -12.61 2.42
C ALA A 381 -22.20 -13.60 1.55
N ASN A 382 -21.00 -13.98 1.98
CA ASN A 382 -20.20 -14.91 1.20
C ASN A 382 -19.08 -15.54 2.01
N TYR A 383 -18.08 -16.08 1.33
CA TYR A 383 -16.98 -16.72 2.02
C TYR A 383 -15.67 -15.95 1.91
N GLN A 384 -15.79 -14.65 1.65
CA GLN A 384 -14.65 -13.75 1.53
C GLN A 384 -14.38 -13.20 2.92
N ARG A 385 -13.11 -13.05 3.28
CA ARG A 385 -12.75 -12.54 4.60
C ARG A 385 -11.45 -11.76 4.62
N ASP A 386 -11.29 -10.97 5.67
CA ASP A 386 -10.10 -10.18 5.96
C ASP A 386 -9.69 -9.12 4.94
N GLY A 387 -8.39 -8.96 4.75
CA GLY A 387 -7.88 -7.96 3.85
C GLY A 387 -7.60 -6.68 4.62
N PRO A 388 -6.71 -5.79 4.13
CA PRO A 388 -6.44 -4.55 4.87
C PRO A 388 -7.65 -3.64 5.02
N MET A 389 -7.68 -2.90 6.13
CA MET A 389 -8.77 -1.98 6.42
C MET A 389 -10.12 -2.69 6.33
N CYS A 390 -10.23 -3.80 7.05
CA CYS A 390 -11.45 -4.58 7.07
C CYS A 390 -12.44 -3.93 8.03
N MET A 391 -13.58 -3.47 7.50
CA MET A 391 -14.59 -2.81 8.30
C MET A 391 -15.68 -3.75 8.81
N MET A 392 -16.73 -3.14 9.37
CA MET A 392 -17.86 -3.89 9.91
C MET A 392 -17.39 -5.03 10.80
N ASP A 393 -17.99 -6.20 10.65
CA ASP A 393 -17.61 -7.32 11.48
C ASP A 393 -16.94 -8.45 10.71
N ASN A 394 -16.63 -8.21 9.44
CA ASN A 394 -15.97 -9.23 8.63
C ASN A 394 -16.80 -10.51 8.64
N GLN A 395 -18.12 -10.33 8.65
CA GLN A 395 -19.09 -11.41 8.68
C GLN A 395 -19.02 -12.30 9.91
N GLY A 396 -18.52 -11.72 11.00
CA GLY A 396 -18.43 -12.40 12.27
C GLY A 396 -17.81 -13.78 12.34
N GLY A 397 -18.50 -14.70 12.99
CA GLY A 397 -17.98 -16.06 13.13
C GLY A 397 -18.63 -17.06 12.19
N ALA A 398 -19.24 -16.57 11.11
CA ALA A 398 -19.89 -17.48 10.17
C ALA A 398 -18.89 -18.42 9.49
N PRO A 399 -19.30 -19.68 9.25
CA PRO A 399 -18.42 -20.65 8.59
C PRO A 399 -17.83 -19.96 7.36
N ASN A 400 -16.52 -20.08 7.15
CA ASN A 400 -15.88 -19.41 6.03
C ASN A 400 -15.49 -20.26 4.82
N TYR A 401 -16.04 -21.47 4.72
CA TYR A 401 -15.74 -22.35 3.59
C TYR A 401 -17.06 -22.88 3.01
N TYR A 402 -17.06 -23.10 1.70
CA TYR A 402 -18.24 -23.57 0.98
C TYR A 402 -17.85 -24.75 0.10
N PRO A 403 -18.62 -25.86 0.14
CA PRO A 403 -19.82 -26.09 0.94
C PRO A 403 -19.51 -26.36 2.41
N ASN A 404 -20.55 -26.30 3.23
CA ASN A 404 -20.42 -26.54 4.65
C ASN A 404 -21.75 -27.05 5.17
N SER A 405 -21.73 -27.74 6.30
CA SER A 405 -22.93 -28.29 6.91
C SER A 405 -23.42 -27.42 8.06
N PHE A 406 -23.02 -26.15 8.05
CA PHE A 406 -23.38 -25.26 9.15
C PHE A 406 -24.30 -24.07 8.86
N SER A 407 -25.08 -24.17 7.79
CA SER A 407 -26.04 -23.15 7.42
C SER A 407 -25.53 -21.78 6.95
N ALA A 408 -24.32 -21.74 6.43
CA ALA A 408 -23.76 -20.47 5.94
C ALA A 408 -24.41 -20.18 4.58
N PRO A 409 -24.10 -19.01 3.98
CA PRO A 409 -24.70 -18.64 2.68
C PRO A 409 -24.67 -19.70 1.58
N GLU A 410 -25.72 -19.72 0.76
CA GLU A 410 -25.85 -20.69 -0.33
C GLU A 410 -26.08 -20.00 -1.67
N HIS A 411 -25.48 -20.54 -2.73
CA HIS A 411 -25.67 -19.95 -4.05
C HIS A 411 -27.13 -20.13 -4.46
N GLN A 412 -27.57 -19.35 -5.45
CA GLN A 412 -28.95 -19.37 -5.93
C GLN A 412 -29.04 -19.69 -7.42
N PRO A 413 -29.49 -20.90 -7.78
CA PRO A 413 -29.63 -21.35 -9.17
C PRO A 413 -30.28 -20.34 -10.12
N SER A 414 -31.30 -19.65 -9.63
CA SER A 414 -32.00 -18.66 -10.45
C SER A 414 -31.06 -17.57 -10.95
N ALA A 415 -29.93 -17.40 -10.28
CA ALA A 415 -28.95 -16.38 -10.66
C ALA A 415 -27.95 -16.87 -11.70
N LEU A 416 -28.13 -18.09 -12.17
CA LEU A 416 -27.21 -18.64 -13.18
C LEU A 416 -27.23 -17.82 -14.45
N GLU A 417 -26.07 -17.72 -15.09
CA GLU A 417 -25.92 -16.96 -16.33
C GLU A 417 -26.61 -17.63 -17.52
N HIS A 418 -27.05 -16.80 -18.46
CA HIS A 418 -27.71 -17.28 -19.67
C HIS A 418 -26.72 -18.14 -20.47
N ARG A 419 -27.20 -19.18 -21.14
CA ARG A 419 -26.30 -20.04 -21.92
C ARG A 419 -26.23 -19.66 -23.39
N THR A 420 -25.03 -19.29 -23.81
CA THR A 420 -24.76 -18.93 -25.21
C THR A 420 -23.74 -19.93 -25.73
N HIS A 421 -23.86 -20.30 -26.99
CA HIS A 421 -22.95 -21.26 -27.57
C HIS A 421 -21.89 -20.59 -28.42
N PHE A 422 -20.66 -21.11 -28.36
CA PHE A 422 -19.55 -20.60 -29.16
C PHE A 422 -18.74 -21.77 -29.68
N SER A 423 -18.20 -21.60 -30.89
CA SER A 423 -17.38 -22.62 -31.52
C SER A 423 -16.27 -21.93 -32.29
N GLY A 424 -15.06 -22.48 -32.23
CA GLY A 424 -13.96 -21.88 -32.94
C GLY A 424 -12.60 -22.18 -32.34
N ASP A 425 -11.55 -21.74 -33.03
CA ASP A 425 -10.20 -21.95 -32.55
C ASP A 425 -9.88 -20.88 -31.51
N VAL A 426 -8.98 -21.22 -30.60
CA VAL A 426 -8.54 -20.29 -29.59
C VAL A 426 -7.35 -19.57 -30.24
N GLN A 427 -7.56 -18.31 -30.61
CA GLN A 427 -6.49 -17.55 -31.24
C GLN A 427 -6.78 -16.06 -31.16
N ARG A 428 -5.82 -15.27 -31.63
CA ARG A 428 -5.96 -13.83 -31.62
C ARG A 428 -6.44 -13.41 -32.99
N PHE A 429 -7.76 -13.33 -33.13
CA PHE A 429 -8.39 -12.94 -34.38
C PHE A 429 -8.21 -11.47 -34.64
N ASN A 430 -7.67 -11.13 -35.81
CA ASN A 430 -7.42 -9.75 -36.15
C ASN A 430 -8.70 -8.99 -36.50
N SER A 431 -8.93 -7.88 -35.81
CA SER A 431 -10.11 -7.06 -36.05
C SER A 431 -9.73 -5.68 -36.57
N ALA A 432 -8.43 -5.47 -36.79
CA ALA A 432 -7.92 -4.19 -37.27
C ALA A 432 -8.58 -3.72 -38.57
N ASN A 433 -8.96 -4.66 -39.43
CA ASN A 433 -9.55 -4.30 -40.71
C ASN A 433 -11.07 -4.52 -40.81
N ASP A 434 -11.78 -4.34 -39.70
CA ASP A 434 -13.24 -4.51 -39.65
C ASP A 434 -14.00 -3.24 -40.05
N ASP A 435 -14.02 -2.94 -41.34
CA ASP A 435 -14.68 -1.74 -41.86
C ASP A 435 -14.51 -0.53 -40.94
N ASN A 436 -13.55 0.32 -41.27
CA ASN A 436 -13.27 1.49 -40.46
C ASN A 436 -13.83 2.79 -41.03
N VAL A 437 -14.53 2.73 -42.15
CA VAL A 437 -15.01 3.96 -42.77
C VAL A 437 -16.50 4.12 -43.08
N THR A 438 -17.20 3.03 -43.37
CA THR A 438 -18.61 3.14 -43.74
C THR A 438 -19.50 4.01 -42.85
N GLN A 439 -19.61 3.69 -41.57
CA GLN A 439 -20.46 4.50 -40.69
C GLN A 439 -19.89 5.90 -40.47
N VAL A 440 -18.58 6.04 -40.62
CA VAL A 440 -17.95 7.35 -40.45
C VAL A 440 -18.42 8.24 -41.60
N ARG A 441 -18.57 7.65 -42.78
CA ARG A 441 -19.02 8.38 -43.95
C ARG A 441 -20.45 8.88 -43.73
N THR A 442 -21.29 8.01 -43.17
CA THR A 442 -22.68 8.38 -42.89
C THR A 442 -22.71 9.52 -41.87
N PHE A 443 -21.85 9.46 -40.87
CA PHE A 443 -21.79 10.50 -39.86
C PHE A 443 -21.40 11.83 -40.48
N TYR A 444 -20.31 11.81 -41.25
CA TYR A 444 -19.78 12.99 -41.91
C TYR A 444 -20.75 13.63 -42.90
N LEU A 445 -21.43 12.80 -43.70
CA LEU A 445 -22.36 13.30 -44.70
C LEU A 445 -23.81 13.47 -44.26
N LYS A 446 -24.28 12.62 -43.36
CA LYS A 446 -25.68 12.67 -42.92
C LYS A 446 -25.94 13.32 -41.57
N VAL A 447 -25.21 12.90 -40.54
CA VAL A 447 -25.40 13.43 -39.20
C VAL A 447 -24.96 14.88 -39.10
N LEU A 448 -23.87 15.23 -39.80
CA LEU A 448 -23.38 16.60 -39.78
C LEU A 448 -23.82 17.37 -41.02
N ASN A 449 -23.90 18.70 -40.91
CA ASN A 449 -24.28 19.53 -42.04
C ASN A 449 -23.01 20.26 -42.50
N GLU A 450 -23.16 21.15 -43.48
CA GLU A 450 -22.01 21.89 -44.00
C GLU A 450 -21.21 22.70 -42.99
N GLU A 451 -21.88 23.53 -42.19
CA GLU A 451 -21.15 24.35 -41.23
C GLU A 451 -20.47 23.47 -40.19
N GLN A 452 -21.11 22.36 -39.84
CA GLN A 452 -20.56 21.44 -38.86
C GLN A 452 -19.32 20.72 -39.39
N ARG A 453 -19.33 20.36 -40.67
CA ARG A 453 -18.18 19.69 -41.26
C ARG A 453 -17.02 20.67 -41.32
N LYS A 454 -17.34 21.93 -41.57
CA LYS A 454 -16.33 22.99 -41.65
C LYS A 454 -15.63 23.10 -40.30
N ARG A 455 -16.41 23.18 -39.22
CA ARG A 455 -15.82 23.28 -37.89
C ARG A 455 -15.08 22.00 -37.56
N LEU A 456 -15.63 20.85 -37.97
CA LEU A 456 -14.99 19.56 -37.73
C LEU A 456 -13.56 19.56 -38.27
N CYS A 457 -13.43 19.91 -39.54
CA CYS A 457 -12.13 19.93 -40.20
C CYS A 457 -11.20 21.00 -39.62
N GLU A 458 -11.76 22.13 -39.20
CA GLU A 458 -10.94 23.19 -38.63
C GLU A 458 -10.36 22.70 -37.30
N ASN A 459 -11.19 22.03 -36.50
CA ASN A 459 -10.76 21.50 -35.21
C ASN A 459 -9.67 20.45 -35.36
N ILE A 460 -9.86 19.54 -36.31
CA ILE A 460 -8.87 18.49 -36.55
C ILE A 460 -7.55 19.12 -36.99
N ALA A 461 -7.60 19.92 -38.05
CA ALA A 461 -6.41 20.57 -38.59
C ALA A 461 -5.66 21.39 -37.54
N GLY A 462 -6.41 22.10 -36.69
CA GLY A 462 -5.79 22.92 -35.68
C GLY A 462 -4.91 22.12 -34.71
N HIS A 463 -5.20 20.84 -34.57
CA HIS A 463 -4.42 19.99 -33.67
C HIS A 463 -3.41 19.17 -34.45
N LEU A 464 -3.86 18.58 -35.55
CA LEU A 464 -3.01 17.75 -36.40
C LEU A 464 -1.82 18.50 -37.00
N LYS A 465 -1.97 19.82 -37.14
CA LYS A 465 -0.93 20.66 -37.72
C LYS A 465 0.40 20.59 -36.97
N ASP A 466 0.37 20.28 -35.68
CA ASP A 466 1.58 20.22 -34.89
C ASP A 466 2.31 18.88 -34.95
N ALA A 467 1.71 17.92 -35.64
CA ALA A 467 2.33 16.61 -35.80
C ALA A 467 3.23 16.68 -37.02
N GLN A 468 4.24 15.81 -37.08
CA GLN A 468 5.15 15.80 -38.21
C GLN A 468 4.41 15.58 -39.53
N LEU A 469 4.98 16.06 -40.63
CA LEU A 469 4.36 15.92 -41.94
C LEU A 469 4.00 14.49 -42.34
N PHE A 470 4.87 13.53 -42.07
CA PHE A 470 4.57 12.15 -42.46
C PHE A 470 3.34 11.63 -41.71
N ILE A 471 3.10 12.16 -40.51
CA ILE A 471 1.95 11.75 -39.71
C ILE A 471 0.70 12.42 -40.28
N GLN A 472 0.83 13.69 -40.65
CA GLN A 472 -0.27 14.44 -41.24
C GLN A 472 -0.73 13.74 -42.51
N LYS A 473 0.22 13.33 -43.34
CA LYS A 473 -0.09 12.65 -44.59
C LYS A 473 -0.91 11.39 -44.37
N LYS A 474 -0.43 10.53 -43.49
CA LYS A 474 -1.12 9.28 -43.20
C LYS A 474 -2.50 9.56 -42.59
N ALA A 475 -2.58 10.57 -41.73
CA ALA A 475 -3.84 10.92 -41.09
C ALA A 475 -4.86 11.38 -42.14
N VAL A 476 -4.43 12.29 -43.02
CA VAL A 476 -5.31 12.79 -44.08
C VAL A 476 -5.76 11.64 -44.97
N LYS A 477 -4.85 10.73 -45.27
CA LYS A 477 -5.17 9.56 -46.10
C LYS A 477 -6.37 8.84 -45.51
N ASN A 478 -6.35 8.59 -44.20
CA ASN A 478 -7.47 7.91 -43.55
C ASN A 478 -8.77 8.67 -43.71
N PHE A 479 -8.70 9.99 -43.55
CA PHE A 479 -9.89 10.82 -43.69
C PHE A 479 -10.38 10.78 -45.13
N SER A 480 -9.45 10.67 -46.07
CA SER A 480 -9.80 10.59 -47.49
C SER A 480 -10.53 9.29 -47.76
N ASP A 481 -10.13 8.22 -47.06
CA ASP A 481 -10.75 6.91 -47.23
C ASP A 481 -12.22 6.96 -46.79
N VAL A 482 -12.52 7.86 -45.86
CA VAL A 482 -13.89 8.02 -45.39
C VAL A 482 -14.64 8.77 -46.48
N HIS A 483 -14.04 9.87 -46.95
CA HIS A 483 -14.59 10.68 -48.01
C HIS A 483 -13.50 11.59 -48.55
N PRO A 484 -13.34 11.64 -49.88
CA PRO A 484 -12.32 12.48 -50.52
C PRO A 484 -12.30 13.92 -50.00
N GLU A 485 -13.50 14.48 -49.82
CA GLU A 485 -13.61 15.85 -49.34
C GLU A 485 -13.19 15.99 -47.88
N TYR A 486 -13.48 14.97 -47.08
CA TYR A 486 -13.12 15.00 -45.66
C TYR A 486 -11.62 15.24 -45.60
N GLY A 487 -10.87 14.45 -46.34
CA GLY A 487 -9.42 14.59 -46.36
C GLY A 487 -8.92 15.88 -47.01
N SER A 488 -9.43 16.21 -48.19
CA SER A 488 -8.99 17.41 -48.89
C SER A 488 -9.23 18.69 -48.10
N ARG A 489 -10.39 18.80 -47.45
CA ARG A 489 -10.69 19.99 -46.66
C ARG A 489 -9.70 20.14 -45.51
N ILE A 490 -9.27 19.03 -44.93
CA ILE A 490 -8.31 19.08 -43.84
C ILE A 490 -6.93 19.43 -44.40
N GLN A 491 -6.57 18.80 -45.52
CA GLN A 491 -5.28 19.06 -46.14
C GLN A 491 -5.11 20.54 -46.48
N ALA A 492 -6.17 21.15 -46.98
CA ALA A 492 -6.15 22.57 -47.34
C ALA A 492 -5.86 23.41 -46.10
N LEU A 493 -6.49 23.06 -44.99
CA LEU A 493 -6.28 23.78 -43.74
C LEU A 493 -4.84 23.54 -43.27
N LEU A 494 -4.38 22.31 -43.41
CA LEU A 494 -3.01 21.95 -43.03
C LEU A 494 -1.98 22.74 -43.84
N ASP A 495 -2.17 22.78 -45.16
CA ASP A 495 -1.24 23.50 -46.03
C ASP A 495 -1.14 24.94 -45.55
N LYS A 496 -2.28 25.51 -45.19
CA LYS A 496 -2.34 26.88 -44.69
C LYS A 496 -1.51 27.00 -43.41
N TYR A 497 -1.74 26.08 -42.47
CA TYR A 497 -1.01 26.08 -41.20
C TYR A 497 0.49 25.92 -41.37
N ASN A 498 0.89 24.97 -42.22
CA ASN A 498 2.31 24.73 -42.46
C ASN A 498 2.90 25.86 -43.31
N GLU A 499 2.19 26.98 -43.36
CA GLU A 499 2.62 28.14 -44.14
C GLU A 499 2.59 27.85 -45.64
N ASN B 1 33.86 -24.75 16.45
CA ASN B 1 33.36 -24.98 15.06
C ASN B 1 32.08 -25.81 15.09
N ARG B 2 30.98 -25.20 14.66
CA ARG B 2 29.68 -25.86 14.64
C ARG B 2 29.26 -26.11 13.19
N ASP B 3 27.97 -26.37 12.96
CA ASP B 3 27.50 -26.58 11.60
C ASP B 3 27.58 -25.24 10.89
N PRO B 4 27.71 -25.24 9.55
CA PRO B 4 27.81 -23.99 8.80
C PRO B 4 26.73 -22.94 9.06
N ALA B 5 25.48 -23.38 9.21
CA ALA B 5 24.38 -22.44 9.46
C ALA B 5 24.65 -21.66 10.74
N SER B 6 25.02 -22.35 11.81
CA SER B 6 25.29 -21.73 13.10
C SER B 6 26.48 -20.75 13.04
N ASP B 7 27.43 -21.01 12.17
CA ASP B 7 28.60 -20.14 12.05
C ASP B 7 28.47 -19.06 10.98
N GLN B 8 27.23 -18.76 10.60
CA GLN B 8 26.97 -17.75 9.57
C GLN B 8 27.69 -16.42 9.87
N MET B 9 27.53 -15.89 11.07
CA MET B 9 28.17 -14.63 11.42
C MET B 9 29.67 -14.77 11.57
N LYS B 10 30.11 -15.86 12.19
CA LYS B 10 31.53 -16.11 12.38
C LYS B 10 32.22 -16.06 11.01
N HIS B 11 31.61 -16.72 10.03
CA HIS B 11 32.17 -16.76 8.68
C HIS B 11 32.12 -15.39 7.99
N TRP B 12 31.03 -14.66 8.18
CA TRP B 12 30.92 -13.34 7.57
C TRP B 12 32.05 -12.47 8.09
N LYS B 13 32.29 -12.61 9.39
CA LYS B 13 33.34 -11.89 10.08
C LYS B 13 34.71 -12.16 9.48
N GLU B 14 35.09 -13.43 9.42
CA GLU B 14 36.40 -13.80 8.89
C GLU B 14 36.62 -13.56 7.40
N GLN B 15 35.55 -13.43 6.63
CA GLN B 15 35.71 -13.20 5.20
C GLN B 15 35.98 -11.72 4.90
N ARG B 16 36.04 -10.90 5.94
CA ARG B 16 36.31 -9.48 5.76
C ARG B 16 37.74 -9.14 6.18
N ALA B 17 38.58 -10.17 6.25
CA ALA B 17 39.98 -10.01 6.62
C ALA B 17 40.08 -9.09 7.84
N ALA B 18 40.95 -8.10 7.74
CA ALA B 18 41.14 -7.15 8.83
C ALA B 18 40.56 -5.81 8.37
N GLN B 19 39.73 -5.85 7.34
CA GLN B 19 39.11 -4.64 6.81
C GLN B 19 38.42 -3.86 7.92
N LYS B 20 38.55 -2.54 7.85
CA LYS B 20 37.92 -1.68 8.83
C LYS B 20 36.43 -1.76 8.57
N PRO B 21 35.62 -1.86 9.64
CA PRO B 21 34.17 -1.93 9.38
C PRO B 21 33.70 -0.67 8.66
N ASP B 22 32.61 -0.77 7.93
CA ASP B 22 32.07 0.38 7.21
C ASP B 22 31.52 1.41 8.17
N VAL B 23 31.39 2.64 7.68
CA VAL B 23 30.85 3.73 8.48
C VAL B 23 29.34 3.56 8.53
N LEU B 24 28.79 3.58 9.73
CA LEU B 24 27.36 3.44 9.93
C LEU B 24 26.67 4.73 9.51
N THR B 25 25.69 4.61 8.61
CA THR B 25 24.99 5.79 8.13
C THR B 25 23.47 5.69 8.26
N THR B 26 22.81 6.79 7.95
CA THR B 26 21.35 6.84 7.96
C THR B 26 20.96 6.27 6.60
N GLY B 27 19.66 6.14 6.33
CA GLY B 27 19.25 5.63 5.04
C GLY B 27 19.68 6.57 3.93
N GLY B 28 19.84 7.85 4.29
CA GLY B 28 20.25 8.85 3.31
C GLY B 28 21.75 8.95 3.13
N GLY B 29 22.48 8.00 3.72
CA GLY B 29 23.93 7.99 3.61
C GLY B 29 24.69 8.95 4.51
N ASN B 30 24.01 9.59 5.45
CA ASN B 30 24.67 10.52 6.37
C ASN B 30 25.34 9.76 7.52
N PRO B 31 26.63 10.03 7.77
CA PRO B 31 27.37 9.36 8.85
C PRO B 31 26.72 9.59 10.21
N VAL B 32 26.64 8.55 11.01
CA VAL B 32 26.04 8.61 12.35
C VAL B 32 27.13 8.72 13.41
N GLY B 33 26.99 9.71 14.30
CA GLY B 33 27.97 9.91 15.35
C GLY B 33 27.87 8.98 16.55
N ASP B 34 26.64 8.67 16.95
CA ASP B 34 26.38 7.78 18.09
C ASP B 34 24.98 7.21 17.88
N LYS B 35 24.89 5.95 17.47
CA LYS B 35 23.58 5.35 17.23
C LYS B 35 23.12 4.51 18.43
N LEU B 36 23.70 4.79 19.60
CA LEU B 36 23.33 4.06 20.80
C LEU B 36 22.67 4.94 21.86
N ASN B 37 22.71 6.25 21.66
CA ASN B 37 22.09 7.17 22.61
C ASN B 37 21.26 8.24 21.90
N SER B 38 20.00 8.36 22.30
CA SER B 38 19.08 9.31 21.71
C SER B 38 19.43 10.75 22.09
N LEU B 39 18.96 11.68 21.25
CA LEU B 39 19.20 13.10 21.46
C LEU B 39 18.12 13.67 22.37
N THR B 40 18.55 14.17 23.53
CA THR B 40 17.62 14.74 24.52
C THR B 40 18.13 16.05 25.11
N VAL B 41 17.25 16.74 25.83
CA VAL B 41 17.63 17.99 26.48
C VAL B 41 18.00 17.62 27.91
N GLY B 42 19.29 17.44 28.16
CA GLY B 42 19.73 17.04 29.47
C GLY B 42 19.71 15.52 29.58
N PRO B 43 20.51 14.93 30.47
CA PRO B 43 20.61 13.48 30.71
C PRO B 43 19.26 12.80 30.95
N ARG B 44 18.35 13.52 31.60
CA ARG B 44 17.04 12.96 31.91
C ARG B 44 15.93 13.82 31.30
N GLY B 45 16.19 14.33 30.10
CA GLY B 45 15.21 15.18 29.43
C GLY B 45 14.51 14.48 28.28
N PRO B 46 13.49 15.14 27.69
CA PRO B 46 12.67 14.66 26.57
C PRO B 46 13.43 14.46 25.26
N LEU B 47 12.93 13.52 24.46
CA LEU B 47 13.50 13.19 23.16
C LEU B 47 13.12 14.27 22.14
N LEU B 48 14.05 14.63 21.26
CA LEU B 48 13.80 15.67 20.26
C LEU B 48 13.48 15.13 18.87
N VAL B 49 12.60 15.85 18.18
CA VAL B 49 12.21 15.49 16.82
C VAL B 49 13.46 15.62 15.97
N GLN B 50 14.36 16.49 16.42
CA GLN B 50 15.62 16.77 15.76
C GLN B 50 16.52 15.53 15.65
N ASP B 51 16.21 14.50 16.42
CA ASP B 51 17.00 13.27 16.34
C ASP B 51 16.48 12.49 15.13
N VAL B 52 16.97 12.84 13.94
CA VAL B 52 16.54 12.17 12.73
C VAL B 52 17.27 10.85 12.50
N VAL B 53 18.27 10.58 13.34
CA VAL B 53 18.98 9.30 13.25
C VAL B 53 18.00 8.27 13.80
N PHE B 54 17.38 8.60 14.93
CA PHE B 54 16.39 7.74 15.56
C PHE B 54 15.20 7.48 14.66
N THR B 55 14.57 8.56 14.18
CA THR B 55 13.39 8.45 13.33
C THR B 55 13.64 7.66 12.04
N ASP B 56 14.76 7.94 11.38
CA ASP B 56 15.11 7.24 10.15
C ASP B 56 15.19 5.73 10.40
N GLU B 57 15.92 5.35 11.45
CA GLU B 57 16.07 3.93 11.77
C GLU B 57 14.78 3.29 12.28
N MET B 58 14.10 3.98 13.19
CA MET B 58 12.86 3.44 13.75
C MET B 58 11.73 3.34 12.72
N ALA B 59 11.62 4.33 11.83
CA ALA B 59 10.58 4.31 10.82
C ALA B 59 10.76 3.14 9.87
N HIS B 60 12.01 2.76 9.59
CA HIS B 60 12.23 1.65 8.69
C HIS B 60 11.93 0.34 9.41
N PHE B 61 12.32 0.26 10.68
CA PHE B 61 12.04 -0.92 11.47
C PHE B 61 10.54 -1.14 11.51
N ASP B 62 9.80 -0.04 11.68
CA ASP B 62 8.34 -0.08 11.74
C ASP B 62 7.70 -0.60 10.46
N ARG B 63 8.48 -0.64 9.37
CA ARG B 63 7.97 -1.08 8.07
C ARG B 63 8.68 -2.31 7.48
N GLU B 64 9.40 -3.06 8.31
CA GLU B 64 10.12 -4.24 7.82
C GLU B 64 9.24 -5.35 7.26
N ARG B 65 8.06 -5.53 7.85
CA ARG B 65 7.15 -6.60 7.44
C ARG B 65 6.25 -6.33 6.25
N ILE B 66 6.02 -7.39 5.48
CA ILE B 66 5.14 -7.37 4.33
C ILE B 66 4.21 -8.56 4.55
N PRO B 67 3.03 -8.56 3.93
CA PRO B 67 2.14 -9.71 4.16
C PRO B 67 2.80 -11.02 3.74
N GLU B 68 2.61 -12.06 4.53
CA GLU B 68 3.18 -13.36 4.20
C GLU B 68 2.32 -13.93 3.07
N ARG B 69 2.82 -14.95 2.39
CA ARG B 69 2.07 -15.58 1.31
C ARG B 69 0.74 -16.07 1.89
N VAL B 70 -0.35 -15.89 1.15
CA VAL B 70 -1.66 -16.31 1.63
C VAL B 70 -1.66 -17.81 1.93
N VAL B 71 -0.82 -18.55 1.22
CA VAL B 71 -0.65 -19.99 1.44
C VAL B 71 0.82 -20.30 1.17
N HIS B 72 1.33 -21.38 1.77
CA HIS B 72 2.73 -21.76 1.60
C HIS B 72 3.62 -20.68 2.23
N ALA B 73 3.15 -20.05 3.28
CA ALA B 73 3.90 -18.98 3.95
C ALA B 73 5.26 -19.39 4.54
N LYS B 74 5.37 -20.61 5.04
CA LYS B 74 6.61 -21.10 5.66
C LYS B 74 7.46 -21.90 4.66
N GLY B 75 8.63 -21.37 4.31
CA GLY B 75 9.46 -22.08 3.36
C GLY B 75 10.96 -21.80 3.42
N ALA B 76 11.68 -22.43 2.50
CA ALA B 76 13.12 -22.30 2.40
C ALA B 76 13.48 -22.19 0.92
N GLY B 77 14.56 -21.48 0.62
CA GLY B 77 14.95 -21.32 -0.77
C GLY B 77 16.42 -21.58 -1.04
N ALA B 78 16.73 -21.81 -2.32
CA ALA B 78 18.10 -22.08 -2.74
C ALA B 78 18.19 -21.83 -4.24
N PHE B 79 19.41 -21.73 -4.76
CA PHE B 79 19.59 -21.49 -6.17
C PHE B 79 20.52 -22.50 -6.78
N GLY B 80 20.50 -22.58 -8.11
CA GLY B 80 21.35 -23.53 -8.79
C GLY B 80 21.15 -23.45 -10.29
N TYR B 81 21.04 -24.60 -10.93
CA TYR B 81 20.87 -24.63 -12.37
C TYR B 81 20.11 -25.85 -12.85
N PHE B 82 19.64 -25.76 -14.08
CA PHE B 82 18.94 -26.85 -14.73
C PHE B 82 19.82 -27.18 -15.92
N GLU B 83 20.11 -28.46 -16.12
CA GLU B 83 20.94 -28.88 -17.25
C GLU B 83 20.22 -29.93 -18.07
N VAL B 84 20.13 -29.69 -19.37
CA VAL B 84 19.48 -30.65 -20.27
C VAL B 84 20.38 -31.87 -20.42
N THR B 85 19.80 -33.05 -20.31
CA THR B 85 20.56 -34.29 -20.46
C THR B 85 20.04 -35.11 -21.63
N HIS B 86 18.81 -34.82 -22.04
CA HIS B 86 18.20 -35.53 -23.17
C HIS B 86 17.48 -34.57 -24.11
N ASP B 87 17.30 -35.01 -25.35
CA ASP B 87 16.65 -34.18 -26.36
C ASP B 87 15.16 -34.43 -26.47
N ILE B 88 14.35 -33.44 -26.09
CA ILE B 88 12.91 -33.56 -26.21
C ILE B 88 12.41 -32.45 -27.12
N THR B 89 13.27 -32.00 -28.04
CA THR B 89 12.92 -30.95 -28.97
C THR B 89 11.82 -31.34 -29.94
N ARG B 90 11.56 -32.63 -30.09
CA ARG B 90 10.50 -33.04 -30.99
C ARG B 90 9.13 -32.74 -30.35
N TYR B 91 9.14 -32.55 -29.02
CA TYR B 91 7.91 -32.24 -28.29
C TYR B 91 7.76 -30.74 -28.01
N SER B 92 8.86 -30.10 -27.59
CA SER B 92 8.84 -28.68 -27.27
C SER B 92 10.01 -27.89 -27.83
N LYS B 93 9.69 -26.69 -28.33
CA LYS B 93 10.70 -25.80 -28.91
C LYS B 93 11.24 -24.82 -27.87
N ALA B 94 10.79 -24.94 -26.62
CA ALA B 94 11.24 -24.02 -25.57
C ALA B 94 12.75 -23.96 -25.54
N LYS B 95 13.30 -22.74 -25.53
CA LYS B 95 14.74 -22.57 -25.52
C LYS B 95 15.44 -23.27 -24.36
N VAL B 96 14.71 -23.43 -23.25
CA VAL B 96 15.28 -24.07 -22.08
C VAL B 96 15.71 -25.52 -22.37
N PHE B 97 15.10 -26.15 -23.37
CA PHE B 97 15.42 -27.53 -23.75
C PHE B 97 16.21 -27.63 -25.05
N GLU B 98 16.60 -26.49 -25.59
CA GLU B 98 17.31 -26.41 -26.88
C GLU B 98 18.34 -27.49 -27.23
N HIS B 99 19.29 -27.75 -26.35
CA HIS B 99 20.31 -28.75 -26.65
C HIS B 99 20.89 -29.39 -25.41
N ILE B 100 21.34 -30.64 -25.55
CA ILE B 100 21.94 -31.36 -24.44
C ILE B 100 23.12 -30.57 -23.88
N GLY B 101 23.18 -30.47 -22.55
CA GLY B 101 24.26 -29.74 -21.92
C GLY B 101 23.91 -28.27 -21.65
N LYS B 102 22.82 -27.81 -22.24
CA LYS B 102 22.41 -26.42 -22.03
C LYS B 102 22.00 -26.19 -20.58
N ARG B 103 22.62 -25.20 -19.94
CA ARG B 103 22.30 -24.89 -18.55
C ARG B 103 21.51 -23.60 -18.41
N THR B 104 20.53 -23.62 -17.51
CA THR B 104 19.70 -22.45 -17.24
C THR B 104 19.67 -22.24 -15.74
N PRO B 105 20.00 -21.03 -15.27
CA PRO B 105 19.98 -20.83 -13.82
C PRO B 105 18.56 -20.97 -13.28
N ILE B 106 18.45 -21.48 -12.05
CA ILE B 106 17.15 -21.64 -11.41
C ILE B 106 17.13 -21.14 -9.98
N ALA B 107 15.94 -20.84 -9.50
CA ALA B 107 15.71 -20.41 -8.12
C ALA B 107 14.63 -21.35 -7.67
N VAL B 108 14.72 -21.83 -6.43
CA VAL B 108 13.73 -22.77 -5.91
C VAL B 108 13.28 -22.42 -4.50
N ARG B 109 12.00 -22.65 -4.24
CA ARG B 109 11.46 -22.43 -2.91
C ARG B 109 10.62 -23.63 -2.52
N PHE B 110 10.90 -24.16 -1.33
CA PHE B 110 10.19 -25.30 -0.77
C PHE B 110 9.34 -24.73 0.34
N SER B 111 8.22 -25.38 0.65
CA SER B 111 7.34 -24.86 1.70
C SER B 111 6.27 -25.83 2.15
N THR B 112 5.60 -25.48 3.25
CA THR B 112 4.48 -26.27 3.75
C THR B 112 3.30 -25.50 3.16
N VAL B 113 2.08 -25.76 3.62
CA VAL B 113 0.94 -25.06 3.04
C VAL B 113 0.08 -24.20 3.96
N ALA B 114 -0.50 -24.81 5.00
CA ALA B 114 -1.39 -24.12 5.91
C ALA B 114 -0.76 -23.21 6.96
N GLY B 115 0.35 -23.66 7.56
CA GLY B 115 0.99 -22.88 8.60
C GLY B 115 1.51 -21.51 8.20
N GLU B 116 1.49 -20.59 9.15
CA GLU B 116 1.97 -19.23 8.93
C GLU B 116 3.51 -19.21 9.02
N SER B 117 4.09 -18.03 8.80
CA SER B 117 5.53 -17.86 8.85
C SER B 117 6.28 -18.39 10.07
N GLY B 118 5.63 -18.43 11.22
CA GLY B 118 6.34 -18.93 12.39
C GLY B 118 6.09 -20.39 12.71
N SER B 119 5.37 -21.09 11.83
CA SER B 119 5.03 -22.48 12.05
C SER B 119 6.19 -23.45 11.86
N ALA B 120 5.98 -24.71 12.24
CA ALA B 120 7.00 -25.74 12.17
C ALA B 120 7.09 -26.40 10.79
N ASP B 121 8.31 -26.79 10.39
CA ASP B 121 8.54 -27.42 9.11
C ASP B 121 8.05 -28.85 9.03
N THR B 122 8.30 -29.62 10.10
CA THR B 122 7.94 -31.03 10.14
C THR B 122 6.52 -31.36 10.58
N VAL B 123 5.55 -30.97 9.76
CA VAL B 123 4.14 -31.24 10.06
C VAL B 123 3.50 -31.84 8.82
N ARG B 124 2.41 -32.58 9.00
CA ARG B 124 1.72 -33.20 7.87
C ARG B 124 1.13 -32.09 7.01
N ASP B 125 1.43 -32.12 5.71
CA ASP B 125 0.95 -31.08 4.82
C ASP B 125 1.62 -31.31 3.46
N PRO B 126 1.01 -30.83 2.38
CA PRO B 126 1.68 -31.05 1.09
C PRO B 126 2.96 -30.21 1.17
N ARG B 127 3.82 -30.29 0.16
CA ARG B 127 5.05 -29.51 0.17
C ARG B 127 5.15 -28.72 -1.13
N GLY B 128 5.35 -27.42 -1.01
CA GLY B 128 5.51 -26.59 -2.20
C GLY B 128 6.91 -26.84 -2.74
N PHE B 129 7.05 -26.85 -4.06
CA PHE B 129 8.34 -27.08 -4.72
C PHE B 129 8.28 -26.27 -6.00
N ALA B 130 8.47 -24.96 -5.89
CA ALA B 130 8.42 -24.05 -7.02
C ALA B 130 9.78 -23.85 -7.66
N VAL B 131 9.84 -23.90 -8.98
CA VAL B 131 11.09 -23.74 -9.71
C VAL B 131 11.01 -22.63 -10.74
N LYS B 132 11.91 -21.65 -10.61
CA LYS B 132 11.97 -20.55 -11.56
C LYS B 132 13.17 -20.74 -12.47
N PHE B 133 12.94 -20.81 -13.77
CA PHE B 133 14.01 -20.97 -14.76
C PHE B 133 14.19 -19.60 -15.44
N TYR B 134 15.38 -19.04 -15.37
CA TYR B 134 15.63 -17.75 -16.00
C TYR B 134 16.11 -17.98 -17.43
N THR B 135 15.18 -18.16 -18.36
CA THR B 135 15.54 -18.42 -19.75
C THR B 135 15.64 -17.16 -20.61
N GLU B 136 16.19 -17.32 -21.81
CA GLU B 136 16.36 -16.22 -22.73
C GLU B 136 15.00 -15.76 -23.25
N ASP B 137 14.02 -16.63 -23.16
CA ASP B 137 12.66 -16.29 -23.61
C ASP B 137 11.84 -15.91 -22.37
N GLY B 138 12.52 -15.33 -21.39
CA GLY B 138 11.85 -14.92 -20.17
C GLY B 138 11.83 -16.02 -19.13
N ASN B 139 11.25 -15.72 -17.98
CA ASN B 139 11.19 -16.70 -16.93
C ASN B 139 10.11 -17.72 -17.15
N TRP B 140 10.39 -18.94 -16.72
CA TRP B 140 9.46 -20.06 -16.80
C TRP B 140 9.35 -20.53 -15.35
N ASP B 141 8.17 -20.36 -14.77
CA ASP B 141 7.96 -20.78 -13.41
C ASP B 141 7.15 -22.06 -13.39
N LEU B 142 7.76 -23.12 -12.87
CA LEU B 142 7.08 -24.41 -12.76
C LEU B 142 6.77 -24.47 -11.28
N VAL B 143 5.58 -24.00 -10.92
CA VAL B 143 5.14 -23.95 -9.54
C VAL B 143 4.52 -25.27 -9.13
N GLY B 144 5.37 -26.24 -8.77
CA GLY B 144 4.86 -27.55 -8.39
C GLY B 144 4.77 -27.87 -6.91
N ASN B 145 4.31 -29.09 -6.63
CA ASN B 145 4.17 -29.58 -5.26
C ASN B 145 4.88 -30.93 -5.18
N ASN B 146 4.91 -31.53 -4.00
CA ASN B 146 5.57 -32.81 -3.82
C ASN B 146 4.58 -33.94 -4.06
N THR B 147 3.51 -33.62 -4.78
CA THR B 147 2.47 -34.60 -5.12
C THR B 147 2.01 -34.32 -6.54
N PRO B 148 1.70 -35.40 -7.30
CA PRO B 148 1.25 -35.24 -8.68
C PRO B 148 -0.22 -34.80 -8.81
N ILE B 149 -0.93 -34.77 -7.68
CA ILE B 149 -2.34 -34.42 -7.68
C ILE B 149 -2.68 -33.37 -6.62
N PHE B 150 -3.97 -33.02 -6.55
CA PHE B 150 -4.42 -32.05 -5.55
C PHE B 150 -5.79 -32.48 -5.02
N PHE B 151 -6.27 -31.76 -4.01
CA PHE B 151 -7.55 -32.08 -3.38
C PHE B 151 -8.81 -31.74 -4.14
N ILE B 152 -8.75 -30.73 -5.01
CA ILE B 152 -9.91 -30.30 -5.76
C ILE B 152 -9.61 -30.15 -7.24
N ARG B 153 -10.66 -30.01 -8.05
CA ARG B 153 -10.48 -29.88 -9.49
C ARG B 153 -11.08 -28.63 -10.13
N ASP B 154 -11.50 -27.68 -9.30
CA ASP B 154 -12.06 -26.42 -9.79
C ASP B 154 -11.57 -25.32 -8.85
N ALA B 155 -10.96 -24.28 -9.41
CA ALA B 155 -10.42 -23.17 -8.62
C ALA B 155 -11.42 -22.44 -7.71
N LEU B 156 -12.71 -22.54 -8.01
CA LEU B 156 -13.70 -21.85 -7.17
C LEU B 156 -13.76 -22.41 -5.76
N LEU B 157 -13.27 -23.63 -5.57
CA LEU B 157 -13.26 -24.23 -4.24
C LEU B 157 -11.93 -24.03 -3.54
N PHE B 158 -10.96 -23.43 -4.22
CA PHE B 158 -9.66 -23.24 -3.60
C PHE B 158 -9.66 -22.34 -2.37
N PRO B 159 -10.23 -21.14 -2.46
CA PRO B 159 -10.22 -20.29 -1.26
C PRO B 159 -10.89 -21.01 -0.08
N SER B 160 -12.04 -21.66 -0.34
CA SER B 160 -12.76 -22.39 0.70
C SER B 160 -11.91 -23.50 1.30
N PHE B 161 -11.28 -24.30 0.44
CA PHE B 161 -10.42 -25.38 0.91
C PHE B 161 -9.34 -24.82 1.84
N ILE B 162 -8.65 -23.79 1.38
CA ILE B 162 -7.59 -23.20 2.17
C ILE B 162 -8.15 -22.68 3.49
N HIS B 163 -9.33 -22.05 3.45
CA HIS B 163 -9.93 -21.55 4.68
C HIS B 163 -10.16 -22.73 5.63
N SER B 164 -10.70 -23.83 5.11
CA SER B 164 -10.99 -25.00 5.94
C SER B 164 -9.74 -25.59 6.57
N GLN B 165 -8.60 -25.39 5.92
CA GLN B 165 -7.32 -25.91 6.39
C GLN B 165 -6.60 -24.98 7.36
N LYS B 166 -7.05 -23.74 7.44
CA LYS B 166 -6.40 -22.78 8.32
C LYS B 166 -7.13 -22.58 9.66
N ARG B 167 -7.26 -21.35 10.13
CA ARG B 167 -7.88 -21.12 11.43
C ARG B 167 -9.35 -20.72 11.43
N ASN B 168 -10.04 -21.10 12.50
CA ASN B 168 -11.44 -20.76 12.67
C ASN B 168 -11.47 -19.23 12.74
N PRO B 169 -12.39 -18.59 12.00
CA PRO B 169 -12.51 -17.12 11.97
C PRO B 169 -12.78 -16.43 13.31
N GLN B 170 -13.34 -17.16 14.26
CA GLN B 170 -13.61 -16.57 15.56
C GLN B 170 -12.55 -16.92 16.61
N THR B 171 -12.25 -18.20 16.77
CA THR B 171 -11.28 -18.63 17.77
C THR B 171 -9.83 -18.55 17.34
N HIS B 172 -9.60 -18.51 16.03
CA HIS B 172 -8.25 -18.46 15.47
C HIS B 172 -7.49 -19.75 15.74
N LEU B 173 -8.23 -20.84 15.92
CA LEU B 173 -7.64 -22.15 16.19
C LEU B 173 -7.85 -23.10 15.02
N LYS B 174 -6.96 -24.09 14.89
CA LYS B 174 -7.12 -25.10 13.83
C LYS B 174 -8.47 -25.73 14.16
N ASP B 175 -9.24 -26.11 13.14
CA ASP B 175 -10.57 -26.66 13.40
C ASP B 175 -10.87 -27.94 12.62
N PRO B 176 -10.82 -29.09 13.30
CA PRO B 176 -11.09 -30.38 12.64
C PRO B 176 -12.48 -30.50 11.99
N ASP B 177 -13.46 -29.77 12.50
CA ASP B 177 -14.81 -29.79 11.92
C ASP B 177 -14.71 -29.13 10.54
N MET B 178 -13.98 -28.02 10.48
CA MET B 178 -13.81 -27.30 9.22
C MET B 178 -13.07 -28.16 8.21
N VAL B 179 -11.97 -28.75 8.65
CA VAL B 179 -11.14 -29.61 7.80
C VAL B 179 -11.94 -30.77 7.21
N TRP B 180 -12.57 -31.55 8.07
CA TRP B 180 -13.31 -32.72 7.61
C TRP B 180 -14.71 -32.50 7.06
N ASP B 181 -15.36 -31.40 7.42
CA ASP B 181 -16.68 -31.14 6.88
C ASP B 181 -16.47 -30.86 5.39
N PHE B 182 -15.43 -30.10 5.08
CA PHE B 182 -15.13 -29.78 3.69
C PHE B 182 -14.74 -31.04 2.92
N TRP B 183 -13.77 -31.79 3.43
CA TRP B 183 -13.33 -32.99 2.74
C TRP B 183 -14.43 -34.03 2.59
N SER B 184 -15.25 -34.21 3.63
CA SER B 184 -16.32 -35.20 3.56
C SER B 184 -17.38 -34.76 2.56
N LEU B 185 -17.61 -33.46 2.44
CA LEU B 185 -18.60 -32.95 1.50
C LEU B 185 -18.05 -32.94 0.07
N ARG B 186 -16.72 -32.97 -0.05
CA ARG B 186 -16.07 -32.96 -1.36
C ARG B 186 -15.15 -34.17 -1.51
N PRO B 187 -15.72 -35.36 -1.78
CA PRO B 187 -14.94 -36.59 -1.95
C PRO B 187 -13.90 -36.61 -3.08
N GLU B 188 -13.88 -35.59 -3.94
CA GLU B 188 -12.88 -35.59 -4.99
C GLU B 188 -11.51 -35.49 -4.31
N SER B 189 -11.52 -35.05 -3.07
CA SER B 189 -10.31 -34.89 -2.27
C SER B 189 -9.69 -36.21 -1.81
N LEU B 190 -10.44 -37.31 -1.94
CA LEU B 190 -9.98 -38.62 -1.51
C LEU B 190 -8.58 -39.03 -1.96
N HIS B 191 -8.28 -38.82 -3.24
CA HIS B 191 -6.99 -39.20 -3.78
C HIS B 191 -5.82 -38.53 -3.05
N GLN B 192 -5.83 -37.20 -3.01
CA GLN B 192 -4.76 -36.45 -2.35
C GLN B 192 -4.77 -36.63 -0.83
N VAL B 193 -5.96 -36.81 -0.25
CA VAL B 193 -6.06 -37.04 1.19
C VAL B 193 -5.33 -38.33 1.52
N SER B 194 -5.50 -39.34 0.66
CA SER B 194 -4.86 -40.63 0.87
C SER B 194 -3.35 -40.47 0.84
N PHE B 195 -2.87 -39.69 -0.13
CA PHE B 195 -1.44 -39.43 -0.27
C PHE B 195 -0.93 -38.63 0.93
N LEU B 196 -1.67 -37.59 1.30
CA LEU B 196 -1.29 -36.72 2.42
C LEU B 196 -1.15 -37.47 3.74
N PHE B 197 -2.09 -38.36 4.03
CA PHE B 197 -2.03 -39.10 5.28
C PHE B 197 -1.18 -40.36 5.23
N SER B 198 -0.47 -40.57 4.13
CA SER B 198 0.41 -41.72 4.00
C SER B 198 1.75 -41.25 4.54
N ASP B 199 2.79 -42.08 4.46
CA ASP B 199 4.10 -41.68 4.97
C ASP B 199 4.66 -40.45 4.25
N ARG B 200 4.21 -40.25 3.01
CA ARG B 200 4.66 -39.14 2.18
C ARG B 200 4.17 -37.78 2.70
N GLY B 201 3.31 -37.80 3.71
CA GLY B 201 2.78 -36.56 4.26
C GLY B 201 3.79 -35.74 5.02
N ILE B 202 4.84 -36.38 5.50
CA ILE B 202 5.87 -35.65 6.24
C ILE B 202 7.26 -36.05 5.73
N PRO B 203 7.70 -35.43 4.63
CA PRO B 203 9.03 -35.78 4.12
C PRO B 203 10.13 -35.36 5.08
N ASP B 204 11.28 -36.02 4.98
CA ASP B 204 12.43 -35.71 5.83
C ASP B 204 13.18 -34.55 5.18
N GLY B 205 12.75 -33.32 5.47
CA GLY B 205 13.40 -32.17 4.87
C GLY B 205 12.91 -32.02 3.44
N HIS B 206 13.52 -31.10 2.70
CA HIS B 206 13.12 -30.85 1.32
C HIS B 206 13.87 -31.65 0.25
N ARG B 207 15.03 -32.18 0.62
CA ARG B 207 15.85 -32.93 -0.32
C ARG B 207 15.41 -34.36 -0.59
N HIS B 208 14.51 -34.87 0.24
CA HIS B 208 14.05 -36.25 0.10
C HIS B 208 12.61 -36.43 -0.35
N MET B 209 12.18 -35.60 -1.31
CA MET B 209 10.82 -35.69 -1.83
C MET B 209 10.85 -35.36 -3.30
N ASN B 210 9.85 -35.83 -4.04
CA ASN B 210 9.79 -35.54 -5.46
C ASN B 210 9.03 -34.23 -5.70
N GLY B 211 9.17 -33.72 -6.91
CA GLY B 211 8.48 -32.51 -7.31
C GLY B 211 7.60 -32.89 -8.48
N TYR B 212 6.49 -32.18 -8.65
CA TYR B 212 5.55 -32.46 -9.73
C TYR B 212 4.89 -31.17 -10.19
N GLY B 213 4.67 -31.05 -11.50
CA GLY B 213 3.99 -29.87 -12.00
C GLY B 213 2.51 -30.08 -11.69
N SER B 214 2.16 -31.35 -11.47
CA SER B 214 0.81 -31.77 -11.15
C SER B 214 -0.16 -31.65 -12.33
N HIS B 215 -0.33 -30.43 -12.83
CA HIS B 215 -1.23 -30.16 -13.94
C HIS B 215 -0.75 -30.75 -15.26
N THR B 216 -1.69 -30.92 -16.17
CA THR B 216 -1.36 -31.35 -17.51
C THR B 216 -1.01 -30.02 -18.18
N PHE B 217 0.11 -29.98 -18.88
CA PHE B 217 0.52 -28.77 -19.60
C PHE B 217 0.56 -29.13 -21.07
N LYS B 218 0.85 -28.14 -21.92
CA LYS B 218 0.91 -28.38 -23.35
C LYS B 218 2.29 -28.00 -23.88
N LEU B 219 2.89 -28.87 -24.70
CA LEU B 219 4.19 -28.59 -25.28
C LEU B 219 3.99 -28.39 -26.79
N VAL B 220 4.71 -27.44 -27.36
CA VAL B 220 4.60 -27.15 -28.79
C VAL B 220 5.99 -27.15 -29.40
N ASN B 221 6.15 -27.86 -30.52
CA ASN B 221 7.46 -27.94 -31.18
C ASN B 221 7.62 -26.91 -32.29
N ALA B 222 8.80 -26.91 -32.91
CA ALA B 222 9.11 -25.98 -33.98
C ALA B 222 8.16 -26.05 -35.18
N ASN B 223 7.53 -27.20 -35.36
CA ASN B 223 6.58 -27.36 -36.48
C ASN B 223 5.15 -26.98 -36.11
N GLY B 224 4.97 -26.48 -34.88
CA GLY B 224 3.64 -26.09 -34.44
C GLY B 224 2.78 -27.24 -33.97
N GLU B 225 3.39 -28.43 -33.85
CA GLU B 225 2.66 -29.60 -33.38
C GLU B 225 2.62 -29.59 -31.86
N ALA B 226 1.49 -29.99 -31.28
CA ALA B 226 1.35 -29.99 -29.83
C ALA B 226 0.98 -31.35 -29.23
N VAL B 227 1.40 -31.52 -27.99
CA VAL B 227 1.11 -32.73 -27.21
C VAL B 227 0.88 -32.23 -25.79
N TYR B 228 0.19 -33.03 -24.98
CA TYR B 228 -0.03 -32.65 -23.59
C TYR B 228 1.07 -33.32 -22.80
N CYS B 229 1.39 -32.80 -21.62
CA CYS B 229 2.44 -33.39 -20.81
C CYS B 229 2.25 -33.16 -19.33
N LYS B 230 3.08 -33.85 -18.56
CA LYS B 230 3.11 -33.71 -17.11
C LYS B 230 4.59 -33.69 -16.76
N PHE B 231 4.98 -32.82 -15.84
CA PHE B 231 6.37 -32.72 -15.43
C PHE B 231 6.59 -33.48 -14.12
N HIS B 232 7.69 -34.21 -14.06
CA HIS B 232 8.05 -35.00 -12.88
C HIS B 232 9.53 -34.76 -12.59
N TYR B 233 9.87 -34.35 -11.37
CA TYR B 233 11.27 -34.21 -11.01
C TYR B 233 11.52 -34.99 -9.73
N LYS B 234 12.05 -36.21 -9.92
CA LYS B 234 12.33 -37.15 -8.83
C LYS B 234 13.63 -36.82 -8.10
N THR B 235 13.61 -36.97 -6.78
CA THR B 235 14.79 -36.67 -5.98
C THR B 235 15.91 -37.69 -6.21
N ASP B 236 17.13 -37.20 -6.41
CA ASP B 236 18.26 -38.09 -6.60
C ASP B 236 18.78 -38.54 -5.23
N GLN B 237 18.29 -37.91 -4.17
CA GLN B 237 18.71 -38.26 -2.82
C GLN B 237 17.87 -39.42 -2.28
N GLY B 238 16.77 -39.72 -2.97
CA GLY B 238 15.90 -40.79 -2.53
C GLY B 238 14.81 -40.32 -1.60
N ILE B 239 13.66 -40.99 -1.69
CA ILE B 239 12.51 -40.66 -0.85
C ILE B 239 12.79 -41.04 0.59
N LYS B 240 12.57 -40.10 1.51
CA LYS B 240 12.77 -40.36 2.93
C LYS B 240 11.77 -39.51 3.72
N ASN B 241 11.05 -40.15 4.63
CA ASN B 241 10.04 -39.46 5.44
C ASN B 241 10.32 -39.56 6.93
N LEU B 242 9.69 -38.68 7.69
CA LEU B 242 9.84 -38.66 9.14
C LEU B 242 8.62 -39.33 9.77
N SER B 243 8.85 -40.14 10.79
CA SER B 243 7.75 -40.81 11.48
C SER B 243 6.96 -39.73 12.20
N VAL B 244 5.70 -40.02 12.53
CA VAL B 244 4.87 -39.06 13.24
C VAL B 244 5.53 -38.62 14.55
N GLU B 245 6.17 -39.56 15.24
CA GLU B 245 6.83 -39.24 16.50
C GLU B 245 8.00 -38.29 16.32
N ASP B 246 8.88 -38.59 15.37
CA ASP B 246 10.04 -37.74 15.12
C ASP B 246 9.63 -36.36 14.65
N ALA B 247 8.62 -36.30 13.78
CA ALA B 247 8.13 -35.03 13.25
C ALA B 247 7.59 -34.16 14.38
N ALA B 248 6.91 -34.79 15.32
CA ALA B 248 6.34 -34.09 16.45
C ALA B 248 7.46 -33.53 17.33
N ARG B 249 8.50 -34.34 17.55
CA ARG B 249 9.63 -33.91 18.37
C ARG B 249 10.34 -32.72 17.71
N LEU B 250 10.63 -32.87 16.43
CA LEU B 250 11.28 -31.82 15.67
C LEU B 250 10.43 -30.54 15.63
N ALA B 251 9.11 -30.72 15.61
CA ALA B 251 8.20 -29.58 15.56
C ALA B 251 8.55 -28.55 16.64
N HIS B 252 8.91 -29.02 17.83
CA HIS B 252 9.28 -28.07 18.89
C HIS B 252 10.79 -27.99 19.09
N GLU B 253 11.49 -29.07 18.76
CA GLU B 253 12.94 -29.12 18.90
C GLU B 253 13.62 -28.22 17.86
N ASP B 254 13.06 -28.21 16.66
CA ASP B 254 13.59 -27.37 15.59
C ASP B 254 12.51 -27.07 14.57
N PRO B 255 11.70 -26.04 14.82
CA PRO B 255 10.62 -25.64 13.91
C PRO B 255 11.13 -25.33 12.51
N ASP B 256 12.44 -25.10 12.40
CA ASP B 256 13.04 -24.77 11.11
C ASP B 256 13.96 -25.87 10.56
N TYR B 257 13.61 -27.12 10.85
CA TYR B 257 14.37 -28.30 10.41
C TYR B 257 14.65 -28.30 8.91
N GLY B 258 13.65 -27.98 8.10
CA GLY B 258 13.82 -27.98 6.67
C GLY B 258 14.79 -26.92 6.20
N LEU B 259 14.68 -25.73 6.76
CA LEU B 259 15.56 -24.61 6.43
C LEU B 259 17.00 -25.00 6.70
N ARG B 260 17.27 -25.40 7.94
CA ARG B 260 18.61 -25.78 8.37
C ARG B 260 19.19 -26.94 7.54
N ASP B 261 18.38 -27.98 7.33
CA ASP B 261 18.82 -29.14 6.57
C ASP B 261 19.30 -28.76 5.17
N LEU B 262 18.50 -27.96 4.47
CA LEU B 262 18.86 -27.53 3.12
C LEU B 262 20.08 -26.62 3.12
N PHE B 263 20.11 -25.65 4.03
CA PHE B 263 21.24 -24.72 4.07
C PHE B 263 22.55 -25.48 4.31
N ASN B 264 22.57 -26.34 5.31
CA ASN B 264 23.80 -27.09 5.63
C ASN B 264 24.23 -28.05 4.52
N ALA B 265 23.26 -28.67 3.86
CA ALA B 265 23.58 -29.59 2.78
C ALA B 265 24.37 -28.83 1.72
N ILE B 266 23.87 -27.67 1.33
CA ILE B 266 24.53 -26.86 0.30
C ILE B 266 25.84 -26.25 0.79
N ALA B 267 25.87 -25.79 2.04
CA ALA B 267 27.07 -25.19 2.60
C ALA B 267 28.23 -26.18 2.65
N THR B 268 27.91 -27.46 2.81
CA THR B 268 28.95 -28.49 2.89
C THR B 268 29.25 -29.17 1.55
N GLY B 269 28.67 -28.66 0.47
CA GLY B 269 28.93 -29.24 -0.84
C GLY B 269 28.08 -30.46 -1.18
N ASN B 270 27.14 -30.80 -0.31
CA ASN B 270 26.25 -31.94 -0.55
C ASN B 270 25.03 -31.42 -1.32
N TYR B 271 25.27 -30.94 -2.53
CA TYR B 271 24.21 -30.37 -3.37
C TYR B 271 23.11 -31.36 -3.74
N PRO B 272 21.86 -31.03 -3.39
CA PRO B 272 20.74 -31.93 -3.71
C PRO B 272 20.35 -31.73 -5.18
N SER B 273 19.89 -32.80 -5.82
CA SER B 273 19.48 -32.72 -7.22
C SER B 273 18.26 -33.57 -7.50
N TRP B 274 17.58 -33.23 -8.59
CA TRP B 274 16.37 -33.94 -9.01
C TRP B 274 16.47 -34.22 -10.50
N THR B 275 15.89 -35.33 -10.94
CA THR B 275 15.90 -35.67 -12.36
C THR B 275 14.54 -35.30 -12.93
N LEU B 276 14.54 -34.43 -13.93
CA LEU B 276 13.30 -33.99 -14.56
C LEU B 276 12.87 -34.91 -15.69
N TYR B 277 11.62 -35.35 -15.63
CA TYR B 277 11.03 -36.23 -16.64
C TYR B 277 9.73 -35.57 -17.09
N ILE B 278 9.18 -36.09 -18.18
CA ILE B 278 7.89 -35.62 -18.67
C ILE B 278 7.14 -36.86 -19.14
N GLN B 279 5.81 -36.79 -19.09
CA GLN B 279 4.97 -37.86 -19.60
C GLN B 279 4.35 -37.16 -20.77
N VAL B 280 4.09 -37.88 -21.85
CA VAL B 280 3.48 -37.26 -23.01
C VAL B 280 2.21 -38.00 -23.40
N MET B 281 1.17 -37.23 -23.69
CA MET B 281 -0.13 -37.78 -24.11
C MET B 281 -0.50 -36.98 -25.34
N THR B 282 -0.79 -37.66 -26.43
CA THR B 282 -1.17 -36.98 -27.66
C THR B 282 -2.60 -36.45 -27.52
N PHE B 283 -2.99 -35.54 -28.40
CA PHE B 283 -4.33 -34.99 -28.35
C PHE B 283 -5.35 -36.09 -28.63
N SER B 284 -4.96 -37.05 -29.45
CA SER B 284 -5.84 -38.17 -29.79
C SER B 284 -6.12 -38.99 -28.53
N GLU B 285 -5.06 -39.32 -27.80
CA GLU B 285 -5.19 -40.09 -26.57
C GLU B 285 -6.01 -39.36 -25.51
N ALA B 286 -5.90 -38.04 -25.47
CA ALA B 286 -6.65 -37.24 -24.50
C ALA B 286 -8.15 -37.36 -24.75
N GLU B 287 -8.51 -37.58 -26.01
CA GLU B 287 -9.91 -37.72 -26.38
C GLU B 287 -10.50 -39.05 -25.92
N ILE B 288 -9.63 -40.05 -25.71
CA ILE B 288 -10.07 -41.38 -25.31
C ILE B 288 -9.72 -41.78 -23.88
N PHE B 289 -8.86 -40.99 -23.22
CA PHE B 289 -8.47 -41.26 -21.84
C PHE B 289 -9.73 -41.53 -21.02
N PRO B 290 -9.73 -42.60 -20.20
CA PRO B 290 -10.88 -42.99 -19.36
C PRO B 290 -11.32 -41.97 -18.32
N PHE B 291 -10.50 -40.95 -18.10
CA PHE B 291 -10.81 -39.90 -17.12
C PHE B 291 -10.56 -38.59 -17.85
N ASN B 292 -10.85 -37.48 -17.19
CA ASN B 292 -10.59 -36.18 -17.78
C ASN B 292 -9.08 -36.06 -17.65
N PRO B 293 -8.36 -35.90 -18.78
CA PRO B 293 -6.90 -35.78 -18.73
C PRO B 293 -6.46 -34.50 -18.03
N PHE B 294 -7.39 -33.56 -17.88
CA PHE B 294 -7.10 -32.26 -17.27
C PHE B 294 -7.66 -32.14 -15.84
N ASP B 295 -8.02 -33.29 -15.27
CA ASP B 295 -8.56 -33.38 -13.91
C ASP B 295 -7.38 -33.50 -12.94
N LEU B 296 -7.17 -32.47 -12.13
CA LEU B 296 -6.05 -32.43 -11.19
C LEU B 296 -6.03 -33.52 -10.10
N THR B 297 -7.14 -34.23 -9.94
CA THR B 297 -7.19 -35.29 -8.93
C THR B 297 -6.82 -36.64 -9.56
N LYS B 298 -6.38 -36.62 -10.81
CA LYS B 298 -6.01 -37.84 -11.53
C LYS B 298 -4.56 -37.85 -12.00
N VAL B 299 -3.95 -39.04 -12.02
CA VAL B 299 -2.58 -39.18 -12.51
C VAL B 299 -2.65 -39.94 -13.84
N TRP B 300 -1.58 -39.89 -14.61
CA TRP B 300 -1.51 -40.62 -15.87
C TRP B 300 -0.70 -41.86 -15.54
N PRO B 301 -1.28 -43.06 -15.73
CA PRO B 301 -0.58 -44.31 -15.43
C PRO B 301 0.76 -44.40 -16.14
N HIS B 302 1.83 -44.64 -15.39
CA HIS B 302 3.16 -44.74 -15.97
C HIS B 302 3.24 -45.86 -17.00
N GLY B 303 2.42 -46.89 -16.81
CA GLY B 303 2.41 -48.01 -17.73
C GLY B 303 1.98 -47.60 -19.13
N ASP B 304 1.07 -46.63 -19.21
CA ASP B 304 0.58 -46.17 -20.51
C ASP B 304 1.28 -44.89 -20.94
N TYR B 305 1.86 -44.19 -19.98
CA TYR B 305 2.56 -42.95 -20.27
C TYR B 305 3.85 -42.94 -19.45
N PRO B 306 4.89 -43.59 -19.98
CA PRO B 306 6.19 -43.68 -19.33
C PRO B 306 6.91 -42.34 -19.16
N LEU B 307 7.76 -42.28 -18.14
CA LEU B 307 8.54 -41.07 -17.86
C LEU B 307 9.67 -40.93 -18.86
N ILE B 308 9.80 -39.75 -19.44
CA ILE B 308 10.83 -39.47 -20.44
C ILE B 308 11.85 -38.52 -19.81
N PRO B 309 13.11 -38.96 -19.69
CA PRO B 309 14.18 -38.15 -19.11
C PRO B 309 14.36 -36.85 -19.88
N VAL B 310 14.65 -35.76 -19.16
CA VAL B 310 14.84 -34.46 -19.78
C VAL B 310 16.13 -33.79 -19.34
N GLY B 311 16.30 -33.64 -18.03
CA GLY B 311 17.49 -33.00 -17.50
C GLY B 311 17.65 -33.13 -16.00
N LYS B 312 18.51 -32.31 -15.43
CA LYS B 312 18.78 -32.33 -14.00
C LYS B 312 18.63 -30.97 -13.33
N LEU B 313 18.06 -30.98 -12.14
CA LEU B 313 17.88 -29.77 -11.34
C LEU B 313 18.86 -29.90 -10.18
N VAL B 314 19.76 -28.92 -10.06
CA VAL B 314 20.78 -28.93 -9.02
C VAL B 314 20.78 -27.62 -8.23
N LEU B 315 20.78 -27.74 -6.91
CA LEU B 315 20.81 -26.56 -6.04
C LEU B 315 22.18 -26.53 -5.39
N ASN B 316 22.98 -25.52 -5.73
CA ASN B 316 24.33 -25.42 -5.20
C ASN B 316 24.69 -24.06 -4.62
N ARG B 317 23.69 -23.21 -4.40
CA ARG B 317 23.95 -21.88 -3.84
C ARG B 317 22.87 -21.48 -2.84
N ASN B 318 23.28 -21.12 -1.63
CA ASN B 318 22.34 -20.69 -0.59
C ASN B 318 22.03 -19.21 -0.75
N PRO B 319 20.90 -18.77 -0.17
CA PRO B 319 20.56 -17.35 -0.27
C PRO B 319 21.59 -16.60 0.58
N VAL B 320 21.88 -15.35 0.23
CA VAL B 320 22.81 -14.55 1.03
C VAL B 320 21.97 -13.75 2.02
N ASN B 321 20.82 -13.26 1.56
CA ASN B 321 19.88 -12.56 2.43
C ASN B 321 18.52 -13.19 2.17
N TYR B 322 17.99 -13.87 3.18
CA TYR B 322 16.72 -14.56 3.07
C TYR B 322 15.54 -13.70 2.61
N PHE B 323 15.33 -12.57 3.26
CA PHE B 323 14.21 -11.71 2.89
C PHE B 323 14.24 -11.30 1.42
N ALA B 324 15.37 -10.75 0.98
CA ALA B 324 15.52 -10.29 -0.40
C ALA B 324 15.40 -11.37 -1.45
N GLU B 325 16.05 -12.51 -1.22
CA GLU B 325 16.07 -13.60 -2.18
C GLU B 325 15.03 -14.70 -2.03
N VAL B 326 14.47 -14.85 -0.83
CA VAL B 326 13.48 -15.91 -0.64
C VAL B 326 12.08 -15.42 -0.30
N GLU B 327 11.94 -14.62 0.74
CA GLU B 327 10.62 -14.14 1.11
C GLU B 327 9.97 -13.37 -0.03
N GLN B 328 10.79 -12.62 -0.78
CA GLN B 328 10.28 -11.85 -1.91
C GLN B 328 10.17 -12.63 -3.23
N LEU B 329 10.58 -13.89 -3.24
CA LEU B 329 10.50 -14.70 -4.46
C LEU B 329 9.05 -14.80 -4.92
N ALA B 330 8.83 -14.62 -6.23
CA ALA B 330 7.48 -14.69 -6.80
C ALA B 330 7.44 -15.63 -8.02
N PHE B 331 6.64 -16.69 -7.91
CA PHE B 331 6.48 -17.67 -8.97
C PHE B 331 5.09 -17.52 -9.59
N ASP B 332 5.04 -17.33 -10.91
CA ASP B 332 3.75 -17.18 -11.62
C ASP B 332 3.60 -18.29 -12.67
N PRO B 333 2.64 -19.20 -12.47
CA PRO B 333 2.43 -20.28 -13.44
C PRO B 333 2.26 -19.74 -14.87
N SER B 334 1.76 -18.52 -14.98
CA SER B 334 1.55 -17.87 -16.27
C SER B 334 2.85 -17.48 -16.97
N ASN B 335 3.97 -17.54 -16.23
CA ASN B 335 5.28 -17.23 -16.80
C ASN B 335 5.70 -18.47 -17.60
N MET B 336 5.27 -18.54 -18.85
CA MET B 336 5.62 -19.67 -19.72
C MET B 336 6.21 -19.13 -21.02
N PRO B 337 7.37 -19.66 -21.42
CA PRO B 337 8.00 -19.19 -22.67
C PRO B 337 7.44 -19.96 -23.85
N PRO B 338 7.71 -19.51 -25.08
CA PRO B 338 7.20 -20.22 -26.26
C PRO B 338 7.63 -21.69 -26.16
N GLY B 339 6.74 -22.61 -26.52
CA GLY B 339 7.07 -24.02 -26.43
C GLY B 339 6.36 -24.70 -25.26
N ILE B 340 5.91 -23.90 -24.31
CA ILE B 340 5.21 -24.42 -23.13
C ILE B 340 3.92 -23.61 -22.96
N GLU B 341 2.79 -24.29 -22.82
CA GLU B 341 1.50 -23.62 -22.68
C GLU B 341 0.60 -24.35 -21.68
N PRO B 342 -0.48 -23.68 -21.25
CA PRO B 342 -1.38 -24.32 -20.29
C PRO B 342 -2.35 -25.26 -20.99
N SER B 343 -3.04 -26.08 -20.20
CA SER B 343 -4.04 -27.00 -20.72
C SER B 343 -5.35 -26.45 -20.16
N PRO B 344 -6.49 -27.05 -20.52
CA PRO B 344 -7.80 -26.58 -20.03
C PRO B 344 -8.07 -26.87 -18.54
N ASP B 345 -7.13 -27.53 -17.87
CA ASP B 345 -7.28 -27.83 -16.44
C ASP B 345 -7.87 -26.60 -15.75
N LYS B 346 -9.09 -26.73 -15.23
CA LYS B 346 -9.76 -25.60 -14.57
C LYS B 346 -8.93 -25.01 -13.42
N MET B 347 -8.20 -25.85 -12.71
CA MET B 347 -7.37 -25.37 -11.60
C MET B 347 -6.22 -24.53 -12.14
N LEU B 348 -5.52 -25.05 -13.14
CA LEU B 348 -4.39 -24.33 -13.73
C LEU B 348 -4.85 -22.99 -14.30
N GLN B 349 -5.98 -23.00 -15.00
CA GLN B 349 -6.53 -21.78 -15.58
C GLN B 349 -6.73 -20.72 -14.50
N GLY B 350 -7.22 -21.13 -13.34
CA GLY B 350 -7.42 -20.19 -12.25
C GLY B 350 -6.10 -19.65 -11.71
N ARG B 351 -5.08 -20.50 -11.67
CA ARG B 351 -3.76 -20.11 -11.18
C ARG B 351 -3.09 -19.11 -12.11
N LEU B 352 -3.47 -19.12 -13.39
CA LEU B 352 -2.91 -18.19 -14.35
C LEU B 352 -3.21 -16.77 -13.90
N PHE B 353 -4.35 -16.60 -13.22
CA PHE B 353 -4.75 -15.29 -12.71
C PHE B 353 -4.24 -14.97 -11.31
N ALA B 354 -4.47 -15.89 -10.37
CA ALA B 354 -4.14 -15.68 -8.97
C ALA B 354 -2.72 -15.30 -8.55
N TYR B 355 -1.70 -15.92 -9.14
CA TYR B 355 -0.35 -15.61 -8.69
C TYR B 355 0.13 -14.20 -8.99
N PRO B 356 0.02 -13.73 -10.25
CA PRO B 356 0.47 -12.37 -10.52
C PRO B 356 -0.37 -11.40 -9.67
N ASP B 357 -1.63 -11.74 -9.50
CA ASP B 357 -2.57 -10.92 -8.75
C ASP B 357 -2.15 -10.74 -7.30
N THR B 358 -1.87 -11.85 -6.62
CA THR B 358 -1.48 -11.79 -5.21
C THR B 358 -0.10 -11.16 -5.05
N HIS B 359 0.76 -11.33 -6.05
CA HIS B 359 2.10 -10.76 -6.01
C HIS B 359 2.06 -9.22 -6.08
N ARG B 360 1.14 -8.69 -6.89
CA ARG B 360 1.01 -7.24 -7.00
C ARG B 360 0.59 -6.70 -5.64
N HIS B 361 -0.12 -7.54 -4.87
CA HIS B 361 -0.56 -7.17 -3.52
C HIS B 361 0.53 -7.37 -2.47
N ARG B 362 1.01 -8.60 -2.37
CA ARG B 362 2.03 -8.96 -1.39
C ARG B 362 3.36 -8.23 -1.53
N LEU B 363 3.82 -8.08 -2.76
CA LEU B 363 5.09 -7.44 -3.02
C LEU B 363 4.93 -6.01 -3.54
N GLY B 364 4.16 -5.85 -4.60
CA GLY B 364 3.93 -4.52 -5.15
C GLY B 364 3.73 -4.60 -6.65
N PRO B 365 3.14 -3.56 -7.26
CA PRO B 365 2.90 -3.54 -8.71
C PRO B 365 4.13 -3.90 -9.54
N ASN B 366 5.30 -3.43 -9.11
CA ASN B 366 6.54 -3.70 -9.85
C ASN B 366 7.40 -4.80 -9.25
N TYR B 367 6.73 -5.83 -8.69
CA TYR B 367 7.44 -6.94 -8.07
C TYR B 367 8.37 -7.69 -9.02
N LEU B 368 8.12 -7.57 -10.33
CA LEU B 368 8.99 -8.25 -11.30
C LEU B 368 10.30 -7.51 -11.46
N GLN B 369 10.43 -6.36 -10.79
CA GLN B 369 11.65 -5.57 -10.84
C GLN B 369 12.54 -5.89 -9.64
N ILE B 370 12.02 -6.68 -8.70
CA ILE B 370 12.80 -7.08 -7.55
C ILE B 370 13.83 -8.04 -8.18
N PRO B 371 15.13 -7.85 -7.88
CA PRO B 371 16.20 -8.68 -8.43
C PRO B 371 15.94 -10.17 -8.63
N VAL B 372 15.56 -10.86 -7.56
CA VAL B 372 15.31 -12.30 -7.65
C VAL B 372 14.18 -12.68 -8.61
N ASN B 373 13.28 -11.73 -8.88
CA ASN B 373 12.17 -12.00 -9.79
C ASN B 373 12.37 -11.49 -11.20
N CYS B 374 13.40 -10.67 -11.42
CA CYS B 374 13.66 -10.12 -12.74
C CYS B 374 14.11 -11.19 -13.73
N PRO B 375 13.60 -11.14 -14.96
CA PRO B 375 14.01 -12.13 -15.96
C PRO B 375 15.31 -11.59 -16.55
N TYR B 376 16.39 -11.67 -15.76
CA TYR B 376 17.68 -11.13 -16.16
C TYR B 376 18.38 -11.83 -17.32
N ARG B 377 17.89 -12.99 -17.73
CA ARG B 377 18.50 -13.70 -18.85
C ARG B 377 17.78 -13.28 -20.12
N ALA B 378 16.76 -12.44 -19.98
CA ALA B 378 15.97 -11.95 -21.11
C ALA B 378 16.09 -10.44 -21.24
N ARG B 379 15.47 -9.89 -22.27
CA ARG B 379 15.49 -8.46 -22.48
C ARG B 379 14.06 -7.95 -22.44
N VAL B 380 13.66 -7.42 -21.28
CA VAL B 380 12.31 -6.91 -21.14
C VAL B 380 12.15 -5.60 -21.89
N ALA B 381 11.21 -5.58 -22.81
CA ALA B 381 10.94 -4.38 -23.61
C ALA B 381 9.47 -4.41 -23.98
N ASN B 382 8.74 -3.39 -23.53
CA ASN B 382 7.31 -3.32 -23.78
C ASN B 382 6.79 -1.89 -23.67
N TYR B 383 5.47 -1.77 -23.53
CA TYR B 383 4.85 -0.47 -23.43
C TYR B 383 4.27 -0.21 -22.04
N GLN B 384 4.79 -0.93 -21.07
CA GLN B 384 4.37 -0.80 -19.68
C GLN B 384 5.25 0.28 -19.01
N ARG B 385 4.65 1.12 -18.18
CA ARG B 385 5.37 2.21 -17.53
C ARG B 385 4.89 2.56 -16.14
N ASP B 386 5.78 3.22 -15.39
CA ASP B 386 5.50 3.73 -14.06
C ASP B 386 5.13 2.73 -12.96
N GLY B 387 4.18 3.12 -12.13
CA GLY B 387 3.77 2.27 -11.02
C GLY B 387 4.67 2.55 -9.82
N PRO B 388 4.19 2.30 -8.58
CA PRO B 388 5.01 2.55 -7.39
C PRO B 388 6.34 1.80 -7.36
N MET B 389 7.33 2.42 -6.73
CA MET B 389 8.68 1.85 -6.60
C MET B 389 9.21 1.40 -7.95
N CYS B 390 9.21 2.33 -8.90
CA CYS B 390 9.69 2.08 -10.25
C CYS B 390 11.22 2.19 -10.27
N MET B 391 11.88 1.08 -10.59
CA MET B 391 13.34 1.04 -10.62
C MET B 391 13.94 1.24 -12.01
N MET B 392 15.25 1.03 -12.11
CA MET B 392 15.95 1.18 -13.36
C MET B 392 15.63 2.53 -13.98
N ASP B 393 15.39 2.56 -15.29
CA ASP B 393 15.07 3.82 -15.93
C ASP B 393 13.66 3.87 -16.50
N ASN B 394 12.83 2.89 -16.13
CA ASN B 394 11.44 2.86 -16.59
C ASN B 394 11.41 2.89 -18.13
N GLN B 395 12.40 2.24 -18.74
CA GLN B 395 12.54 2.16 -20.20
C GLN B 395 12.79 3.52 -20.86
N GLY B 396 13.36 4.44 -20.08
CA GLY B 396 13.71 5.76 -20.56
C GLY B 396 12.68 6.58 -21.34
N GLY B 397 13.11 7.14 -22.46
CA GLY B 397 12.23 7.95 -23.27
C GLY B 397 11.66 7.24 -24.47
N ALA B 398 11.73 5.91 -24.48
CA ALA B 398 11.21 5.12 -25.59
C ALA B 398 9.71 5.34 -25.77
N PRO B 399 9.23 5.38 -27.03
CA PRO B 399 7.81 5.57 -27.33
C PRO B 399 7.00 4.61 -26.44
N ASN B 400 5.94 5.11 -25.81
CA ASN B 400 5.17 4.28 -24.89
C ASN B 400 3.81 3.77 -25.36
N TYR B 401 3.57 3.84 -26.66
CA TYR B 401 2.31 3.37 -27.23
C TYR B 401 2.60 2.48 -28.44
N TYR B 402 1.76 1.47 -28.63
CA TYR B 402 1.91 0.51 -29.72
C TYR B 402 0.59 0.37 -30.47
N PRO B 403 0.62 0.40 -31.81
CA PRO B 403 1.79 0.54 -32.67
C PRO B 403 2.28 1.98 -32.76
N ASN B 404 3.48 2.16 -33.27
CA ASN B 404 4.06 3.49 -33.42
C ASN B 404 5.03 3.48 -34.59
N SER B 405 5.31 4.65 -35.13
CA SER B 405 6.21 4.78 -36.25
C SER B 405 7.57 5.25 -35.77
N PHE B 406 7.94 4.90 -34.54
CA PHE B 406 9.20 5.36 -34.00
C PHE B 406 10.21 4.29 -33.57
N SER B 407 10.04 3.10 -34.13
CA SER B 407 10.94 1.98 -33.88
C SER B 407 11.03 1.39 -32.47
N ALA B 408 9.94 1.49 -31.71
CA ALA B 408 9.91 0.93 -30.37
C ALA B 408 9.68 -0.59 -30.56
N PRO B 409 9.71 -1.38 -29.46
CA PRO B 409 9.51 -2.83 -29.53
C PRO B 409 8.32 -3.32 -30.37
N GLU B 410 8.51 -4.46 -31.03
CA GLU B 410 7.46 -5.05 -31.86
C GLU B 410 7.23 -6.51 -31.49
N HIS B 411 5.98 -6.95 -31.55
CA HIS B 411 5.67 -8.33 -31.22
C HIS B 411 6.33 -9.23 -32.27
N GLN B 412 6.46 -10.52 -31.95
CA GLN B 412 7.10 -11.48 -32.83
C GLN B 412 6.14 -12.65 -33.09
N PRO B 413 5.52 -12.68 -34.28
CA PRO B 413 4.57 -13.75 -34.65
C PRO B 413 5.00 -15.19 -34.37
N SER B 414 6.30 -15.45 -34.34
CA SER B 414 6.77 -16.80 -34.07
C SER B 414 6.43 -17.23 -32.65
N ALA B 415 6.12 -16.25 -31.79
CA ALA B 415 5.78 -16.55 -30.40
C ALA B 415 4.29 -16.78 -30.19
N LEU B 416 3.51 -16.74 -31.28
CA LEU B 416 2.08 -16.96 -31.18
C LEU B 416 1.76 -18.30 -30.54
N GLU B 417 0.69 -18.34 -29.75
CA GLU B 417 0.28 -19.55 -29.06
C GLU B 417 -0.34 -20.57 -30.02
N HIS B 418 -0.20 -21.85 -29.67
CA HIS B 418 -0.75 -22.94 -30.47
C HIS B 418 -2.27 -22.82 -30.48
N ARG B 419 -2.88 -23.10 -31.63
CA ARG B 419 -4.33 -23.00 -31.76
C ARG B 419 -5.09 -24.31 -31.56
N THR B 420 -6.00 -24.30 -30.59
CA THR B 420 -6.83 -25.46 -30.27
C THR B 420 -8.28 -25.06 -30.54
N HIS B 421 -9.08 -26.01 -31.02
CA HIS B 421 -10.48 -25.74 -31.31
C HIS B 421 -11.35 -26.13 -30.12
N PHE B 422 -12.38 -25.33 -29.86
CA PHE B 422 -13.31 -25.62 -28.78
C PHE B 422 -14.72 -25.36 -29.24
N SER B 423 -15.66 -26.16 -28.76
CA SER B 423 -17.06 -26.00 -29.11
C SER B 423 -17.90 -26.29 -27.87
N GLY B 424 -18.75 -25.33 -27.49
CA GLY B 424 -19.56 -25.54 -26.30
C GLY B 424 -20.26 -24.29 -25.81
N ASP B 425 -21.17 -24.47 -24.87
CA ASP B 425 -21.89 -23.34 -24.31
C ASP B 425 -21.07 -22.73 -23.19
N VAL B 426 -21.30 -21.45 -22.94
CA VAL B 426 -20.61 -20.75 -21.88
C VAL B 426 -21.44 -21.07 -20.65
N GLN B 427 -20.98 -22.03 -19.85
CA GLN B 427 -21.69 -22.45 -18.66
C GLN B 427 -20.77 -22.96 -17.57
N ARG B 428 -21.37 -23.19 -16.41
CA ARG B 428 -20.66 -23.71 -15.26
C ARG B 428 -20.97 -25.20 -15.23
N PHE B 429 -20.09 -25.98 -15.83
CA PHE B 429 -20.25 -27.42 -15.91
C PHE B 429 -19.75 -28.06 -14.63
N ASN B 430 -20.54 -29.00 -14.11
CA ASN B 430 -20.19 -29.67 -12.86
C ASN B 430 -19.07 -30.69 -13.05
N SER B 431 -18.15 -30.75 -12.09
CA SER B 431 -17.04 -31.69 -12.14
C SER B 431 -16.95 -32.38 -10.77
N ALA B 432 -17.89 -32.08 -9.89
CA ALA B 432 -17.90 -32.65 -8.55
C ALA B 432 -17.95 -34.18 -8.52
N ASN B 433 -18.55 -34.79 -9.54
CA ASN B 433 -18.68 -36.23 -9.55
C ASN B 433 -17.89 -36.95 -10.64
N ASP B 434 -16.76 -36.39 -11.03
CA ASP B 434 -15.91 -36.99 -12.06
C ASP B 434 -15.02 -38.10 -11.49
N ASP B 435 -15.64 -39.24 -11.21
CA ASP B 435 -14.96 -40.42 -10.65
C ASP B 435 -14.01 -40.07 -9.51
N ASN B 436 -14.52 -40.07 -8.29
CA ASN B 436 -13.70 -39.73 -7.13
C ASN B 436 -13.03 -40.89 -6.44
N VAL B 437 -13.28 -42.13 -6.89
CA VAL B 437 -12.69 -43.28 -6.20
C VAL B 437 -11.77 -44.24 -6.93
N THR B 438 -12.04 -44.48 -8.22
CA THR B 438 -11.25 -45.42 -9.00
C THR B 438 -9.73 -45.41 -8.77
N GLN B 439 -9.08 -44.29 -9.06
CA GLN B 439 -7.63 -44.22 -8.87
C GLN B 439 -7.26 -44.29 -7.40
N VAL B 440 -8.16 -43.87 -6.53
CA VAL B 440 -7.89 -43.91 -5.09
C VAL B 440 -7.82 -45.37 -4.64
N ARG B 441 -8.70 -46.20 -5.21
CA ARG B 441 -8.71 -47.61 -4.87
C ARG B 441 -7.40 -48.28 -5.28
N THR B 442 -6.91 -47.97 -6.48
CA THR B 442 -5.66 -48.56 -6.95
C THR B 442 -4.52 -48.09 -6.03
N PHE B 443 -4.57 -46.84 -5.60
CA PHE B 443 -3.53 -46.32 -4.72
C PHE B 443 -3.50 -47.10 -3.40
N TYR B 444 -4.67 -47.24 -2.80
CA TYR B 444 -4.82 -47.94 -1.53
C TYR B 444 -4.41 -49.42 -1.56
N LEU B 445 -4.92 -50.15 -2.55
CA LEU B 445 -4.67 -51.58 -2.70
C LEU B 445 -3.38 -51.94 -3.41
N LYS B 446 -3.06 -51.16 -4.45
CA LYS B 446 -1.89 -51.45 -5.27
C LYS B 446 -0.63 -50.64 -4.95
N VAL B 447 -0.77 -49.33 -4.81
CA VAL B 447 0.38 -48.48 -4.54
C VAL B 447 0.97 -48.68 -3.15
N LEU B 448 0.10 -48.79 -2.15
CA LEU B 448 0.55 -48.99 -0.78
C LEU B 448 0.61 -50.46 -0.42
N ASN B 449 1.40 -50.78 0.60
CA ASN B 449 1.50 -52.15 1.07
C ASN B 449 0.66 -52.22 2.33
N GLU B 450 0.62 -53.38 2.97
CA GLU B 450 -0.16 -53.54 4.18
C GLU B 450 0.30 -52.63 5.32
N GLU B 451 1.60 -52.59 5.55
CA GLU B 451 2.17 -51.78 6.61
C GLU B 451 1.82 -50.28 6.48
N GLN B 452 1.94 -49.75 5.27
CA GLN B 452 1.64 -48.35 5.08
C GLN B 452 0.12 -48.07 5.08
N ARG B 453 -0.67 -49.11 4.80
CA ARG B 453 -2.13 -48.95 4.81
C ARG B 453 -2.56 -48.83 6.26
N LYS B 454 -1.87 -49.54 7.13
CA LYS B 454 -2.17 -49.51 8.57
C LYS B 454 -1.91 -48.11 9.07
N ARG B 455 -0.75 -47.56 8.69
CA ARG B 455 -0.35 -46.21 9.09
C ARG B 455 -1.31 -45.16 8.54
N LEU B 456 -1.68 -45.32 7.28
CA LEU B 456 -2.60 -44.39 6.63
C LEU B 456 -3.87 -44.21 7.44
N CYS B 457 -4.51 -45.32 7.80
CA CYS B 457 -5.75 -45.26 8.57
C CYS B 457 -5.58 -44.70 9.97
N GLU B 458 -4.45 -45.02 10.61
CA GLU B 458 -4.19 -44.52 11.95
C GLU B 458 -4.03 -42.99 11.90
N ASN B 459 -3.27 -42.52 10.92
CA ASN B 459 -3.03 -41.09 10.73
C ASN B 459 -4.33 -40.36 10.50
N ILE B 460 -5.19 -40.92 9.64
CA ILE B 460 -6.48 -40.31 9.34
C ILE B 460 -7.38 -40.27 10.57
N ALA B 461 -7.58 -41.44 11.19
CA ALA B 461 -8.42 -41.54 12.39
C ALA B 461 -7.91 -40.64 13.51
N GLY B 462 -6.61 -40.51 13.62
CA GLY B 462 -6.02 -39.67 14.65
C GLY B 462 -6.43 -38.21 14.53
N HIS B 463 -6.77 -37.80 13.32
CA HIS B 463 -7.19 -36.43 13.06
C HIS B 463 -8.71 -36.32 12.99
N LEU B 464 -9.34 -37.28 12.32
CA LEU B 464 -10.79 -37.31 12.15
C LEU B 464 -11.55 -37.42 13.46
N LYS B 465 -10.95 -38.10 14.44
CA LYS B 465 -11.57 -38.32 15.74
C LYS B 465 -12.03 -37.05 16.47
N ASP B 466 -11.43 -35.92 16.14
CA ASP B 466 -11.79 -34.67 16.82
C ASP B 466 -12.96 -33.94 16.18
N ALA B 467 -13.42 -34.43 15.03
CA ALA B 467 -14.55 -33.82 14.35
C ALA B 467 -15.83 -34.41 14.92
N GLN B 468 -16.96 -33.73 14.70
CA GLN B 468 -18.25 -34.22 15.20
C GLN B 468 -18.59 -35.56 14.56
N LEU B 469 -19.33 -36.38 15.30
CA LEU B 469 -19.73 -37.70 14.81
C LEU B 469 -20.39 -37.71 13.44
N PHE B 470 -21.29 -36.76 13.16
CA PHE B 470 -21.93 -36.77 11.86
C PHE B 470 -20.91 -36.56 10.74
N ILE B 471 -19.86 -35.80 11.04
CA ILE B 471 -18.80 -35.55 10.06
C ILE B 471 -17.97 -36.81 9.88
N GLN B 472 -17.64 -37.47 10.98
CA GLN B 472 -16.87 -38.71 10.92
C GLN B 472 -17.62 -39.70 10.05
N LYS B 473 -18.92 -39.80 10.28
CA LYS B 473 -19.79 -40.71 9.53
C LYS B 473 -19.64 -40.51 8.02
N LYS B 474 -19.87 -39.27 7.58
CA LYS B 474 -19.77 -38.91 6.17
C LYS B 474 -18.39 -39.20 5.59
N ALA B 475 -17.35 -38.81 6.33
CA ALA B 475 -15.99 -39.05 5.88
C ALA B 475 -15.74 -40.54 5.70
N VAL B 476 -16.21 -41.33 6.66
CA VAL B 476 -16.03 -42.79 6.60
C VAL B 476 -16.76 -43.38 5.41
N LYS B 477 -17.95 -42.86 5.11
CA LYS B 477 -18.72 -43.36 3.97
C LYS B 477 -17.92 -43.17 2.69
N ASN B 478 -17.22 -42.04 2.57
CA ASN B 478 -16.41 -41.78 1.39
C ASN B 478 -15.26 -42.77 1.28
N PHE B 479 -14.57 -43.00 2.39
CA PHE B 479 -13.46 -43.95 2.39
C PHE B 479 -13.97 -45.35 2.04
N SER B 480 -15.16 -45.68 2.53
CA SER B 480 -15.76 -46.97 2.23
C SER B 480 -16.06 -47.06 0.74
N ASP B 481 -16.43 -45.93 0.14
CA ASP B 481 -16.72 -45.89 -1.29
C ASP B 481 -15.46 -46.27 -2.06
N VAL B 482 -14.31 -45.89 -1.53
CA VAL B 482 -13.04 -46.22 -2.18
C VAL B 482 -12.88 -47.74 -2.07
N HIS B 483 -13.04 -48.24 -0.85
CA HIS B 483 -12.94 -49.67 -0.59
C HIS B 483 -13.50 -49.93 0.81
N PRO B 484 -14.43 -50.90 0.93
CA PRO B 484 -15.04 -51.23 2.22
C PRO B 484 -14.05 -51.33 3.37
N GLU B 485 -12.90 -51.94 3.12
CA GLU B 485 -11.87 -52.11 4.14
C GLU B 485 -11.21 -50.79 4.51
N TYR B 486 -11.18 -49.85 3.58
CA TYR B 486 -10.58 -48.54 3.84
C TYR B 486 -11.40 -47.88 4.94
N GLY B 487 -12.70 -47.80 4.72
CA GLY B 487 -13.57 -47.18 5.70
C GLY B 487 -13.67 -47.99 6.99
N SER B 488 -13.74 -49.32 6.86
CA SER B 488 -13.85 -50.22 8.00
C SER B 488 -12.74 -50.04 9.02
N ARG B 489 -11.50 -50.04 8.54
CA ARG B 489 -10.35 -49.87 9.41
C ARG B 489 -10.39 -48.52 10.12
N ILE B 490 -10.69 -47.47 9.38
CA ILE B 490 -10.77 -46.14 9.96
C ILE B 490 -11.87 -46.11 11.03
N GLN B 491 -13.03 -46.64 10.70
CA GLN B 491 -14.16 -46.65 11.63
C GLN B 491 -13.80 -47.36 12.94
N ALA B 492 -13.09 -48.48 12.84
CA ALA B 492 -12.70 -49.22 14.04
C ALA B 492 -11.82 -48.33 14.92
N LEU B 493 -10.91 -47.59 14.31
CA LEU B 493 -10.04 -46.69 15.05
C LEU B 493 -10.85 -45.58 15.72
N LEU B 494 -11.78 -45.01 14.98
CA LEU B 494 -12.62 -43.94 15.50
C LEU B 494 -13.43 -44.43 16.70
N ASP B 495 -13.92 -45.66 16.63
CA ASP B 495 -14.70 -46.22 17.72
C ASP B 495 -13.85 -46.34 18.98
N LYS B 496 -12.59 -46.69 18.81
CA LYS B 496 -11.67 -46.81 19.93
C LYS B 496 -11.44 -45.42 20.53
N TYR B 497 -11.29 -44.43 19.65
CA TYR B 497 -11.07 -43.06 20.10
C TYR B 497 -12.27 -42.45 20.82
N ASN B 498 -13.45 -42.60 20.22
CA ASN B 498 -14.66 -42.06 20.82
C ASN B 498 -15.13 -42.92 22.00
N GLU B 499 -14.18 -43.65 22.59
CA GLU B 499 -14.45 -44.51 23.74
C GLU B 499 -15.46 -45.61 23.40
N ASN C 1 -20.25 -33.68 23.38
CA ASN C 1 -19.89 -32.23 23.28
C ASN C 1 -18.47 -32.00 23.78
N ARG C 2 -17.82 -30.95 23.29
CA ARG C 2 -16.46 -30.64 23.70
C ARG C 2 -16.40 -29.24 24.31
N ASP C 3 -15.20 -28.67 24.29
CA ASP C 3 -14.99 -27.32 24.82
C ASP C 3 -15.68 -26.31 23.90
N PRO C 4 -16.02 -25.13 24.44
CA PRO C 4 -16.69 -24.09 23.65
C PRO C 4 -15.96 -23.74 22.35
N ALA C 5 -14.65 -23.60 22.42
CA ALA C 5 -13.85 -23.25 21.25
C ALA C 5 -14.09 -24.24 20.11
N SER C 6 -14.04 -25.52 20.43
CA SER C 6 -14.26 -26.58 19.44
C SER C 6 -15.65 -26.53 18.82
N ASP C 7 -16.64 -26.13 19.61
CA ASP C 7 -18.01 -26.08 19.12
C ASP C 7 -18.42 -24.73 18.54
N GLN C 8 -17.44 -23.92 18.15
CA GLN C 8 -17.72 -22.60 17.59
C GLN C 8 -18.73 -22.67 16.42
N MET C 9 -18.45 -23.48 15.41
CA MET C 9 -19.37 -23.57 14.27
C MET C 9 -20.69 -24.23 14.67
N LYS C 10 -20.60 -25.29 15.47
CA LYS C 10 -21.80 -25.98 15.92
C LYS C 10 -22.74 -24.98 16.59
N HIS C 11 -22.17 -24.10 17.41
CA HIS C 11 -22.96 -23.10 18.11
C HIS C 11 -23.49 -22.01 17.18
N TRP C 12 -22.69 -21.62 16.18
CA TRP C 12 -23.12 -20.60 15.24
C TRP C 12 -24.38 -21.09 14.52
N LYS C 13 -24.32 -22.33 14.05
CA LYS C 13 -25.43 -22.94 13.34
C LYS C 13 -26.67 -23.02 14.23
N GLU C 14 -26.48 -23.41 15.49
CA GLU C 14 -27.61 -23.52 16.40
C GLU C 14 -28.30 -22.19 16.69
N GLN C 15 -27.53 -21.17 17.04
CA GLN C 15 -28.11 -19.86 17.34
C GLN C 15 -28.71 -19.17 16.13
N ARG C 16 -28.86 -19.94 15.05
CA ARG C 16 -29.43 -19.42 13.82
C ARG C 16 -30.54 -20.37 13.36
N ALA C 17 -30.71 -21.45 14.12
CA ALA C 17 -31.71 -22.47 13.83
C ALA C 17 -33.00 -21.91 13.25
N ALA C 18 -33.55 -22.63 12.28
CA ALA C 18 -34.79 -22.24 11.60
C ALA C 18 -34.55 -21.25 10.46
N GLN C 19 -33.72 -20.25 10.71
CA GLN C 19 -33.43 -19.24 9.69
C GLN C 19 -32.87 -19.86 8.43
N LYS C 20 -33.38 -19.42 7.29
CA LYS C 20 -32.93 -19.93 6.00
C LYS C 20 -31.58 -19.28 5.73
N PRO C 21 -30.61 -20.08 5.23
CA PRO C 21 -29.29 -19.48 4.95
C PRO C 21 -29.38 -18.31 3.98
N ASP C 22 -28.51 -17.32 4.16
CA ASP C 22 -28.51 -16.15 3.30
C ASP C 22 -28.08 -16.49 1.88
N VAL C 23 -28.44 -15.63 0.94
CA VAL C 23 -28.08 -15.83 -0.45
C VAL C 23 -26.60 -15.44 -0.62
N LEU C 24 -25.83 -16.34 -1.22
CA LEU C 24 -24.41 -16.10 -1.43
C LEU C 24 -24.23 -15.08 -2.55
N THR C 25 -23.53 -14.00 -2.24
CA THR C 25 -23.31 -12.95 -3.24
C THR C 25 -21.84 -12.63 -3.52
N THR C 26 -21.62 -11.82 -4.55
CA THR C 26 -20.30 -11.37 -4.89
C THR C 26 -20.06 -10.18 -3.95
N GLY C 27 -18.87 -9.62 -3.97
CA GLY C 27 -18.60 -8.47 -3.10
C GLY C 27 -19.52 -7.30 -3.41
N GLY C 28 -19.95 -7.22 -4.67
CA GLY C 28 -20.83 -6.15 -5.10
C GLY C 28 -22.30 -6.42 -4.82
N GLY C 29 -22.57 -7.50 -4.10
CA GLY C 29 -23.95 -7.82 -3.75
C GLY C 29 -24.77 -8.58 -4.79
N ASN C 30 -24.15 -8.99 -5.89
CA ASN C 30 -24.87 -9.73 -6.92
C ASN C 30 -24.97 -11.19 -6.50
N PRO C 31 -26.18 -11.77 -6.54
CA PRO C 31 -26.37 -13.17 -6.15
C PRO C 31 -25.60 -14.11 -7.10
N VAL C 32 -25.04 -15.18 -6.53
CA VAL C 32 -24.27 -16.14 -7.28
C VAL C 32 -25.10 -17.39 -7.60
N GLY C 33 -25.05 -17.83 -8.86
CA GLY C 33 -25.81 -19.00 -9.27
C GLY C 33 -25.19 -20.33 -8.88
N ASP C 34 -23.89 -20.46 -9.06
CA ASP C 34 -23.17 -21.68 -8.73
C ASP C 34 -21.74 -21.27 -8.42
N LYS C 35 -21.38 -21.26 -7.15
CA LYS C 35 -20.02 -20.87 -6.77
C LYS C 35 -19.10 -22.07 -6.60
N LEU C 36 -19.47 -23.20 -7.19
CA LEU C 36 -18.67 -24.41 -7.07
C LEU C 36 -18.09 -24.86 -8.42
N ASN C 37 -18.55 -24.23 -9.50
CA ASN C 37 -18.06 -24.58 -10.82
C ASN C 37 -17.75 -23.33 -11.63
N SER C 38 -16.56 -23.29 -12.22
CA SER C 38 -16.11 -22.15 -13.01
C SER C 38 -16.85 -22.05 -14.34
N LEU C 39 -16.82 -20.86 -14.93
CA LEU C 39 -17.49 -20.60 -16.20
C LEU C 39 -16.51 -20.85 -17.35
N THR C 40 -16.81 -21.86 -18.16
CA THR C 40 -15.94 -22.23 -19.27
C THR C 40 -16.74 -22.43 -20.56
N VAL C 41 -16.02 -22.57 -21.66
CA VAL C 41 -16.64 -22.83 -22.95
C VAL C 41 -16.58 -24.34 -23.11
N GLY C 42 -17.66 -25.02 -22.72
CA GLY C 42 -17.67 -26.47 -22.80
C GLY C 42 -17.12 -27.06 -21.52
N PRO C 43 -17.43 -28.32 -21.20
CA PRO C 43 -16.99 -29.03 -19.99
C PRO C 43 -15.47 -29.06 -19.81
N ARG C 44 -14.75 -29.22 -20.92
CA ARG C 44 -13.31 -29.27 -20.84
C ARG C 44 -12.69 -28.15 -21.65
N GLY C 45 -13.34 -26.98 -21.56
CA GLY C 45 -12.88 -25.80 -22.27
C GLY C 45 -12.16 -24.83 -21.36
N PRO C 46 -11.65 -23.72 -21.91
CA PRO C 46 -10.91 -22.71 -21.14
C PRO C 46 -11.77 -21.81 -20.25
N LEU C 47 -11.14 -21.29 -19.20
CA LEU C 47 -11.80 -20.40 -18.25
C LEU C 47 -11.99 -19.02 -18.87
N LEU C 48 -13.16 -18.42 -18.61
CA LEU C 48 -13.46 -17.12 -19.17
C LEU C 48 -13.28 -15.93 -18.23
N VAL C 49 -12.88 -14.81 -18.82
CA VAL C 49 -12.71 -13.58 -18.06
C VAL C 49 -14.10 -13.16 -17.58
N GLN C 50 -15.13 -13.57 -18.33
CA GLN C 50 -16.53 -13.28 -17.99
C GLN C 50 -16.91 -13.87 -16.65
N ASP C 51 -16.13 -14.83 -16.15
CA ASP C 51 -16.44 -15.39 -14.84
C ASP C 51 -15.99 -14.38 -13.81
N VAL C 52 -16.86 -13.40 -13.53
CA VAL C 52 -16.53 -12.36 -12.56
C VAL C 52 -16.80 -12.83 -11.13
N VAL C 53 -17.46 -13.97 -10.99
CA VAL C 53 -17.74 -14.53 -9.68
C VAL C 53 -16.39 -15.06 -9.17
N PHE C 54 -15.67 -15.74 -10.05
CA PHE C 54 -14.37 -16.29 -9.71
C PHE C 54 -13.35 -15.19 -9.39
N THR C 55 -13.21 -14.23 -10.29
CA THR C 55 -12.26 -13.16 -10.09
C THR C 55 -12.54 -12.34 -8.83
N ASP C 56 -13.81 -11.99 -8.61
CA ASP C 56 -14.18 -11.24 -7.43
C ASP C 56 -13.75 -11.98 -6.16
N GLU C 57 -14.06 -13.28 -6.10
CA GLU C 57 -13.69 -14.06 -4.92
C GLU C 57 -12.19 -14.33 -4.83
N MET C 58 -11.57 -14.72 -5.94
CA MET C 58 -10.14 -15.02 -5.93
C MET C 58 -9.29 -13.79 -5.65
N ALA C 59 -9.68 -12.63 -6.19
CA ALA C 59 -8.92 -11.40 -5.97
C ALA C 59 -8.92 -11.03 -4.50
N HIS C 60 -10.03 -11.29 -3.82
CA HIS C 60 -10.08 -10.96 -2.41
C HIS C 60 -9.26 -11.96 -1.61
N PHE C 61 -9.35 -13.23 -1.98
CA PHE C 61 -8.57 -14.25 -1.29
C PHE C 61 -7.08 -13.91 -1.43
N ASP C 62 -6.69 -13.43 -2.59
CA ASP C 62 -5.31 -13.06 -2.86
C ASP C 62 -4.82 -11.87 -2.04
N ARG C 63 -5.76 -11.15 -1.42
CA ARG C 63 -5.44 -9.97 -0.61
C ARG C 63 -5.83 -10.08 0.87
N GLU C 64 -6.04 -11.31 1.35
CA GLU C 64 -6.45 -11.50 2.74
C GLU C 64 -5.41 -11.09 3.78
N ARG C 65 -4.15 -11.30 3.48
CA ARG C 65 -3.08 -11.00 4.44
C ARG C 65 -2.57 -9.57 4.49
N ILE C 66 -2.27 -9.12 5.71
CA ILE C 66 -1.70 -7.81 5.94
C ILE C 66 -0.41 -8.13 6.70
N PRO C 67 0.54 -7.19 6.73
CA PRO C 67 1.79 -7.47 7.46
C PRO C 67 1.51 -7.82 8.92
N GLU C 68 2.21 -8.80 9.47
CA GLU C 68 1.99 -9.11 10.88
C GLU C 68 2.72 -8.03 11.67
N ARG C 69 2.43 -7.94 12.97
CA ARG C 69 3.08 -6.96 13.84
C ARG C 69 4.59 -7.22 13.77
N VAL C 70 5.39 -6.16 13.68
CA VAL C 70 6.84 -6.35 13.61
C VAL C 70 7.36 -7.04 14.87
N VAL C 71 6.64 -6.87 15.97
CA VAL C 71 7.00 -7.51 17.24
C VAL C 71 5.66 -7.90 17.87
N HIS C 72 5.64 -8.96 18.69
CA HIS C 72 4.41 -9.40 19.34
C HIS C 72 3.37 -9.87 18.31
N ALA C 73 3.83 -10.51 17.23
CA ALA C 73 2.93 -10.97 16.18
C ALA C 73 1.93 -12.06 16.59
N LYS C 74 2.32 -12.92 17.52
CA LYS C 74 1.45 -14.02 17.96
C LYS C 74 0.70 -13.66 19.24
N GLY C 75 -0.62 -13.52 19.14
CA GLY C 75 -1.39 -13.17 20.32
C GLY C 75 -2.83 -13.63 20.36
N ALA C 76 -3.51 -13.21 21.43
CA ALA C 76 -4.91 -13.53 21.67
C ALA C 76 -5.57 -12.27 22.22
N GLY C 77 -6.84 -12.09 21.91
CA GLY C 77 -7.54 -10.92 22.41
C GLY C 77 -8.86 -11.21 23.09
N ALA C 78 -9.35 -10.23 23.85
CA ALA C 78 -10.62 -10.34 24.55
C ALA C 78 -11.11 -8.95 24.92
N PHE C 79 -12.38 -8.86 25.32
CA PHE C 79 -12.94 -7.58 25.68
C PHE C 79 -13.66 -7.65 27.02
N GLY C 80 -13.84 -6.48 27.64
CA GLY C 80 -14.50 -6.44 28.92
C GLY C 80 -14.62 -5.01 29.41
N TYR C 81 -14.37 -4.81 30.70
CA TYR C 81 -14.49 -3.48 31.26
C TYR C 81 -13.51 -3.21 32.38
N PHE C 82 -13.28 -1.92 32.63
CA PHE C 82 -12.42 -1.49 33.70
C PHE C 82 -13.39 -0.86 34.67
N GLU C 83 -13.25 -1.17 35.96
CA GLU C 83 -14.14 -0.61 36.97
C GLU C 83 -13.32 0.05 38.07
N VAL C 84 -13.57 1.34 38.30
CA VAL C 84 -12.88 2.05 39.35
C VAL C 84 -13.36 1.52 40.69
N THR C 85 -12.43 1.16 41.57
CA THR C 85 -12.79 0.66 42.88
C THR C 85 -12.25 1.57 43.98
N HIS C 86 -11.23 2.37 43.64
CA HIS C 86 -10.63 3.30 44.61
C HIS C 86 -10.42 4.67 43.98
N ASP C 87 -10.43 5.71 44.82
CA ASP C 87 -10.28 7.09 44.38
C ASP C 87 -8.83 7.58 44.29
N ILE C 88 -8.35 7.83 43.09
CA ILE C 88 -6.99 8.35 42.92
C ILE C 88 -7.03 9.70 42.23
N THR C 89 -8.18 10.37 42.31
CA THR C 89 -8.33 11.66 41.66
C THR C 89 -7.44 12.72 42.29
N ARG C 90 -6.80 12.40 43.41
CA ARG C 90 -5.91 13.37 44.02
C ARG C 90 -4.62 13.40 43.20
N TYR C 91 -4.41 12.35 42.41
CA TYR C 91 -3.22 12.25 41.57
C TYR C 91 -3.53 12.51 40.10
N SER C 92 -4.68 12.02 39.64
CA SER C 92 -5.06 12.18 38.24
C SER C 92 -6.50 12.63 38.04
N LYS C 93 -6.68 13.58 37.11
CA LYS C 93 -8.01 14.09 36.78
C LYS C 93 -8.64 13.33 35.62
N ALA C 94 -7.93 12.34 35.09
CA ALA C 94 -8.46 11.57 33.95
C ALA C 94 -9.88 11.09 34.24
N LYS C 95 -10.79 11.32 33.30
CA LYS C 95 -12.18 10.93 33.45
C LYS C 95 -12.35 9.44 33.74
N VAL C 96 -11.44 8.63 33.21
CA VAL C 96 -11.50 7.19 33.41
C VAL C 96 -11.43 6.79 34.89
N PHE C 97 -10.90 7.68 35.74
CA PHE C 97 -10.77 7.40 37.18
C PHE C 97 -11.77 8.23 38.00
N GLU C 98 -12.57 9.02 37.31
CA GLU C 98 -13.56 9.93 37.89
C GLU C 98 -14.29 9.58 39.19
N HIS C 99 -15.02 8.48 39.19
CA HIS C 99 -15.79 8.08 40.38
C HIS C 99 -15.71 6.58 40.61
N ILE C 100 -15.75 6.19 41.89
CA ILE C 100 -15.71 4.78 42.25
C ILE C 100 -16.91 4.09 41.60
N GLY C 101 -16.68 2.94 41.00
CA GLY C 101 -17.76 2.21 40.36
C GLY C 101 -17.94 2.50 38.89
N LYS C 102 -17.29 3.57 38.41
CA LYS C 102 -17.39 3.95 37.01
C LYS C 102 -16.82 2.86 36.11
N ARG C 103 -17.56 2.53 35.05
CA ARG C 103 -17.15 1.50 34.11
C ARG C 103 -16.70 2.06 32.77
N THR C 104 -15.57 1.56 32.26
CA THR C 104 -15.07 1.98 30.96
C THR C 104 -14.78 0.73 30.14
N PRO C 105 -15.32 0.65 28.91
CA PRO C 105 -15.06 -0.53 28.09
C PRO C 105 -13.57 -0.66 27.79
N ILE C 106 -13.08 -1.89 27.70
CA ILE C 106 -11.68 -2.12 27.37
C ILE C 106 -11.51 -3.24 26.36
N ALA C 107 -10.38 -3.20 25.66
CA ALA C 107 -10.04 -4.22 24.68
C ALA C 107 -8.65 -4.63 25.16
N VAL C 108 -8.36 -5.92 25.09
CA VAL C 108 -7.06 -6.41 25.53
C VAL C 108 -6.46 -7.43 24.58
N ARG C 109 -5.16 -7.33 24.37
CA ARG C 109 -4.47 -8.30 23.53
C ARG C 109 -3.23 -8.78 24.28
N PHE C 110 -3.08 -10.10 24.34
CA PHE C 110 -1.94 -10.76 24.98
C PHE C 110 -1.07 -11.31 23.85
N SER C 111 0.22 -11.47 24.09
CA SER C 111 1.10 -11.96 23.03
C SER C 111 2.51 -12.34 23.48
N THR C 112 3.22 -13.05 22.62
CA THR C 112 4.61 -13.39 22.90
C THR C 112 5.36 -12.22 22.25
N VAL C 113 6.65 -12.36 22.01
CA VAL C 113 7.40 -11.24 21.43
C VAL C 113 8.12 -11.50 20.10
N ALA C 114 9.02 -12.47 20.10
CA ALA C 114 9.82 -12.76 18.91
C ALA C 114 9.19 -13.60 17.81
N GLY C 115 8.39 -14.60 18.18
CA GLY C 115 7.79 -15.47 17.19
C GLY C 115 6.83 -14.84 16.21
N GLU C 116 6.75 -15.40 15.01
CA GLU C 116 5.85 -14.91 13.98
C GLU C 116 4.44 -15.44 14.24
N SER C 117 3.50 -15.06 13.36
CA SER C 117 2.11 -15.47 13.48
C SER C 117 1.82 -16.97 13.63
N GLY C 118 2.72 -17.82 13.17
CA GLY C 118 2.46 -19.25 13.31
C GLY C 118 3.23 -19.94 14.44
N SER C 119 3.95 -19.15 15.24
CA SER C 119 4.75 -19.70 16.33
C SER C 119 3.90 -20.20 17.50
N ALA C 120 4.53 -20.89 18.44
CA ALA C 120 3.83 -21.46 19.60
C ALA C 120 3.66 -20.46 20.76
N ASP C 121 2.57 -20.62 21.52
CA ASP C 121 2.28 -19.74 22.64
C ASP C 121 3.18 -20.02 23.84
N THR C 122 3.36 -21.30 24.17
CA THR C 122 4.15 -21.68 25.34
C THR C 122 5.65 -21.75 25.13
N VAL C 123 6.27 -20.59 24.91
CA VAL C 123 7.72 -20.52 24.74
C VAL C 123 8.27 -19.43 25.66
N ARG C 124 9.56 -19.51 25.99
CA ARG C 124 10.16 -18.49 26.87
C ARG C 124 10.17 -17.19 26.08
N ASP C 125 9.63 -16.14 26.67
CA ASP C 125 9.55 -14.85 26.00
C ASP C 125 8.74 -13.94 26.92
N PRO C 126 8.94 -12.62 26.81
CA PRO C 126 8.15 -11.75 27.68
C PRO C 126 6.74 -11.89 27.11
N ARG C 127 5.74 -11.34 27.78
CA ARG C 127 4.38 -11.43 27.26
C ARG C 127 3.77 -10.04 27.15
N GLY C 128 3.17 -9.75 26.00
CA GLY C 128 2.53 -8.45 25.81
C GLY C 128 1.18 -8.51 26.50
N PHE C 129 0.79 -7.41 27.12
CA PHE C 129 -0.48 -7.33 27.83
C PHE C 129 -0.95 -5.89 27.63
N ALA C 130 -1.50 -5.63 26.45
CA ALA C 130 -1.98 -4.31 26.07
C ALA C 130 -3.44 -4.11 26.40
N VAL C 131 -3.75 -2.93 26.93
CA VAL C 131 -5.11 -2.59 27.32
C VAL C 131 -5.57 -1.27 26.71
N LYS C 132 -6.69 -1.32 25.99
CA LYS C 132 -7.26 -0.12 25.40
C LYS C 132 -8.50 0.28 26.20
N PHE C 133 -8.49 1.49 26.77
CA PHE C 133 -9.62 1.99 27.53
C PHE C 133 -10.37 2.98 26.63
N TYR C 134 -11.63 2.67 26.29
CA TYR C 134 -12.43 3.57 25.45
C TYR C 134 -13.08 4.63 26.35
N THR C 135 -12.35 5.71 26.64
CA THR C 135 -12.88 6.75 27.51
C THR C 135 -13.55 7.91 26.79
N GLU C 136 -14.34 8.68 27.53
CA GLU C 136 -15.04 9.82 26.98
C GLU C 136 -14.05 10.86 26.46
N ASP C 137 -12.85 10.86 27.04
CA ASP C 137 -11.79 11.78 26.62
C ASP C 137 -10.88 11.09 25.60
N GLY C 138 -11.46 10.17 24.85
CA GLY C 138 -10.69 9.46 23.84
C GLY C 138 -10.09 8.17 24.39
N ASN C 139 -9.39 7.43 23.53
CA ASN C 139 -8.81 6.19 23.98
C ASN C 139 -7.51 6.37 24.75
N TRP C 140 -7.35 5.52 25.76
CA TRP C 140 -6.15 5.49 26.56
C TRP C 140 -5.60 4.09 26.35
N ASP C 141 -4.41 4.00 25.75
CA ASP C 141 -3.79 2.72 25.51
C ASP C 141 -2.65 2.51 26.50
N LEU C 142 -2.79 1.52 27.37
CA LEU C 142 -1.77 1.18 28.35
C LEU C 142 -1.15 -0.08 27.75
N VAL C 143 -0.11 0.14 26.96
CA VAL C 143 0.57 -0.94 26.26
C VAL C 143 1.66 -1.55 27.14
N GLY C 144 1.24 -2.41 28.07
CA GLY C 144 2.19 -3.03 28.99
C GLY C 144 2.66 -4.42 28.65
N ASN C 145 3.51 -4.96 29.53
CA ASN C 145 4.07 -6.30 29.40
C ASN C 145 3.87 -7.03 30.73
N ASN C 146 4.23 -8.32 30.76
CA ASN C 146 4.08 -9.12 31.96
C ASN C 146 5.31 -8.97 32.87
N THR C 147 6.06 -7.90 32.64
CA THR C 147 7.26 -7.59 33.42
C THR C 147 7.32 -6.09 33.67
N PRO C 148 7.78 -5.66 34.86
CA PRO C 148 7.88 -4.25 35.22
C PRO C 148 9.05 -3.52 34.55
N ILE C 149 9.97 -4.30 34.00
CA ILE C 149 11.16 -3.73 33.38
C ILE C 149 11.39 -4.26 31.96
N PHE C 150 12.45 -3.76 31.32
CA PHE C 150 12.79 -4.22 29.98
C PHE C 150 14.30 -4.38 29.82
N PHE C 151 14.69 -5.00 28.71
CA PHE C 151 16.10 -5.28 28.43
C PHE C 151 17.02 -4.08 28.20
N ILE C 152 16.49 -2.99 27.64
CA ILE C 152 17.30 -1.81 27.35
C ILE C 152 16.66 -0.52 27.87
N ARG C 153 17.43 0.57 27.84
CA ARG C 153 16.95 1.85 28.35
C ARG C 153 17.01 3.03 27.36
N ASP C 154 17.29 2.72 26.08
CA ASP C 154 17.33 3.74 25.03
C ASP C 154 16.71 3.13 23.77
N ALA C 155 15.73 3.82 23.19
CA ALA C 155 15.04 3.34 21.99
C ALA C 155 15.92 3.05 20.79
N LEU C 156 17.08 3.69 20.70
CA LEU C 156 17.98 3.44 19.56
C LEU C 156 18.48 2.00 19.49
N LEU C 157 18.47 1.30 20.61
CA LEU C 157 18.92 -0.09 20.62
C LEU C 157 17.78 -1.08 20.44
N PHE C 158 16.56 -0.58 20.30
CA PHE C 158 15.41 -1.46 20.17
C PHE C 158 15.37 -2.26 18.87
N PRO C 159 15.55 -1.60 17.71
CA PRO C 159 15.51 -2.40 16.48
C PRO C 159 16.59 -3.49 16.52
N SER C 160 17.77 -3.14 17.03
CA SER C 160 18.87 -4.09 17.12
C SER C 160 18.51 -5.24 18.06
N PHE C 161 17.99 -4.91 19.24
CA PHE C 161 17.61 -5.95 20.18
C PHE C 161 16.61 -6.93 19.55
N ILE C 162 15.59 -6.38 18.91
CA ILE C 162 14.59 -7.23 18.28
C ILE C 162 15.20 -8.10 17.19
N HIS C 163 16.11 -7.53 16.41
CA HIS C 163 16.78 -8.28 15.36
C HIS C 163 17.57 -9.45 15.96
N SER C 164 18.30 -9.18 17.05
CA SER C 164 19.10 -10.21 17.69
C SER C 164 18.24 -11.36 18.20
N GLN C 165 17.01 -11.02 18.59
CA GLN C 165 16.04 -11.99 19.11
C GLN C 165 15.29 -12.76 18.03
N LYS C 166 15.41 -12.32 16.79
CA LYS C 166 14.71 -12.99 15.71
C LYS C 166 15.62 -13.86 14.84
N ARG C 167 15.36 -13.90 13.54
CA ARG C 167 16.13 -14.76 12.64
C ARG C 167 17.37 -14.18 12.00
N ASN C 168 18.35 -15.05 11.81
CA ASN C 168 19.62 -14.69 11.17
C ASN C 168 19.22 -14.21 9.76
N PRO C 169 19.79 -13.08 9.32
CA PRO C 169 19.53 -12.47 8.00
C PRO C 169 19.73 -13.40 6.81
N GLN C 170 20.66 -14.33 6.93
CA GLN C 170 20.94 -15.25 5.84
C GLN C 170 20.27 -16.62 5.94
N THR C 171 20.39 -17.26 7.09
CA THR C 171 19.84 -18.59 7.29
C THR C 171 18.36 -18.62 7.69
N HIS C 172 17.86 -17.49 8.19
CA HIS C 172 16.48 -17.38 8.63
C HIS C 172 16.23 -18.30 9.83
N LEU C 173 17.29 -18.59 10.58
CA LEU C 173 17.18 -19.44 11.76
C LEU C 173 17.45 -18.64 13.03
N LYS C 174 16.93 -19.12 14.15
CA LYS C 174 17.17 -18.46 15.43
C LYS C 174 18.68 -18.57 15.61
N ASP C 175 19.30 -17.54 16.18
CA ASP C 175 20.77 -17.54 16.32
C ASP C 175 21.26 -17.18 17.71
N PRO C 176 21.64 -18.20 18.51
CA PRO C 176 22.14 -17.92 19.86
C PRO C 176 23.34 -16.96 19.92
N ASP C 177 24.13 -16.90 18.85
CA ASP C 177 25.26 -15.98 18.82
C ASP C 177 24.71 -14.55 18.80
N MET C 178 23.68 -14.33 18.00
CA MET C 178 23.06 -13.00 17.90
C MET C 178 22.44 -12.62 19.24
N VAL C 179 21.69 -13.56 19.83
CA VAL C 179 21.03 -13.32 21.10
C VAL C 179 22.01 -12.93 22.20
N TRP C 180 22.99 -13.80 22.45
CA TRP C 180 23.94 -13.55 23.53
C TRP C 180 25.06 -12.57 23.24
N ASP C 181 25.36 -12.33 21.96
CA ASP C 181 26.39 -11.36 21.67
C ASP C 181 25.81 -10.01 22.07
N PHE C 182 24.57 -9.76 21.69
CA PHE C 182 23.92 -8.50 22.03
C PHE C 182 23.78 -8.34 23.54
N TRP C 183 23.23 -9.35 24.22
CA TRP C 183 23.07 -9.24 25.67
C TRP C 183 24.38 -9.11 26.43
N SER C 184 25.42 -9.81 25.98
CA SER C 184 26.71 -9.74 26.65
C SER C 184 27.37 -8.38 26.45
N LEU C 185 27.07 -7.72 25.33
CA LEU C 185 27.66 -6.40 25.06
C LEU C 185 26.83 -5.29 25.71
N ARG C 186 25.60 -5.62 26.09
CA ARG C 186 24.71 -4.65 26.71
C ARG C 186 24.22 -5.19 28.05
N PRO C 187 25.08 -5.18 29.07
CA PRO C 187 24.73 -5.68 30.40
C PRO C 187 23.52 -5.03 31.08
N GLU C 188 23.01 -3.93 30.55
CA GLU C 188 21.85 -3.31 31.18
C GLU C 188 20.68 -4.29 31.08
N SER C 189 20.80 -5.26 30.18
CA SER C 189 19.76 -6.27 29.98
C SER C 189 19.70 -7.33 31.08
N LEU C 190 20.70 -7.34 31.95
CA LEU C 190 20.78 -8.32 33.03
C LEU C 190 19.51 -8.47 33.87
N HIS C 191 18.90 -7.35 34.25
CA HIS C 191 17.70 -7.41 35.09
C HIS C 191 16.56 -8.19 34.43
N GLN C 192 16.15 -7.76 33.24
CA GLN C 192 15.05 -8.45 32.54
C GLN C 192 15.45 -9.84 32.08
N VAL C 193 16.73 -10.04 31.76
CA VAL C 193 17.20 -11.37 31.35
C VAL C 193 16.97 -12.34 32.53
N SER C 194 17.29 -11.87 33.74
CA SER C 194 17.11 -12.68 34.93
C SER C 194 15.64 -13.03 35.16
N PHE C 195 14.77 -12.07 34.88
CA PHE C 195 13.34 -12.29 35.04
C PHE C 195 12.85 -13.25 33.95
N LEU C 196 13.29 -13.00 32.73
CA LEU C 196 12.92 -13.83 31.58
C LEU C 196 13.27 -15.31 31.73
N PHE C 197 14.44 -15.60 32.28
CA PHE C 197 14.85 -16.99 32.44
C PHE C 197 14.44 -17.62 33.76
N SER C 198 13.61 -16.90 34.52
CA SER C 198 13.11 -17.41 35.79
C SER C 198 11.82 -18.15 35.43
N ASP C 199 11.11 -18.65 36.42
CA ASP C 199 9.88 -19.37 36.16
C ASP C 199 8.84 -18.51 35.45
N ARG C 200 8.87 -17.21 35.71
CA ARG C 200 7.93 -16.27 35.10
C ARG C 200 8.14 -16.13 33.59
N GLY C 201 9.17 -16.81 33.07
CA GLY C 201 9.47 -16.74 31.66
C GLY C 201 8.43 -17.44 30.78
N ILE C 202 7.69 -18.39 31.36
CA ILE C 202 6.67 -19.10 30.62
C ILE C 202 5.39 -19.21 31.45
N PRO C 203 4.54 -18.18 31.40
CA PRO C 203 3.28 -18.15 32.14
C PRO C 203 2.35 -19.26 31.67
N ASP C 204 1.52 -19.78 32.57
CA ASP C 204 0.57 -20.82 32.18
C ASP C 204 -0.62 -20.08 31.57
N GLY C 205 -0.50 -19.75 30.28
CA GLY C 205 -1.58 -19.04 29.63
C GLY C 205 -1.46 -17.55 29.95
N HIS C 206 -2.44 -16.77 29.51
CA HIS C 206 -2.41 -15.32 29.73
C HIS C 206 -3.11 -14.89 31.01
N ARG C 207 -3.96 -15.76 31.56
CA ARG C 207 -4.72 -15.43 32.76
C ARG C 207 -3.91 -15.53 34.05
N HIS C 208 -2.76 -16.18 34.00
CA HIS C 208 -1.95 -16.37 35.21
C HIS C 208 -0.64 -15.59 35.26
N MET C 209 -0.69 -14.34 34.81
CA MET C 209 0.47 -13.46 34.82
C MET C 209 -0.02 -12.06 35.12
N ASN C 210 0.89 -11.20 35.57
CA ASN C 210 0.53 -9.82 35.86
C ASN C 210 0.84 -8.96 34.65
N GLY C 211 0.36 -7.72 34.68
CA GLY C 211 0.61 -6.78 33.62
C GLY C 211 1.26 -5.59 34.29
N TYR C 212 2.04 -4.82 33.53
CA TYR C 212 2.72 -3.64 34.05
C TYR C 212 2.84 -2.62 32.93
N GLY C 213 2.79 -1.34 33.27
CA GLY C 213 2.96 -0.33 32.24
C GLY C 213 4.46 -0.23 32.00
N SER C 214 5.22 -0.75 32.97
CA SER C 214 6.68 -0.77 32.96
C SER C 214 7.30 0.61 33.11
N HIS C 215 6.98 1.50 32.17
CA HIS C 215 7.53 2.85 32.20
C HIS C 215 6.98 3.67 33.34
N THR C 216 7.71 4.71 33.69
CA THR C 216 7.27 5.65 34.69
C THR C 216 6.41 6.59 33.84
N PHE C 217 5.22 6.93 34.33
CA PHE C 217 4.33 7.84 33.63
C PHE C 217 4.12 9.04 34.55
N LYS C 218 3.34 10.01 34.06
CA LYS C 218 3.05 11.19 34.86
C LYS C 218 1.55 11.36 34.99
N LEU C 219 1.10 11.67 36.20
CA LEU C 219 -0.31 11.89 36.45
C LEU C 219 -0.50 13.35 36.86
N VAL C 220 -1.57 13.97 36.37
CA VAL C 220 -1.85 15.36 36.69
C VAL C 220 -3.28 15.50 37.21
N ASN C 221 -3.44 16.18 38.34
CA ASN C 221 -4.77 16.36 38.92
C ASN C 221 -5.42 17.67 38.50
N ALA C 222 -6.65 17.86 38.95
CA ALA C 222 -7.43 19.05 38.62
C ALA C 222 -6.74 20.38 38.99
N ASN C 223 -5.89 20.35 40.01
CA ASN C 223 -5.20 21.57 40.44
C ASN C 223 -3.93 21.83 39.63
N GLY C 224 -3.63 20.97 38.67
CA GLY C 224 -2.44 21.16 37.87
C GLY C 224 -1.19 20.59 38.50
N GLU C 225 -1.37 19.87 39.61
CA GLU C 225 -0.24 19.26 40.30
C GLU C 225 0.05 17.91 39.66
N ALA C 226 1.33 17.59 39.51
CA ALA C 226 1.73 16.33 38.90
C ALA C 226 2.62 15.47 39.79
N VAL C 227 2.57 14.17 39.55
CA VAL C 227 3.38 13.19 40.26
C VAL C 227 3.74 12.15 39.21
N TYR C 228 4.73 11.32 39.51
CA TYR C 228 5.11 10.27 38.57
C TYR C 228 4.48 8.98 39.08
N CYS C 229 4.22 8.04 38.19
CA CYS C 229 3.61 6.78 38.63
C CYS C 229 4.08 5.58 37.83
N LYS C 230 3.67 4.42 38.32
CA LYS C 230 3.94 3.13 37.69
C LYS C 230 2.59 2.43 37.75
N PHE C 231 2.24 1.73 36.69
CA PHE C 231 0.98 1.00 36.65
C PHE C 231 1.25 -0.49 36.85
N HIS C 232 0.46 -1.11 37.70
CA HIS C 232 0.59 -2.54 37.97
C HIS C 232 -0.80 -3.16 37.93
N TYR C 233 -0.96 -4.27 37.20
CA TYR C 233 -2.24 -4.95 37.22
C TYR C 233 -1.98 -6.43 37.48
N LYS C 234 -2.22 -6.81 38.74
CA LYS C 234 -1.98 -8.17 39.22
C LYS C 234 -3.15 -9.11 38.96
N THR C 235 -2.82 -10.34 38.57
CA THR C 235 -3.84 -11.35 38.27
C THR C 235 -4.63 -11.82 39.47
N ASP C 236 -5.95 -11.88 39.32
CA ASP C 236 -6.83 -12.34 40.39
C ASP C 236 -6.89 -13.86 40.40
N GLN C 237 -6.37 -14.50 39.36
CA GLN C 237 -6.41 -15.97 39.34
C GLN C 237 -5.08 -16.57 39.79
N GLY C 238 -4.16 -15.72 40.21
CA GLY C 238 -2.87 -16.20 40.70
C GLY C 238 -1.81 -16.46 39.66
N ILE C 239 -0.55 -16.25 40.06
CA ILE C 239 0.59 -16.49 39.18
C ILE C 239 0.77 -17.99 39.03
N LYS C 240 0.89 -18.44 37.79
CA LYS C 240 1.08 -19.86 37.51
C LYS C 240 1.92 -19.99 36.25
N ASN C 241 3.01 -20.74 36.34
CA ASN C 241 3.90 -20.93 35.19
C ASN C 241 3.96 -22.39 34.74
N LEU C 242 4.38 -22.60 33.51
CA LEU C 242 4.52 -23.94 32.95
C LEU C 242 5.98 -24.34 33.08
N SER C 243 6.23 -25.62 33.36
CA SER C 243 7.59 -26.09 33.48
C SER C 243 8.17 -26.14 32.08
N VAL C 244 9.50 -26.14 31.99
CA VAL C 244 10.15 -26.19 30.69
C VAL C 244 9.69 -27.38 29.86
N GLU C 245 9.57 -28.55 30.48
CA GLU C 245 9.13 -29.73 29.76
C GLU C 245 7.68 -29.67 29.33
N ASP C 246 6.82 -29.12 30.19
CA ASP C 246 5.40 -29.00 29.84
C ASP C 246 5.23 -28.01 28.69
N ALA C 247 6.03 -26.95 28.70
CA ALA C 247 5.95 -25.93 27.65
C ALA C 247 6.39 -26.49 26.31
N ALA C 248 7.46 -27.27 26.31
CA ALA C 248 7.98 -27.87 25.10
C ALA C 248 6.93 -28.80 24.49
N ARG C 249 6.27 -29.59 25.33
CA ARG C 249 5.24 -30.51 24.88
C ARG C 249 4.05 -29.77 24.29
N LEU C 250 3.57 -28.77 25.02
CA LEU C 250 2.43 -27.98 24.54
C LEU C 250 2.81 -27.24 23.26
N ALA C 251 4.09 -26.87 23.14
CA ALA C 251 4.56 -26.16 21.96
C ALA C 251 4.14 -26.90 20.69
N HIS C 252 4.19 -28.23 20.68
CA HIS C 252 3.78 -28.95 19.49
C HIS C 252 2.37 -29.54 19.57
N GLU C 253 1.94 -29.90 20.78
CA GLU C 253 0.60 -30.46 20.96
C GLU C 253 -0.48 -29.40 20.77
N ASP C 254 -0.19 -28.18 21.18
CA ASP C 254 -1.13 -27.08 21.03
C ASP C 254 -0.41 -25.75 20.98
N PRO C 255 0.12 -25.39 19.80
CA PRO C 255 0.84 -24.12 19.67
C PRO C 255 -0.05 -22.92 20.00
N ASP C 256 -1.36 -23.15 20.09
CA ASP C 256 -2.31 -22.08 20.40
C ASP C 256 -2.91 -22.22 21.81
N TYR C 257 -2.15 -22.81 22.71
CA TYR C 257 -2.57 -23.04 24.10
C TYR C 257 -3.16 -21.78 24.74
N GLY C 258 -2.49 -20.65 24.60
CA GLY C 258 -2.96 -19.42 25.19
C GLY C 258 -4.28 -18.94 24.59
N LEU C 259 -4.40 -19.03 23.27
CA LEU C 259 -5.62 -18.63 22.60
C LEU C 259 -6.81 -19.45 23.10
N ARG C 260 -6.64 -20.76 23.08
CA ARG C 260 -7.69 -21.68 23.50
C ARG C 260 -8.10 -21.51 24.97
N ASP C 261 -7.11 -21.42 25.84
CA ASP C 261 -7.36 -21.27 27.26
C ASP C 261 -8.17 -20.01 27.58
N LEU C 262 -7.83 -18.90 26.91
CA LEU C 262 -8.55 -17.65 27.14
C LEU C 262 -9.98 -17.72 26.64
N PHE C 263 -10.16 -18.21 25.41
CA PHE C 263 -11.50 -18.30 24.84
C PHE C 263 -12.42 -19.17 25.69
N ASN C 264 -11.92 -20.34 26.10
CA ASN C 264 -12.72 -21.25 26.90
C ASN C 264 -13.07 -20.68 28.28
N ALA C 265 -12.11 -19.99 28.90
CA ALA C 265 -12.36 -19.39 30.21
C ALA C 265 -13.53 -18.43 30.10
N ILE C 266 -13.46 -17.53 29.14
CA ILE C 266 -14.53 -16.55 28.96
C ILE C 266 -15.84 -17.21 28.54
N ALA C 267 -15.76 -18.17 27.63
CA ALA C 267 -16.96 -18.84 27.14
C ALA C 267 -17.72 -19.58 28.25
N THR C 268 -16.99 -20.08 29.24
CA THR C 268 -17.61 -20.82 30.35
C THR C 268 -17.97 -19.94 31.54
N GLY C 269 -17.78 -18.63 31.37
CA GLY C 269 -18.12 -17.70 32.45
C GLY C 269 -17.03 -17.53 33.50
N ASN C 270 -15.86 -18.11 33.26
CA ASN C 270 -14.75 -18.00 34.19
C ASN C 270 -13.92 -16.77 33.80
N TYR C 271 -14.56 -15.62 33.81
CA TYR C 271 -13.92 -14.36 33.43
C TYR C 271 -12.66 -14.03 34.23
N PRO C 272 -11.53 -13.84 33.54
CA PRO C 272 -10.29 -13.51 34.24
C PRO C 272 -10.29 -12.04 34.63
N SER C 273 -9.72 -11.72 35.79
CA SER C 273 -9.67 -10.34 36.24
C SER C 273 -8.32 -9.99 36.83
N TRP C 274 -8.02 -8.70 36.85
CA TRP C 274 -6.77 -8.17 37.38
C TRP C 274 -7.08 -6.94 38.22
N THR C 275 -6.26 -6.69 39.23
CA THR C 275 -6.44 -5.52 40.07
C THR C 275 -5.42 -4.48 39.65
N LEU C 276 -5.89 -3.32 39.21
CA LEU C 276 -5.00 -2.24 38.79
C LEU C 276 -4.55 -1.41 39.97
N TYR C 277 -3.24 -1.19 40.05
CA TYR C 277 -2.60 -0.41 41.12
C TYR C 277 -1.66 0.61 40.48
N ILE C 278 -1.25 1.60 41.26
CA ILE C 278 -0.27 2.56 40.80
C ILE C 278 0.70 2.79 41.96
N GLN C 279 1.94 3.11 41.62
CA GLN C 279 2.93 3.46 42.63
C GLN C 279 3.05 4.94 42.33
N VAL C 280 3.21 5.75 43.37
CA VAL C 280 3.33 7.19 43.17
C VAL C 280 4.66 7.71 43.70
N MET C 281 5.30 8.57 42.92
CA MET C 281 6.58 9.16 43.29
C MET C 281 6.51 10.64 42.98
N THR C 282 6.64 11.49 44.00
CA THR C 282 6.58 12.93 43.78
C THR C 282 7.83 13.38 43.02
N PHE C 283 7.80 14.59 42.48
CA PHE C 283 8.94 15.11 41.75
C PHE C 283 10.16 15.24 42.66
N SER C 284 9.93 15.52 43.93
CA SER C 284 11.04 15.64 44.89
C SER C 284 11.69 14.27 45.09
N GLU C 285 10.86 13.26 45.26
CA GLU C 285 11.35 11.90 45.47
C GLU C 285 12.11 11.39 44.26
N ALA C 286 11.69 11.81 43.07
CA ALA C 286 12.33 11.38 41.84
C ALA C 286 13.74 11.96 41.73
N GLU C 287 13.92 13.14 42.32
CA GLU C 287 15.21 13.81 42.30
C GLU C 287 16.23 13.12 43.21
N ILE C 288 15.75 12.33 44.17
CA ILE C 288 16.65 11.65 45.10
C ILE C 288 16.60 10.13 44.98
N PHE C 289 15.78 9.62 44.07
CA PHE C 289 15.67 8.18 43.87
C PHE C 289 17.09 7.66 43.58
N PRO C 290 17.48 6.54 44.22
CA PRO C 290 18.81 5.95 44.04
C PRO C 290 19.27 5.71 42.61
N PHE C 291 18.32 5.54 41.69
CA PHE C 291 18.66 5.33 40.29
C PHE C 291 17.86 6.33 39.46
N ASN C 292 18.02 6.29 38.15
CA ASN C 292 17.25 7.17 37.28
C ASN C 292 15.83 6.64 37.39
N PRO C 293 14.89 7.42 37.94
CA PRO C 293 13.52 6.92 38.06
C PRO C 293 12.86 6.65 36.71
N PHE C 294 13.46 7.16 35.64
CA PHE C 294 12.91 6.97 34.30
C PHE C 294 13.67 5.90 33.51
N ASP C 295 14.54 5.17 34.22
CA ASP C 295 15.34 4.08 33.65
C ASP C 295 14.48 2.82 33.61
N LEU C 296 14.13 2.36 32.40
CA LEU C 296 13.28 1.19 32.23
C LEU C 296 13.84 -0.14 32.75
N THR C 297 15.11 -0.19 33.11
CA THR C 297 15.69 -1.43 33.62
C THR C 297 15.62 -1.45 35.14
N LYS C 298 14.91 -0.49 35.71
CA LYS C 298 14.78 -0.39 37.16
C LYS C 298 13.33 -0.46 37.63
N VAL C 299 13.14 -1.01 38.83
CA VAL C 299 11.81 -1.09 39.42
C VAL C 299 11.80 -0.09 40.57
N TRP C 300 10.61 0.24 41.08
CA TRP C 300 10.48 1.12 42.23
C TRP C 300 10.17 0.13 43.36
N PRO C 301 11.06 0.01 44.35
CA PRO C 301 10.83 -0.91 45.47
C PRO C 301 9.48 -0.67 46.15
N HIS C 302 8.71 -1.75 46.31
CA HIS C 302 7.39 -1.68 46.94
C HIS C 302 7.46 -1.12 48.35
N GLY C 303 8.53 -1.44 49.07
CA GLY C 303 8.69 -0.95 50.42
C GLY C 303 8.70 0.56 50.48
N ASP C 304 9.37 1.20 49.52
CA ASP C 304 9.45 2.65 49.50
C ASP C 304 8.31 3.30 48.73
N TYR C 305 7.71 2.56 47.82
CA TYR C 305 6.60 3.04 47.01
C TYR C 305 5.55 1.95 46.96
N PRO C 306 4.64 1.94 47.96
CA PRO C 306 3.59 0.93 48.04
C PRO C 306 2.55 1.04 46.93
N LEU C 307 2.01 -0.12 46.54
CA LEU C 307 1.00 -0.15 45.50
C LEU C 307 -0.29 0.45 46.04
N ILE C 308 -0.90 1.33 45.25
CA ILE C 308 -2.14 2.01 45.62
C ILE C 308 -3.24 1.46 44.70
N PRO C 309 -4.30 0.88 45.28
CA PRO C 309 -5.43 0.31 44.54
C PRO C 309 -6.14 1.33 43.67
N VAL C 310 -6.55 0.91 42.47
CA VAL C 310 -7.26 1.82 41.58
C VAL C 310 -8.57 1.22 41.09
N GLY C 311 -8.51 0.00 40.57
CA GLY C 311 -9.71 -0.63 40.07
C GLY C 311 -9.51 -2.04 39.58
N LYS C 312 -10.50 -2.54 38.82
CA LYS C 312 -10.46 -3.89 38.30
C LYS C 312 -10.57 -3.93 36.77
N LEU C 313 -9.87 -4.89 36.18
CA LEU C 313 -9.90 -5.12 34.75
C LEU C 313 -10.54 -6.51 34.61
N VAL C 314 -11.69 -6.57 33.95
CA VAL C 314 -12.40 -7.83 33.77
C VAL C 314 -12.65 -8.11 32.29
N LEU C 315 -12.32 -9.33 31.85
CA LEU C 315 -12.54 -9.71 30.46
C LEU C 315 -13.71 -10.69 30.43
N ASN C 316 -14.81 -10.26 29.84
CA ASN C 316 -16.03 -11.07 29.80
C ASN C 316 -16.61 -11.29 28.42
N ARG C 317 -15.87 -10.97 27.37
CA ARG C 317 -16.38 -11.15 26.02
C ARG C 317 -15.30 -11.56 25.03
N ASN C 318 -15.55 -12.65 24.30
CA ASN C 318 -14.61 -13.12 23.30
C ASN C 318 -14.79 -12.39 21.99
N PRO C 319 -13.75 -12.38 21.15
CA PRO C 319 -13.87 -11.70 19.86
C PRO C 319 -14.89 -12.52 19.07
N VAL C 320 -15.59 -11.88 18.12
CA VAL C 320 -16.54 -12.61 17.29
C VAL C 320 -15.79 -12.99 16.00
N ASN C 321 -14.97 -12.07 15.52
CA ASN C 321 -14.14 -12.33 14.34
C ASN C 321 -12.75 -11.88 14.72
N TYR C 322 -11.83 -12.85 14.83
CA TYR C 322 -10.47 -12.57 15.24
C TYR C 322 -9.72 -11.55 14.39
N PHE C 323 -9.75 -11.71 13.08
CA PHE C 323 -9.02 -10.76 12.22
C PHE C 323 -9.49 -9.32 12.44
N ALA C 324 -10.79 -9.11 12.37
CA ALA C 324 -11.35 -7.77 12.53
C ALA C 324 -11.13 -7.13 13.89
N GLU C 325 -11.32 -7.92 14.96
CA GLU C 325 -11.21 -7.40 16.31
C GLU C 325 -9.89 -7.59 17.04
N VAL C 326 -9.06 -8.53 16.59
CA VAL C 326 -7.79 -8.77 17.27
C VAL C 326 -6.58 -8.48 16.38
N GLU C 327 -6.50 -9.14 15.22
CA GLU C 327 -5.36 -8.92 14.35
C GLU C 327 -5.21 -7.44 14.02
N GLN C 328 -6.34 -6.77 13.81
CA GLN C 328 -6.34 -5.34 13.47
C GLN C 328 -6.24 -4.38 14.66
N LEU C 329 -6.27 -4.90 15.88
CA LEU C 329 -6.17 -4.04 17.06
C LEU C 329 -4.86 -3.27 17.04
N ALA C 330 -4.93 -1.99 17.34
CA ALA C 330 -3.74 -1.15 17.36
C ALA C 330 -3.70 -0.34 18.64
N PHE C 331 -2.64 -0.52 19.42
CA PHE C 331 -2.47 0.22 20.67
C PHE C 331 -1.35 1.24 20.51
N ASP C 332 -1.64 2.49 20.86
CA ASP C 332 -0.66 3.57 20.76
C ASP C 332 -0.42 4.18 22.13
N PRO C 333 0.80 4.03 22.68
CA PRO C 333 1.12 4.58 24.00
C PRO C 333 0.85 6.08 24.02
N SER C 334 0.95 6.71 22.84
CA SER C 334 0.71 8.15 22.73
C SER C 334 -0.76 8.50 22.95
N ASN C 335 -1.63 7.48 22.93
CA ASN C 335 -3.05 7.70 23.18
C ASN C 335 -3.20 7.88 24.69
N MET C 336 -3.16 9.13 25.15
CA MET C 336 -3.30 9.45 26.57
C MET C 336 -4.28 10.59 26.75
N PRO C 337 -5.30 10.42 27.59
CA PRO C 337 -6.29 11.47 27.82
C PRO C 337 -5.75 12.45 28.86
N PRO C 338 -6.39 13.63 29.01
CA PRO C 338 -5.93 14.61 30.00
C PRO C 338 -5.87 13.93 31.36
N GLY C 339 -4.81 14.21 32.11
CA GLY C 339 -4.66 13.59 33.42
C GLY C 339 -3.62 12.49 33.42
N ILE C 340 -3.16 12.12 32.23
CA ILE C 340 -2.15 11.07 32.08
C ILE C 340 -1.16 11.53 31.02
N GLU C 341 0.13 11.53 31.37
CA GLU C 341 1.16 11.99 30.45
C GLU C 341 2.42 11.14 30.53
N PRO C 342 3.31 11.28 29.53
CA PRO C 342 4.54 10.49 29.56
C PRO C 342 5.60 11.12 30.47
N SER C 343 6.62 10.34 30.80
CA SER C 343 7.73 10.82 31.62
C SER C 343 8.89 10.93 30.63
N PRO C 344 10.06 11.40 31.09
CA PRO C 344 11.23 11.52 30.22
C PRO C 344 11.87 10.19 29.81
N ASP C 345 11.33 9.07 30.29
CA ASP C 345 11.86 7.75 29.96
C ASP C 345 12.21 7.72 28.46
N LYS C 346 13.49 7.53 28.13
CA LYS C 346 13.93 7.53 26.74
C LYS C 346 13.22 6.48 25.89
N MET C 347 12.92 5.33 26.50
CA MET C 347 12.23 4.26 25.78
C MET C 347 10.78 4.65 25.48
N LEU C 348 10.08 5.14 26.49
CA LEU C 348 8.70 5.56 26.31
C LEU C 348 8.61 6.65 25.25
N GLN C 349 9.56 7.59 25.32
CA GLN C 349 9.62 8.69 24.37
C GLN C 349 9.68 8.15 22.95
N GLY C 350 10.49 7.12 22.73
CA GLY C 350 10.59 6.53 21.40
C GLY C 350 9.29 5.87 20.97
N ARG C 351 8.62 5.23 21.93
CA ARG C 351 7.36 4.54 21.65
C ARG C 351 6.24 5.51 21.27
N LEU C 352 6.33 6.75 21.73
CA LEU C 352 5.30 7.74 21.40
C LEU C 352 5.23 7.88 19.89
N PHE C 353 6.36 7.70 19.23
CA PHE C 353 6.43 7.81 17.77
C PHE C 353 6.17 6.48 17.05
N ALA C 354 6.90 5.45 17.46
CA ALA C 354 6.85 4.13 16.84
C ALA C 354 5.51 3.43 16.59
N TYR C 355 4.60 3.43 17.55
CA TYR C 355 3.34 2.71 17.36
C TYR C 355 2.40 3.31 16.33
N PRO C 356 2.12 4.62 16.39
CA PRO C 356 1.21 5.16 15.37
C PRO C 356 1.86 4.99 13.99
N ASP C 357 3.18 5.15 13.96
CA ASP C 357 3.96 5.04 12.73
C ASP C 357 3.85 3.65 12.11
N THR C 358 4.06 2.60 12.90
CA THR C 358 3.97 1.24 12.36
C THR C 358 2.53 0.88 12.01
N HIS C 359 1.57 1.47 12.72
CA HIS C 359 0.16 1.20 12.45
C HIS C 359 -0.26 1.78 11.11
N ARG C 360 0.23 2.97 10.78
CA ARG C 360 -0.10 3.59 9.51
C ARG C 360 0.38 2.71 8.36
N HIS C 361 1.44 1.94 8.63
CA HIS C 361 2.00 1.01 7.65
C HIS C 361 1.26 -0.33 7.62
N ARG C 362 1.17 -0.98 8.78
CA ARG C 362 0.55 -2.29 8.92
C ARG C 362 -0.93 -2.35 8.59
N LEU C 363 -1.68 -1.38 9.09
CA LEU C 363 -3.12 -1.33 8.88
C LEU C 363 -3.48 -0.34 7.78
N GLY C 364 -3.00 0.89 7.91
CA GLY C 364 -3.28 1.89 6.91
C GLY C 364 -3.36 3.27 7.55
N PRO C 365 -3.26 4.34 6.74
CA PRO C 365 -3.33 5.72 7.24
C PRO C 365 -4.55 5.99 8.13
N ASN C 366 -5.68 5.37 7.79
CA ASN C 366 -6.91 5.56 8.54
C ASN C 366 -7.25 4.41 9.48
N TYR C 367 -6.23 3.79 10.05
CA TYR C 367 -6.44 2.66 10.95
C TYR C 367 -7.29 2.99 12.18
N LEU C 368 -7.31 4.25 12.59
CA LEU C 368 -8.09 4.64 13.75
C LEU C 368 -9.59 4.63 13.44
N GLN C 369 -9.92 4.38 12.17
CA GLN C 369 -11.30 4.31 11.74
C GLN C 369 -11.80 2.86 11.75
N ILE C 370 -10.88 1.91 11.91
CA ILE C 370 -11.26 0.50 11.99
C ILE C 370 -12.04 0.42 13.30
N PRO C 371 -13.28 -0.11 13.26
CA PRO C 371 -14.14 -0.23 14.44
C PRO C 371 -13.50 -0.48 15.81
N VAL C 372 -12.69 -1.52 15.93
CA VAL C 372 -12.06 -1.82 17.21
C VAL C 372 -11.07 -0.75 17.68
N ASN C 373 -10.61 0.08 16.76
CA ASN C 373 -9.67 1.14 17.12
C ASN C 373 -10.33 2.51 17.26
N CYS C 374 -11.58 2.66 16.82
CA CYS C 374 -12.26 3.95 16.91
C CYS C 374 -12.58 4.31 18.37
N PRO C 375 -12.29 5.56 18.76
CA PRO C 375 -12.60 5.95 20.14
C PRO C 375 -14.10 6.22 20.15
N TYR C 376 -14.88 5.14 20.11
CA TYR C 376 -16.32 5.25 20.05
C TYR C 376 -17.04 5.88 21.24
N ARG C 377 -16.34 6.12 22.33
CA ARG C 377 -16.95 6.74 23.50
C ARG C 377 -16.63 8.23 23.52
N ALA C 378 -15.92 8.68 22.49
CA ALA C 378 -15.54 10.07 22.37
C ALA C 378 -16.14 10.64 21.09
N ARG C 379 -15.93 11.94 20.88
CA ARG C 379 -16.43 12.61 19.69
C ARG C 379 -15.23 13.10 18.90
N VAL C 380 -14.84 12.34 17.88
CA VAL C 380 -13.70 12.74 17.08
C VAL C 380 -14.10 13.87 16.14
N ALA C 381 -13.48 15.03 16.35
CA ALA C 381 -13.75 16.20 15.53
C ALA C 381 -12.45 16.97 15.41
N ASN C 382 -11.99 17.18 14.18
CA ASN C 382 -10.75 17.90 13.97
C ASN C 382 -10.64 18.41 12.54
N TYR C 383 -9.41 18.68 12.12
CA TYR C 383 -9.18 19.22 10.78
C TYR C 383 -8.40 18.30 9.87
N GLN C 384 -8.42 17.01 10.20
CA GLN C 384 -7.76 15.99 9.42
C GLN C 384 -8.78 15.49 8.40
N ARG C 385 -8.34 15.18 7.19
CA ARG C 385 -9.26 14.72 6.16
C ARG C 385 -8.62 13.73 5.18
N ASP C 386 -9.48 13.03 4.45
CA ASP C 386 -9.07 12.10 3.41
C ASP C 386 -8.23 10.88 3.80
N GLY C 387 -7.31 10.50 2.92
CA GLY C 387 -6.47 9.34 3.16
C GLY C 387 -7.09 8.09 2.57
N PRO C 388 -6.31 7.07 2.22
CA PRO C 388 -6.90 5.86 1.65
C PRO C 388 -7.92 5.17 2.57
N MET C 389 -8.90 4.51 1.96
CA MET C 389 -9.94 3.80 2.70
C MET C 389 -10.57 4.72 3.74
N CYS C 390 -11.00 5.89 3.29
CA CYS C 390 -11.64 6.84 4.18
C CYS C 390 -13.07 6.38 4.42
N MET C 391 -13.39 6.09 5.68
CA MET C 391 -14.71 5.62 6.06
C MET C 391 -15.61 6.75 6.53
N MET C 392 -16.81 6.39 6.97
CA MET C 392 -17.77 7.36 7.47
C MET C 392 -17.98 8.50 6.47
N ASP C 393 -18.27 9.68 6.99
CA ASP C 393 -18.52 10.83 6.14
C ASP C 393 -17.33 11.78 6.00
N ASN C 394 -16.18 11.39 6.56
CA ASN C 394 -14.97 12.20 6.46
C ASN C 394 -15.23 13.61 7.00
N GLN C 395 -16.11 13.67 8.01
CA GLN C 395 -16.50 14.90 8.68
C GLN C 395 -17.29 15.86 7.79
N GLY C 396 -17.92 15.29 6.78
CA GLY C 396 -18.77 16.05 5.86
C GLY C 396 -18.22 17.33 5.25
N GLY C 397 -19.04 18.38 5.27
CA GLY C 397 -18.63 19.65 4.70
C GLY C 397 -18.11 20.67 5.69
N ALA C 398 -17.71 20.20 6.87
CA ALA C 398 -17.20 21.09 7.91
C ALA C 398 -15.91 21.80 7.48
N PRO C 399 -15.76 23.08 7.85
CA PRO C 399 -14.55 23.86 7.51
C PRO C 399 -13.33 23.01 7.86
N ASN C 400 -12.38 22.90 6.94
CA ASN C 400 -11.23 22.04 7.20
C ASN C 400 -9.91 22.72 7.57
N TYR C 401 -9.98 23.99 7.97
CA TYR C 401 -8.78 24.72 8.37
C TYR C 401 -9.00 25.39 9.72
N TYR C 402 -7.94 25.49 10.51
CA TYR C 402 -8.01 26.09 11.85
C TYR C 402 -6.89 27.12 11.98
N PRO C 403 -7.21 28.32 12.51
CA PRO C 403 -8.51 28.81 12.97
C PRO C 403 -9.45 29.17 11.82
N ASN C 404 -10.72 29.35 12.15
CA ASN C 404 -11.72 29.69 11.16
C ASN C 404 -12.87 30.44 11.83
N SER C 405 -13.64 31.18 11.04
CA SER C 405 -14.78 31.96 11.55
C SER C 405 -16.09 31.26 11.24
N PHE C 406 -16.07 29.94 11.05
CA PHE C 406 -17.31 29.25 10.72
C PHE C 406 -17.83 28.20 11.69
N SER C 407 -17.44 28.33 12.96
CA SER C 407 -17.89 27.44 14.02
C SER C 407 -17.44 25.98 14.02
N ALA C 408 -16.31 25.69 13.39
CA ALA C 408 -15.77 24.34 13.35
C ALA C 408 -15.10 24.08 14.71
N PRO C 409 -14.71 22.82 15.00
CA PRO C 409 -14.07 22.44 16.28
C PRO C 409 -13.01 23.40 16.84
N GLU C 410 -13.05 23.58 18.17
CA GLU C 410 -12.12 24.46 18.87
C GLU C 410 -11.33 23.69 19.92
N HIS C 411 -10.07 24.05 20.14
CA HIS C 411 -9.29 23.37 21.15
C HIS C 411 -9.78 23.76 22.55
N GLN C 412 -9.43 22.96 23.56
CA GLN C 412 -9.85 23.23 24.93
C GLN C 412 -8.63 23.38 25.84
N PRO C 413 -8.36 24.61 26.30
CA PRO C 413 -7.21 24.88 27.17
C PRO C 413 -7.08 24.01 28.42
N SER C 414 -8.20 23.50 28.94
CA SER C 414 -8.14 22.65 30.12
C SER C 414 -7.37 21.37 29.81
N ALA C 415 -7.31 21.03 28.53
CA ALA C 415 -6.62 19.83 28.08
C ALA C 415 -5.11 20.04 27.88
N LEU C 416 -4.65 21.26 28.11
CA LEU C 416 -3.23 21.55 27.95
C LEU C 416 -2.36 20.66 28.84
N GLU C 417 -1.23 20.23 28.31
CA GLU C 417 -0.32 19.37 29.05
C GLU C 417 0.30 20.09 30.24
N HIS C 418 0.72 19.33 31.24
CA HIS C 418 1.35 19.88 32.43
C HIS C 418 2.74 20.38 32.04
N ARG C 419 3.09 21.58 32.51
CA ARG C 419 4.39 22.16 32.17
C ARG C 419 5.50 21.82 33.15
N THR C 420 6.54 21.17 32.61
CA THR C 420 7.70 20.78 33.40
C THR C 420 8.86 21.64 32.91
N HIS C 421 9.82 21.93 33.78
CA HIS C 421 10.96 22.73 33.37
C HIS C 421 12.15 21.81 33.10
N PHE C 422 12.83 22.07 32.01
CA PHE C 422 13.99 21.28 31.63
C PHE C 422 15.14 22.20 31.22
N SER C 423 16.34 21.85 31.66
CA SER C 423 17.53 22.61 31.35
C SER C 423 18.69 21.66 31.10
N GLY C 424 19.44 21.92 30.04
CA GLY C 424 20.57 21.05 29.75
C GLY C 424 21.07 21.18 28.33
N ASP C 425 22.21 20.57 28.06
CA ASP C 425 22.78 20.60 26.72
C ASP C 425 22.07 19.57 25.86
N VAL C 426 21.83 19.92 24.61
CA VAL C 426 21.18 19.00 23.69
C VAL C 426 22.31 18.12 23.16
N GLN C 427 22.30 16.86 23.57
CA GLN C 427 23.32 15.93 23.13
C GLN C 427 22.86 14.51 23.40
N ARG C 428 23.64 13.55 22.95
CA ARG C 428 23.32 12.15 23.15
C ARG C 428 24.06 11.67 24.39
N PHE C 429 23.37 11.71 25.53
CA PHE C 429 23.94 11.30 26.81
C PHE C 429 24.04 9.79 26.92
N ASN C 430 25.22 9.30 27.26
CA ASN C 430 25.43 7.86 27.40
C ASN C 430 24.76 7.34 28.66
N SER C 431 23.88 6.35 28.49
CA SER C 431 23.18 5.76 29.63
C SER C 431 23.57 4.29 29.74
N ALA C 432 24.56 3.87 28.95
CA ALA C 432 25.01 2.48 28.95
C ALA C 432 25.61 2.04 30.28
N ASN C 433 26.09 2.98 31.08
CA ASN C 433 26.72 2.65 32.36
C ASN C 433 25.90 3.01 33.61
N ASP C 434 24.59 3.10 33.46
CA ASP C 434 23.68 3.44 34.58
C ASP C 434 23.34 2.28 35.50
N ASP C 435 24.28 1.86 36.34
CA ASP C 435 24.09 0.74 37.27
C ASP C 435 23.28 -0.39 36.65
N ASN C 436 23.98 -1.40 36.16
CA ASN C 436 23.36 -2.55 35.51
C ASN C 436 23.21 -3.78 36.39
N VAL C 437 23.70 -3.71 37.64
CA VAL C 437 23.65 -4.90 38.49
C VAL C 437 22.97 -4.84 39.87
N THR C 438 23.01 -3.69 40.52
CA THR C 438 22.44 -3.57 41.87
C THR C 438 21.06 -4.18 42.08
N GLN C 439 20.06 -3.78 41.29
CA GLN C 439 18.73 -4.36 41.48
C GLN C 439 18.70 -5.81 41.01
N VAL C 440 19.59 -6.16 40.08
CA VAL C 440 19.65 -7.53 39.58
C VAL C 440 20.12 -8.44 40.70
N ARG C 441 21.09 -7.95 41.48
CA ARG C 441 21.62 -8.70 42.60
C ARG C 441 20.53 -8.96 43.64
N THR C 442 19.71 -7.94 43.89
CA THR C 442 18.62 -8.05 44.85
C THR C 442 17.58 -9.09 44.38
N PHE C 443 17.29 -9.07 43.09
CA PHE C 443 16.33 -10.02 42.51
C PHE C 443 16.82 -11.46 42.69
N TYR C 444 18.08 -11.70 42.31
CA TYR C 444 18.70 -13.01 42.39
C TYR C 444 18.75 -13.54 43.82
N LEU C 445 19.25 -12.72 44.73
CA LEU C 445 19.40 -13.10 46.14
C LEU C 445 18.18 -12.97 47.04
N LYS C 446 17.43 -11.88 46.89
CA LYS C 446 16.28 -11.63 47.75
C LYS C 446 14.92 -12.06 47.18
N VAL C 447 14.65 -11.73 45.92
CA VAL C 447 13.38 -12.09 45.32
C VAL C 447 13.24 -13.58 45.07
N LEU C 448 14.22 -14.17 44.40
CA LEU C 448 14.19 -15.60 44.11
C LEU C 448 14.68 -16.42 45.31
N ASN C 449 14.22 -17.67 45.40
CA ASN C 449 14.63 -18.55 46.48
C ASN C 449 15.62 -19.54 45.86
N GLU C 450 16.16 -20.46 46.66
CA GLU C 450 17.14 -21.41 46.15
C GLU C 450 16.71 -22.27 44.95
N GLU C 451 15.51 -22.81 45.00
CA GLU C 451 15.02 -23.65 43.91
C GLU C 451 14.88 -22.90 42.59
N GLN C 452 14.39 -21.67 42.64
CA GLN C 452 14.24 -20.89 41.41
C GLN C 452 15.58 -20.36 40.91
N ARG C 453 16.52 -20.14 41.84
CA ARG C 453 17.85 -19.67 41.44
C ARG C 453 18.50 -20.78 40.62
N LYS C 454 18.29 -22.02 41.07
CA LYS C 454 18.84 -23.18 40.39
C LYS C 454 18.25 -23.30 38.99
N ARG C 455 16.93 -23.22 38.88
CA ARG C 455 16.28 -23.32 37.58
C ARG C 455 16.71 -22.17 36.66
N LEU C 456 16.83 -20.97 37.24
CA LEU C 456 17.24 -19.79 36.48
C LEU C 456 18.56 -20.02 35.76
N CYS C 457 19.56 -20.52 36.49
CA CYS C 457 20.86 -20.76 35.91
C CYS C 457 20.84 -21.88 34.88
N GLU C 458 20.06 -22.93 35.15
CA GLU C 458 19.95 -24.05 34.22
C GLU C 458 19.31 -23.54 32.93
N ASN C 459 18.30 -22.69 33.06
CA ASN C 459 17.59 -22.13 31.92
C ASN C 459 18.53 -21.28 31.07
N ILE C 460 19.32 -20.44 31.73
CA ILE C 460 20.27 -19.58 31.03
C ILE C 460 21.33 -20.42 30.32
N ALA C 461 21.96 -21.32 31.08
CA ALA C 461 23.01 -22.18 30.55
C ALA C 461 22.53 -23.02 29.36
N GLY C 462 21.34 -23.58 29.47
CA GLY C 462 20.81 -24.40 28.39
C GLY C 462 20.72 -23.68 27.05
N HIS C 463 20.56 -22.36 27.08
CA HIS C 463 20.45 -21.58 25.85
C HIS C 463 21.80 -20.97 25.45
N LEU C 464 22.50 -20.42 26.44
CA LEU C 464 23.81 -19.78 26.23
C LEU C 464 24.88 -20.76 25.77
N LYS C 465 24.69 -22.04 26.06
CA LYS C 465 25.65 -23.07 25.69
C LYS C 465 25.89 -23.15 24.17
N ASP C 466 24.90 -22.72 23.39
CA ASP C 466 25.05 -22.78 21.93
C ASP C 466 25.77 -21.60 21.31
N ALA C 467 26.11 -20.60 22.12
CA ALA C 467 26.84 -19.44 21.62
C ALA C 467 28.32 -19.78 21.65
N GLN C 468 29.12 -19.04 20.87
CA GLN C 468 30.55 -19.27 20.83
C GLN C 468 31.15 -19.07 22.23
N LEU C 469 32.31 -19.68 22.46
CA LEU C 469 32.98 -19.59 23.76
C LEU C 469 33.27 -18.16 24.22
N PHE C 470 33.76 -17.32 23.33
CA PHE C 470 34.07 -15.95 23.72
C PHE C 470 32.82 -15.20 24.16
N ILE C 471 31.67 -15.59 23.61
CA ILE C 471 30.41 -14.94 23.99
C ILE C 471 29.97 -15.45 25.35
N GLN C 472 30.13 -16.75 25.58
CA GLN C 472 29.75 -17.35 26.86
C GLN C 472 30.56 -16.71 27.98
N LYS C 473 31.84 -16.47 27.70
CA LYS C 473 32.76 -15.86 28.65
C LYS C 473 32.30 -14.46 29.04
N LYS C 474 31.98 -13.64 28.05
CA LYS C 474 31.54 -12.27 28.31
C LYS C 474 30.23 -12.27 29.10
N ALA C 475 29.29 -13.11 28.68
CA ALA C 475 28.01 -13.20 29.36
C ALA C 475 28.21 -13.59 30.83
N VAL C 476 28.98 -14.65 31.05
CA VAL C 476 29.25 -15.11 32.42
C VAL C 476 29.88 -13.99 33.22
N LYS C 477 30.78 -13.23 32.58
CA LYS C 477 31.45 -12.11 33.23
C LYS C 477 30.41 -11.13 33.77
N ASN C 478 29.38 -10.85 32.95
CA ASN C 478 28.31 -9.94 33.34
C ASN C 478 27.51 -10.51 34.52
N PHE C 479 27.23 -11.81 34.47
CA PHE C 479 26.48 -12.43 35.55
C PHE C 479 27.30 -12.43 36.84
N SER C 480 28.62 -12.58 36.72
CA SER C 480 29.49 -12.56 37.88
C SER C 480 29.47 -11.16 38.48
N ASP C 481 29.34 -10.14 37.64
CA ASP C 481 29.29 -8.77 38.11
C ASP C 481 28.06 -8.54 38.97
N VAL C 482 26.99 -9.26 38.67
CA VAL C 482 25.75 -9.16 39.44
C VAL C 482 26.00 -9.82 40.79
N HIS C 483 26.60 -11.00 40.74
CA HIS C 483 26.92 -11.76 41.94
C HIS C 483 27.82 -12.92 41.51
N PRO C 484 29.00 -13.05 42.14
CA PRO C 484 29.93 -14.14 41.80
C PRO C 484 29.30 -15.52 41.74
N GLU C 485 28.40 -15.81 42.67
CA GLU C 485 27.75 -17.11 42.71
C GLU C 485 26.85 -17.29 41.48
N TYR C 486 26.25 -16.19 41.03
CA TYR C 486 25.37 -16.21 39.87
C TYR C 486 26.18 -16.68 38.66
N GLY C 487 27.26 -15.97 38.37
CA GLY C 487 28.10 -16.34 37.24
C GLY C 487 28.74 -17.71 37.39
N SER C 488 29.14 -18.04 38.62
CA SER C 488 29.77 -19.32 38.90
C SER C 488 28.87 -20.52 38.62
N ARG C 489 27.61 -20.43 39.03
CA ARG C 489 26.66 -21.51 38.81
C ARG C 489 26.45 -21.75 37.33
N ILE C 490 26.31 -20.66 36.57
CA ILE C 490 26.12 -20.77 35.13
C ILE C 490 27.35 -21.38 34.47
N GLN C 491 28.53 -20.93 34.88
CA GLN C 491 29.78 -21.44 34.31
C GLN C 491 29.94 -22.95 34.50
N ALA C 492 29.57 -23.44 35.69
CA ALA C 492 29.67 -24.86 35.98
C ALA C 492 28.79 -25.65 35.02
N LEU C 493 27.56 -25.17 34.83
CA LEU C 493 26.62 -25.82 33.92
C LEU C 493 27.17 -25.76 32.49
N LEU C 494 27.74 -24.61 32.14
CA LEU C 494 28.31 -24.39 30.82
C LEU C 494 29.48 -25.33 30.56
N ASP C 495 30.34 -25.50 31.55
CA ASP C 495 31.50 -26.38 31.44
C ASP C 495 31.01 -27.78 31.10
N LYS C 496 29.97 -28.21 31.79
CA LYS C 496 29.39 -29.52 31.59
C LYS C 496 28.84 -29.64 30.17
N TYR C 497 28.07 -28.64 29.74
CA TYR C 497 27.49 -28.63 28.41
C TYR C 497 28.57 -28.73 27.34
N ASN C 498 29.61 -27.91 27.49
CA ASN C 498 30.72 -27.91 26.55
C ASN C 498 31.42 -29.27 26.59
N GLU C 499 30.81 -30.22 27.29
CA GLU C 499 31.32 -31.57 27.43
C GLU C 499 32.84 -31.66 27.41
N ASN D 1 13.21 22.96 -37.93
CA ASN D 1 12.13 22.12 -37.32
C ASN D 1 11.41 22.87 -36.22
N ARG D 2 11.00 22.13 -35.18
CA ARG D 2 10.30 22.69 -34.04
C ARG D 2 11.18 22.53 -32.80
N ASP D 3 10.69 22.99 -31.65
CA ASP D 3 11.46 22.90 -30.41
C ASP D 3 11.93 21.48 -30.12
N PRO D 4 13.05 21.35 -29.39
CA PRO D 4 13.62 20.05 -29.03
C PRO D 4 12.64 19.17 -28.26
N ALA D 5 11.88 19.77 -27.35
CA ALA D 5 10.92 19.01 -26.55
C ALA D 5 9.88 18.33 -27.46
N SER D 6 9.42 19.06 -28.46
CA SER D 6 8.42 18.51 -29.39
C SER D 6 9.01 17.37 -30.22
N ASP D 7 10.30 17.43 -30.51
CA ASP D 7 10.97 16.40 -31.30
C ASP D 7 11.53 15.24 -30.48
N GLN D 8 11.06 15.09 -29.24
CA GLN D 8 11.55 14.04 -28.37
C GLN D 8 11.59 12.65 -29.02
N MET D 9 10.46 12.20 -29.55
CA MET D 9 10.41 10.88 -30.17
C MET D 9 11.24 10.84 -31.45
N LYS D 10 11.12 11.88 -32.27
CA LYS D 10 11.87 11.96 -33.52
C LYS D 10 13.34 11.67 -33.20
N HIS D 11 13.88 12.39 -32.22
CA HIS D 11 15.27 12.20 -31.84
C HIS D 11 15.55 10.81 -31.30
N TRP D 12 14.67 10.30 -30.45
CA TRP D 12 14.87 8.96 -29.91
C TRP D 12 14.98 7.99 -31.09
N LYS D 13 14.07 8.14 -32.05
CA LYS D 13 14.02 7.30 -33.24
C LYS D 13 15.34 7.43 -34.02
N GLU D 14 15.79 8.67 -34.21
CA GLU D 14 17.03 8.92 -34.94
C GLU D 14 18.22 8.36 -34.14
N GLN D 15 18.13 8.45 -32.82
CA GLN D 15 19.18 7.92 -31.95
C GLN D 15 19.30 6.43 -32.22
N ARG D 16 18.16 5.79 -32.45
CA ARG D 16 18.10 4.37 -32.73
C ARG D 16 18.90 4.01 -33.99
N ALA D 17 18.95 4.95 -34.93
CA ALA D 17 19.68 4.76 -36.18
C ALA D 17 19.15 3.60 -37.01
N ALA D 18 20.04 2.72 -37.43
CA ALA D 18 19.67 1.57 -38.25
C ALA D 18 19.25 0.38 -37.40
N GLN D 19 19.50 0.44 -36.11
CA GLN D 19 19.14 -0.65 -35.20
C GLN D 19 17.68 -1.04 -35.42
N LYS D 20 17.38 -2.33 -35.26
CA LYS D 20 16.03 -2.82 -35.44
C LYS D 20 15.30 -2.83 -34.10
N PRO D 21 13.96 -2.74 -34.13
CA PRO D 21 13.17 -2.74 -32.89
C PRO D 21 13.42 -3.98 -32.05
N ASP D 22 13.45 -3.82 -30.73
CA ASP D 22 13.64 -4.94 -29.84
C ASP D 22 12.37 -5.79 -29.86
N VAL D 23 12.44 -6.98 -29.28
CA VAL D 23 11.28 -7.85 -29.23
C VAL D 23 10.39 -7.41 -28.07
N LEU D 24 9.10 -7.30 -28.32
CA LEU D 24 8.14 -6.89 -27.31
C LEU D 24 7.88 -8.10 -26.40
N THR D 25 7.99 -7.91 -25.09
CA THR D 25 7.80 -9.01 -24.14
C THR D 25 6.82 -8.67 -23.03
N THR D 26 6.43 -9.71 -22.27
CA THR D 26 5.56 -9.53 -21.12
C THR D 26 6.49 -9.01 -20.02
N GLY D 27 5.94 -8.69 -18.85
CA GLY D 27 6.77 -8.22 -17.76
C GLY D 27 7.75 -9.30 -17.33
N GLY D 28 7.36 -10.55 -17.55
CA GLY D 28 8.20 -11.68 -17.17
C GLY D 28 9.27 -12.01 -18.21
N GLY D 29 9.33 -11.21 -19.26
CA GLY D 29 10.32 -11.43 -20.30
C GLY D 29 9.92 -12.39 -21.41
N ASN D 30 8.68 -12.86 -21.39
CA ASN D 30 8.22 -13.79 -22.42
C ASN D 30 7.87 -13.02 -23.70
N PRO D 31 8.41 -13.48 -24.85
CA PRO D 31 8.12 -12.79 -26.12
C PRO D 31 6.62 -12.83 -26.43
N VAL D 32 6.09 -11.75 -26.97
CA VAL D 32 4.67 -11.68 -27.31
C VAL D 32 4.44 -11.89 -28.81
N GLY D 33 3.49 -12.75 -29.14
CA GLY D 33 3.18 -13.04 -30.54
C GLY D 33 2.39 -11.98 -31.28
N ASP D 34 1.36 -11.45 -30.63
CA ASP D 34 0.52 -10.41 -31.22
C ASP D 34 -0.08 -9.63 -30.06
N LYS D 35 0.42 -8.41 -29.84
CA LYS D 35 -0.09 -7.61 -28.73
C LYS D 35 -1.18 -6.65 -29.15
N LEU D 36 -1.77 -6.90 -30.32
CA LEU D 36 -2.84 -6.02 -30.82
C LEU D 36 -4.18 -6.72 -30.91
N ASN D 37 -4.20 -8.02 -30.68
CA ASN D 37 -5.43 -8.80 -30.74
C ASN D 37 -5.56 -9.76 -29.57
N SER D 38 -6.70 -9.70 -28.87
CA SER D 38 -6.94 -10.55 -27.72
C SER D 38 -7.27 -12.00 -28.09
N LEU D 39 -7.03 -12.89 -27.13
CA LEU D 39 -7.26 -14.32 -27.29
C LEU D 39 -8.71 -14.66 -26.97
N THR D 40 -9.42 -15.18 -27.97
CA THR D 40 -10.82 -15.54 -27.80
C THR D 40 -11.14 -16.87 -28.48
N VAL D 41 -12.31 -17.42 -28.20
CA VAL D 41 -12.75 -18.66 -28.84
C VAL D 41 -13.59 -18.21 -30.02
N GLY D 42 -12.99 -18.19 -31.21
CA GLY D 42 -13.72 -17.73 -32.38
C GLY D 42 -13.57 -16.22 -32.48
N PRO D 43 -13.68 -15.64 -33.69
CA PRO D 43 -13.54 -14.19 -33.90
C PRO D 43 -14.52 -13.32 -33.13
N ARG D 44 -15.69 -13.86 -32.79
CA ARG D 44 -16.68 -13.11 -32.04
C ARG D 44 -17.03 -13.84 -30.75
N GLY D 45 -16.00 -14.47 -30.17
CA GLY D 45 -16.18 -15.23 -28.94
C GLY D 45 -15.66 -14.54 -27.69
N PRO D 46 -15.82 -15.18 -26.51
CA PRO D 46 -15.39 -14.66 -25.22
C PRO D 46 -13.87 -14.56 -25.03
N LEU D 47 -13.47 -13.61 -24.19
CA LEU D 47 -12.08 -13.37 -23.84
C LEU D 47 -11.66 -14.44 -22.83
N LEU D 48 -10.44 -14.95 -22.98
CA LEU D 48 -9.94 -15.99 -22.09
C LEU D 48 -8.97 -15.54 -21.01
N VAL D 49 -9.04 -16.18 -19.86
CA VAL D 49 -8.14 -15.89 -18.73
C VAL D 49 -6.74 -16.27 -19.20
N GLN D 50 -6.70 -17.24 -20.10
CA GLN D 50 -5.47 -17.75 -20.68
C GLN D 50 -4.70 -16.67 -21.45
N ASP D 51 -5.35 -15.53 -21.70
CA ASP D 51 -4.65 -14.44 -22.36
C ASP D 51 -3.91 -13.70 -21.26
N VAL D 52 -2.72 -14.19 -20.93
CA VAL D 52 -1.90 -13.58 -19.89
C VAL D 52 -1.07 -12.42 -20.42
N VAL D 53 -1.08 -12.22 -21.72
CA VAL D 53 -0.36 -11.10 -22.31
C VAL D 53 -1.23 -9.89 -21.94
N PHE D 54 -2.53 -10.05 -22.14
CA PHE D 54 -3.49 -9.01 -21.82
C PHE D 54 -3.46 -8.65 -20.33
N THR D 55 -3.66 -9.65 -19.48
CA THR D 55 -3.68 -9.40 -18.04
C THR D 55 -2.40 -8.75 -17.54
N ASP D 56 -1.26 -9.27 -17.96
CA ASP D 56 0.04 -8.73 -17.54
C ASP D 56 0.14 -7.24 -17.88
N GLU D 57 -0.21 -6.86 -19.10
CA GLU D 57 -0.13 -5.47 -19.50
C GLU D 57 -1.20 -4.60 -18.85
N MET D 58 -2.45 -5.09 -18.83
CA MET D 58 -3.53 -4.32 -18.24
C MET D 58 -3.38 -4.13 -16.73
N ALA D 59 -2.91 -5.17 -16.04
CA ALA D 59 -2.74 -5.08 -14.60
C ALA D 59 -1.72 -4.00 -14.26
N HIS D 60 -0.70 -3.85 -15.10
CA HIS D 60 0.30 -2.84 -14.84
C HIS D 60 -0.25 -1.45 -15.15
N PHE D 61 -0.98 -1.34 -16.25
CA PHE D 61 -1.59 -0.07 -16.64
C PHE D 61 -2.47 0.37 -15.46
N ASP D 62 -3.20 -0.58 -14.88
CA ASP D 62 -4.09 -0.31 -13.77
C ASP D 62 -3.39 0.19 -12.51
N ARG D 63 -2.07 0.00 -12.44
CA ARG D 63 -1.30 0.42 -11.27
C ARG D 63 -0.24 1.48 -11.58
N GLU D 64 -0.41 2.20 -12.67
CA GLU D 64 0.56 3.22 -13.07
C GLU D 64 0.68 4.40 -12.12
N ARG D 65 -0.44 4.82 -11.54
CA ARG D 65 -0.44 5.99 -10.67
C ARG D 65 -0.10 5.77 -9.21
N ILE D 66 0.56 6.77 -8.64
CA ILE D 66 0.91 6.78 -7.23
C ILE D 66 0.32 8.11 -6.77
N PRO D 67 0.12 8.29 -5.45
CA PRO D 67 -0.43 9.55 -4.96
C PRO D 67 0.48 10.71 -5.36
N GLU D 68 -0.10 11.84 -5.77
CA GLU D 68 0.74 12.98 -6.10
C GLU D 68 1.21 13.59 -4.78
N ARG D 69 2.21 14.47 -4.83
CA ARG D 69 2.70 15.11 -3.62
C ARG D 69 1.53 15.85 -2.98
N VAL D 70 1.44 15.78 -1.66
CA VAL D 70 0.35 16.44 -0.95
C VAL D 70 0.36 17.95 -1.24
N VAL D 71 1.54 18.49 -1.51
CA VAL D 71 1.70 19.89 -1.90
C VAL D 71 2.85 19.94 -2.91
N HIS D 72 2.83 20.94 -3.78
CA HIS D 72 3.87 21.07 -4.81
C HIS D 72 3.76 19.92 -5.82
N ALA D 73 2.53 19.47 -6.09
CA ALA D 73 2.31 18.37 -7.02
C ALA D 73 2.73 18.66 -8.47
N LYS D 74 2.58 19.90 -8.92
CA LYS D 74 2.93 20.28 -10.30
C LYS D 74 4.35 20.80 -10.40
N GLY D 75 5.21 20.05 -11.08
CA GLY D 75 6.60 20.48 -11.20
C GLY D 75 7.38 20.02 -12.40
N ALA D 76 8.66 20.37 -12.37
CA ALA D 76 9.60 20.04 -13.44
C ALA D 76 10.95 19.77 -12.80
N GLY D 77 11.72 18.86 -13.40
CA GLY D 77 13.01 18.55 -12.83
C GLY D 77 14.15 18.59 -13.84
N ALA D 78 15.37 18.64 -13.32
CA ALA D 78 16.56 18.66 -14.15
C ALA D 78 17.74 18.27 -13.27
N PHE D 79 18.86 17.96 -13.89
CA PHE D 79 20.04 17.54 -13.16
C PHE D 79 21.27 18.34 -13.59
N GLY D 80 22.30 18.33 -12.74
CA GLY D 80 23.50 19.07 -13.06
C GLY D 80 24.53 18.93 -11.97
N TYR D 81 25.19 20.02 -11.61
CA TYR D 81 26.21 19.97 -10.58
C TYR D 81 26.31 21.25 -9.78
N PHE D 82 26.99 21.14 -8.65
CA PHE D 82 27.25 22.29 -7.79
C PHE D 82 28.76 22.40 -7.78
N GLU D 83 29.26 23.61 -7.95
CA GLU D 83 30.71 23.82 -7.94
C GLU D 83 31.08 24.91 -6.95
N VAL D 84 31.98 24.57 -6.03
CA VAL D 84 32.44 25.53 -5.03
C VAL D 84 33.34 26.55 -5.70
N THR D 85 33.08 27.82 -5.44
CA THR D 85 33.87 28.90 -6.02
C THR D 85 34.59 29.69 -4.93
N HIS D 86 34.05 29.65 -3.71
CA HIS D 86 34.66 30.35 -2.59
C HIS D 86 34.84 29.45 -1.39
N ASP D 87 35.85 29.77 -0.57
CA ASP D 87 36.16 28.99 0.61
C ASP D 87 35.37 29.46 1.83
N ILE D 88 34.46 28.63 2.32
CA ILE D 88 33.69 28.99 3.51
C ILE D 88 33.88 27.94 4.59
N THR D 89 35.00 27.24 4.52
CA THR D 89 35.32 26.21 5.49
C THR D 89 35.40 26.74 6.92
N ARG D 90 35.60 28.05 7.06
CA ARG D 90 35.67 28.65 8.38
C ARG D 90 34.32 28.50 9.10
N TYR D 91 33.26 28.40 8.30
CA TYR D 91 31.91 28.25 8.84
C TYR D 91 31.40 26.82 8.85
N SER D 92 31.62 26.09 7.75
CA SER D 92 31.14 24.72 7.65
C SER D 92 32.18 23.71 7.17
N LYS D 93 32.20 22.56 7.83
CA LYS D 93 33.14 21.49 7.50
C LYS D 93 32.52 20.50 6.49
N ALA D 94 31.28 20.73 6.10
CA ALA D 94 30.61 19.82 5.16
C ALA D 94 31.51 19.53 3.96
N LYS D 95 31.66 18.25 3.64
CA LYS D 95 32.50 17.84 2.52
C LYS D 95 32.13 18.52 1.20
N VAL D 96 30.86 18.82 1.04
CA VAL D 96 30.36 19.48 -0.17
C VAL D 96 30.99 20.87 -0.38
N PHE D 97 31.60 21.43 0.66
CA PHE D 97 32.23 22.75 0.55
C PHE D 97 33.75 22.63 0.71
N GLU D 98 34.20 21.40 0.87
CA GLU D 98 35.61 21.06 1.09
C GLU D 98 36.67 21.94 0.42
N HIS D 99 36.62 22.09 -0.90
CA HIS D 99 37.61 22.90 -1.59
C HIS D 99 37.08 23.58 -2.84
N ILE D 100 37.66 24.74 -3.16
CA ILE D 100 37.25 25.50 -4.33
C ILE D 100 37.43 24.63 -5.58
N GLY D 101 36.40 24.62 -6.42
CA GLY D 101 36.45 23.81 -7.63
C GLY D 101 35.79 22.46 -7.48
N LYS D 102 35.55 22.05 -6.23
CA LYS D 102 34.93 20.76 -5.96
C LYS D 102 33.51 20.70 -6.51
N ARG D 103 33.23 19.69 -7.32
CA ARG D 103 31.91 19.53 -7.90
C ARG D 103 31.13 18.39 -7.26
N THR D 104 29.83 18.59 -7.12
CA THR D 104 28.94 17.59 -6.54
C THR D 104 27.69 17.51 -7.40
N PRO D 105 27.34 16.30 -7.86
CA PRO D 105 26.14 16.20 -8.69
C PRO D 105 24.89 16.64 -7.91
N ILE D 106 23.95 17.24 -8.62
CA ILE D 106 22.72 17.69 -7.99
C ILE D 106 21.49 17.33 -8.81
N ALA D 107 20.35 17.30 -8.13
CA ALA D 107 19.08 17.03 -8.77
C ALA D 107 18.17 18.15 -8.29
N VAL D 108 17.37 18.72 -9.18
CA VAL D 108 16.50 19.81 -8.82
C VAL D 108 15.08 19.67 -9.33
N ARG D 109 14.11 20.07 -8.51
CA ARG D 109 12.72 20.05 -8.91
C ARG D 109 12.09 21.41 -8.59
N PHE D 110 11.43 21.97 -9.60
CA PHE D 110 10.76 23.26 -9.48
C PHE D 110 9.27 22.92 -9.46
N SER D 111 8.47 23.77 -8.82
CA SER D 111 7.04 23.47 -8.76
C SER D 111 6.19 24.62 -8.25
N THR D 112 4.88 24.46 -8.36
CA THR D 112 3.95 25.44 -7.84
C THR D 112 3.58 24.84 -6.48
N VAL D 113 2.52 25.31 -5.85
CA VAL D 113 2.18 24.77 -4.53
C VAL D 113 0.82 24.11 -4.36
N ALA D 114 -0.24 24.88 -4.63
CA ALA D 114 -1.60 24.39 -4.45
C ALA D 114 -2.21 23.49 -5.51
N GLY D 115 -1.95 23.80 -6.78
CA GLY D 115 -2.51 23.01 -7.86
C GLY D 115 -2.12 21.55 -7.92
N GLU D 116 -3.01 20.73 -8.46
CA GLU D 116 -2.76 19.29 -8.61
C GLU D 116 -1.90 19.04 -9.85
N SER D 117 -1.58 17.77 -10.11
CA SER D 117 -0.73 17.38 -11.23
C SER D 117 -1.13 17.90 -12.63
N GLY D 118 -2.40 18.22 -12.82
CA GLY D 118 -2.82 18.71 -14.13
C GLY D 118 -3.03 20.21 -14.19
N SER D 119 -2.66 20.92 -13.12
CA SER D 119 -2.85 22.37 -13.08
C SER D 119 -1.83 23.11 -13.95
N ALA D 120 -2.04 24.40 -14.14
CA ALA D 120 -1.17 25.22 -14.98
C ALA D 120 0.06 25.76 -14.26
N ASP D 121 1.16 25.89 -15.00
CA ASP D 121 2.42 26.40 -14.45
C ASP D 121 2.42 27.89 -14.12
N THR D 122 1.85 28.70 -15.02
CA THR D 122 1.85 30.15 -14.85
C THR D 122 0.69 30.74 -14.05
N VAL D 123 0.64 30.40 -12.76
CA VAL D 123 -0.39 30.90 -11.85
C VAL D 123 0.30 31.52 -10.63
N ARG D 124 -0.39 32.42 -9.94
CA ARG D 124 0.17 33.06 -8.75
C ARG D 124 0.29 32.00 -7.68
N ASP D 125 1.49 31.87 -7.11
CA ASP D 125 1.72 30.84 -6.10
C ASP D 125 3.21 30.87 -5.81
N PRO D 126 3.62 30.35 -4.64
CA PRO D 126 5.05 30.36 -4.36
C PRO D 126 5.61 29.32 -5.33
N ARG D 127 6.93 29.20 -5.42
CA ARG D 127 7.53 28.21 -6.30
C ARG D 127 8.54 27.37 -5.52
N GLY D 128 8.38 26.05 -5.61
CA GLY D 128 9.30 25.17 -4.92
C GLY D 128 10.59 25.14 -5.72
N PHE D 129 11.72 25.02 -5.05
CA PHE D 129 13.02 24.99 -5.70
C PHE D 129 13.90 24.09 -4.83
N ALA D 130 13.67 22.78 -4.94
CA ALA D 130 14.40 21.80 -4.14
C ALA D 130 15.68 21.34 -4.83
N VAL D 131 16.76 21.29 -4.07
CA VAL D 131 18.06 20.88 -4.58
C VAL D 131 18.62 19.73 -3.77
N LYS D 132 18.96 18.64 -4.46
CA LYS D 132 19.52 17.47 -3.81
C LYS D 132 21.01 17.37 -4.18
N PHE D 133 21.88 17.43 -3.17
CA PHE D 133 23.31 17.31 -3.40
C PHE D 133 23.72 15.88 -3.03
N TYR D 134 24.24 15.15 -4.00
CA TYR D 134 24.69 13.78 -3.76
C TYR D 134 26.13 13.84 -3.26
N THR D 135 26.30 14.10 -1.96
CA THR D 135 27.65 14.22 -1.40
C THR D 135 28.23 12.91 -0.87
N GLU D 136 29.53 12.94 -0.60
CA GLU D 136 30.25 11.79 -0.09
C GLU D 136 29.78 11.44 1.32
N ASP D 137 29.23 12.44 2.02
CA ASP D 137 28.72 12.22 3.37
C ASP D 137 27.20 12.02 3.30
N GLY D 138 26.73 11.49 2.18
CA GLY D 138 25.32 11.26 2.00
C GLY D 138 24.64 12.39 1.28
N ASN D 139 23.32 12.29 1.10
CA ASN D 139 22.60 13.34 0.39
C ASN D 139 22.25 14.52 1.28
N TRP D 140 22.39 15.71 0.72
CA TRP D 140 22.03 16.94 1.41
C TRP D 140 20.89 17.51 0.60
N ASP D 141 19.71 17.59 1.21
CA ASP D 141 18.54 18.14 0.52
C ASP D 141 18.21 19.53 1.05
N LEU D 142 18.40 20.53 0.19
CA LEU D 142 18.09 21.91 0.53
C LEU D 142 16.76 22.16 -0.15
N VAL D 143 15.68 21.92 0.58
CA VAL D 143 14.33 22.07 0.04
C VAL D 143 13.81 23.49 0.16
N GLY D 144 14.20 24.34 -0.79
CA GLY D 144 13.79 25.73 -0.73
C GLY D 144 12.63 26.15 -1.61
N ASN D 145 12.30 27.44 -1.53
CA ASN D 145 11.24 28.05 -2.30
C ASN D 145 11.82 29.29 -2.98
N ASN D 146 11.01 29.95 -3.80
CA ASN D 146 11.47 31.15 -4.50
C ASN D 146 11.26 32.39 -3.63
N THR D 147 11.03 32.17 -2.33
CA THR D 147 10.86 33.26 -1.38
C THR D 147 11.69 32.96 -0.15
N PRO D 148 12.21 34.01 0.53
CA PRO D 148 13.02 33.79 1.72
C PRO D 148 12.19 33.57 3.00
N ILE D 149 10.89 33.80 2.89
CA ILE D 149 9.98 33.66 4.03
C ILE D 149 8.78 32.77 3.72
N PHE D 150 7.88 32.64 4.70
CA PHE D 150 6.68 31.84 4.51
C PHE D 150 5.50 32.49 5.22
N PHE D 151 4.30 31.99 4.96
CA PHE D 151 3.07 32.53 5.55
C PHE D 151 2.85 32.32 7.04
N ILE D 152 3.44 31.27 7.61
CA ILE D 152 3.24 30.97 9.02
C ILE D 152 4.55 30.65 9.74
N ARG D 153 4.51 30.64 11.07
CA ARG D 153 5.74 30.38 11.84
C ARG D 153 5.69 29.20 12.80
N ASP D 154 4.65 28.38 12.69
CA ASP D 154 4.51 27.18 13.54
C ASP D 154 3.91 26.09 12.66
N ALA D 155 4.56 24.94 12.62
CA ALA D 155 4.13 23.81 11.78
C ALA D 155 2.69 23.33 12.05
N LEU D 156 2.17 23.56 13.25
CA LEU D 156 0.80 23.12 13.55
C LEU D 156 -0.23 23.81 12.66
N LEU D 157 0.13 24.96 12.10
CA LEU D 157 -0.79 25.67 11.23
C LEU D 157 -0.60 25.32 9.76
N PHE D 158 0.41 24.52 9.43
CA PHE D 158 0.66 24.18 8.05
C PHE D 158 -0.45 23.39 7.34
N PRO D 159 -0.91 22.26 7.92
CA PRO D 159 -1.98 21.52 7.23
C PRO D 159 -3.20 22.41 6.99
N SER D 160 -3.55 23.22 7.98
CA SER D 160 -4.69 24.11 7.85
C SER D 160 -4.46 25.11 6.73
N PHE D 161 -3.27 25.71 6.69
CA PHE D 161 -2.95 26.67 5.65
C PHE D 161 -3.13 26.04 4.28
N ILE D 162 -2.52 24.88 4.08
CA ILE D 162 -2.61 24.19 2.80
C ILE D 162 -4.07 23.88 2.47
N HIS D 163 -4.83 23.46 3.48
CA HIS D 163 -6.25 23.16 3.27
C HIS D 163 -6.96 24.42 2.75
N SER D 164 -6.71 25.56 3.39
CA SER D 164 -7.35 26.81 2.98
C SER D 164 -6.95 27.25 1.57
N GLN D 165 -5.78 26.78 1.13
CA GLN D 165 -5.28 27.13 -0.20
C GLN D 165 -5.76 26.18 -1.29
N LYS D 166 -6.38 25.08 -0.89
CA LYS D 166 -6.86 24.11 -1.85
C LYS D 166 -8.36 24.13 -2.06
N ARG D 167 -8.96 22.95 -2.27
CA ARG D 167 -10.40 22.89 -2.53
C ARG D 167 -11.34 22.77 -1.34
N ASN D 168 -12.53 23.34 -1.50
CA ASN D 168 -13.56 23.25 -0.48
C ASN D 168 -13.85 21.75 -0.36
N PRO D 169 -13.93 21.23 0.87
CA PRO D 169 -14.19 19.80 1.09
C PRO D 169 -15.51 19.23 0.53
N GLN D 170 -16.48 20.09 0.29
CA GLN D 170 -17.75 19.63 -0.25
C GLN D 170 -17.90 19.89 -1.74
N THR D 171 -17.61 21.11 -2.19
CA THR D 171 -17.75 21.47 -3.60
C THR D 171 -16.54 21.13 -4.49
N HIS D 172 -15.38 20.96 -3.86
CA HIS D 172 -14.14 20.67 -4.57
C HIS D 172 -13.73 21.88 -5.43
N LEU D 173 -14.16 23.07 -5.03
CA LEU D 173 -13.83 24.30 -5.74
C LEU D 173 -12.86 25.16 -4.94
N LYS D 174 -12.12 26.03 -5.63
CA LYS D 174 -11.21 26.93 -4.92
C LYS D 174 -12.18 27.81 -4.13
N ASP D 175 -11.82 28.18 -2.90
CA ASP D 175 -12.71 28.97 -2.05
C ASP D 175 -12.05 30.21 -1.46
N PRO D 176 -12.38 31.39 -2.01
CA PRO D 176 -11.79 32.64 -1.50
C PRO D 176 -12.08 32.89 -0.01
N ASP D 177 -13.21 32.40 0.48
CA ASP D 177 -13.55 32.55 1.89
C ASP D 177 -12.53 31.79 2.72
N MET D 178 -12.20 30.58 2.27
CA MET D 178 -11.23 29.76 2.98
C MET D 178 -9.87 30.44 2.97
N VAL D 179 -9.45 30.87 1.79
CA VAL D 179 -8.16 31.52 1.65
C VAL D 179 -8.01 32.75 2.54
N TRP D 180 -8.93 33.70 2.41
CA TRP D 180 -8.83 34.93 3.19
C TRP D 180 -9.29 34.88 4.65
N ASP D 181 -10.16 33.94 5.01
CA ASP D 181 -10.55 33.86 6.40
C ASP D 181 -9.26 33.46 7.13
N PHE D 182 -8.58 32.44 6.60
CA PHE D 182 -7.34 31.98 7.22
C PHE D 182 -6.31 33.10 7.31
N TRP D 183 -6.02 33.75 6.18
CA TRP D 183 -5.02 34.81 6.19
C TRP D 183 -5.40 36.00 7.06
N SER D 184 -6.68 36.36 7.09
CA SER D 184 -7.11 37.49 7.91
C SER D 184 -7.00 37.14 9.39
N LEU D 185 -7.23 35.88 9.73
CA LEU D 185 -7.14 35.44 11.12
C LEU D 185 -5.70 35.25 11.56
N ARG D 186 -4.81 35.02 10.60
CA ARG D 186 -3.40 34.81 10.90
C ARG D 186 -2.53 35.88 10.23
N PRO D 187 -2.48 37.08 10.82
CA PRO D 187 -1.72 38.24 10.34
C PRO D 187 -0.22 38.01 10.08
N GLU D 188 0.36 36.97 10.69
CA GLU D 188 1.78 36.71 10.47
C GLU D 188 2.05 36.43 8.99
N SER D 189 0.99 36.12 8.26
CA SER D 189 1.10 35.82 6.83
C SER D 189 1.26 37.07 5.95
N LEU D 190 1.06 38.24 6.52
CA LEU D 190 1.17 39.50 5.78
C LEU D 190 2.45 39.64 4.96
N HIS D 191 3.59 39.25 5.54
CA HIS D 191 4.87 39.37 4.85
C HIS D 191 4.92 38.56 3.55
N GLN D 192 4.63 37.26 3.63
CA GLN D 192 4.65 36.42 2.42
C GLN D 192 3.48 36.72 1.49
N VAL D 193 2.36 37.17 2.04
CA VAL D 193 1.22 37.50 1.21
C VAL D 193 1.58 38.70 0.33
N SER D 194 2.34 39.64 0.90
CA SER D 194 2.74 40.83 0.15
C SER D 194 3.67 40.42 -0.99
N PHE D 195 4.58 39.50 -0.69
CA PHE D 195 5.52 39.03 -1.70
C PHE D 195 4.76 38.25 -2.79
N LEU D 196 3.83 37.42 -2.37
CA LEU D 196 3.04 36.60 -3.28
C LEU D 196 2.21 37.41 -4.27
N PHE D 197 1.55 38.46 -3.79
CA PHE D 197 0.74 39.26 -4.70
C PHE D 197 1.53 40.37 -5.41
N SER D 198 2.85 40.34 -5.26
CA SER D 198 3.72 41.30 -5.92
C SER D 198 4.03 40.66 -7.28
N ASP D 199 4.85 41.33 -8.09
CA ASP D 199 5.18 40.79 -9.41
C ASP D 199 5.85 39.42 -9.33
N ARG D 200 6.59 39.18 -8.26
CA ARG D 200 7.30 37.93 -8.06
C ARG D 200 6.34 36.75 -7.89
N GLY D 201 5.06 37.06 -7.71
CA GLY D 201 4.05 36.03 -7.54
C GLY D 201 3.97 35.09 -8.73
N ILE D 202 4.38 35.57 -9.90
CA ILE D 202 4.34 34.74 -11.11
C ILE D 202 5.62 34.83 -11.92
N PRO D 203 6.65 34.06 -11.54
CA PRO D 203 7.90 34.12 -12.30
C PRO D 203 7.73 33.64 -13.74
N ASP D 204 8.60 34.13 -14.62
CA ASP D 204 8.54 33.74 -16.02
C ASP D 204 9.31 32.42 -16.16
N GLY D 205 8.66 31.31 -15.85
CA GLY D 205 9.35 30.04 -15.92
C GLY D 205 10.14 29.81 -14.65
N HIS D 206 10.97 28.76 -14.63
CA HIS D 206 11.77 28.45 -13.43
C HIS D 206 13.17 29.03 -13.45
N ARG D 207 13.66 29.38 -14.64
CA ARG D 207 15.02 29.91 -14.77
C ARG D 207 15.19 31.36 -14.33
N HIS D 208 14.09 32.09 -14.17
CA HIS D 208 14.18 33.50 -13.80
C HIS D 208 13.64 33.86 -12.41
N MET D 209 14.00 33.05 -11.42
CA MET D 209 13.57 33.29 -10.04
C MET D 209 14.70 32.87 -9.12
N ASN D 210 14.76 33.44 -7.92
CA ASN D 210 15.79 33.07 -6.98
C ASN D 210 15.32 31.88 -6.17
N GLY D 211 16.26 31.26 -5.47
CA GLY D 211 15.93 30.13 -4.61
C GLY D 211 16.42 30.51 -3.23
N TYR D 212 15.76 30.01 -2.19
CA TYR D 212 16.16 30.31 -0.81
C TYR D 212 15.90 29.12 0.09
N GLY D 213 16.74 28.94 1.10
CA GLY D 213 16.54 27.87 2.04
C GLY D 213 15.43 28.32 2.97
N SER D 214 15.21 29.64 2.99
CA SER D 214 14.18 30.27 3.83
C SER D 214 14.52 30.18 5.32
N HIS D 215 14.59 28.95 5.83
CA HIS D 215 14.89 28.73 7.24
C HIS D 215 16.30 29.15 7.62
N THR D 216 16.49 29.39 8.91
CA THR D 216 17.80 29.69 9.44
C THR D 216 18.33 28.28 9.69
N PHE D 217 19.56 28.02 9.29
CA PHE D 217 20.16 26.72 9.51
C PHE D 217 21.38 26.96 10.38
N LYS D 218 22.11 25.89 10.68
CA LYS D 218 23.30 26.02 11.50
C LYS D 218 24.47 25.36 10.76
N LEU D 219 25.62 26.02 10.77
CA LEU D 219 26.82 25.49 10.13
C LEU D 219 27.84 25.19 11.24
N VAL D 220 28.58 24.10 11.10
CA VAL D 220 29.58 23.72 12.10
C VAL D 220 30.92 23.46 11.41
N ASN D 221 31.98 24.09 11.90
CA ASN D 221 33.30 23.89 11.30
C ASN D 221 34.07 22.77 11.96
N ALA D 222 35.24 22.47 11.42
CA ALA D 222 36.09 21.39 11.94
C ALA D 222 36.46 21.57 13.41
N ASN D 223 36.45 22.80 13.89
CA ASN D 223 36.78 23.06 15.28
C ASN D 223 35.58 22.88 16.21
N GLY D 224 34.44 22.53 15.63
CA GLY D 224 33.25 22.34 16.43
C GLY D 224 32.57 23.66 16.76
N GLU D 225 32.98 24.72 16.08
CA GLU D 225 32.39 26.04 16.30
C GLU D 225 31.20 26.18 15.37
N ALA D 226 30.13 26.80 15.85
CA ALA D 226 28.94 26.94 15.04
C ALA D 226 28.46 28.37 14.87
N VAL D 227 27.75 28.60 13.77
CA VAL D 227 27.16 29.90 13.45
C VAL D 227 25.84 29.57 12.79
N TYR D 228 24.95 30.54 12.72
CA TYR D 228 23.67 30.33 12.07
C TYR D 228 23.79 30.89 10.67
N CYS D 229 23.00 30.38 9.73
CA CYS D 229 23.07 30.86 8.35
C CYS D 229 21.76 30.79 7.60
N LYS D 230 21.74 31.44 6.45
CA LYS D 230 20.60 31.47 5.55
C LYS D 230 21.19 31.15 4.18
N PHE D 231 20.52 30.30 3.41
CA PHE D 231 20.99 29.95 2.07
C PHE D 231 20.24 30.76 1.02
N HIS D 232 20.98 31.32 0.08
CA HIS D 232 20.39 32.10 -1.01
C HIS D 232 21.04 31.68 -2.32
N TYR D 233 20.22 31.36 -3.32
CA TYR D 233 20.77 31.04 -4.62
C TYR D 233 20.04 31.87 -5.66
N LYS D 234 20.70 32.96 -6.06
CA LYS D 234 20.16 33.93 -7.02
C LYS D 234 20.33 33.45 -8.46
N THR D 235 19.32 33.71 -9.28
CA THR D 235 19.35 33.32 -10.68
C THR D 235 20.33 34.14 -11.49
N ASP D 236 21.21 33.46 -12.21
CA ASP D 236 22.19 34.13 -13.06
C ASP D 236 21.53 34.58 -14.36
N GLN D 237 20.31 34.12 -14.60
CA GLN D 237 19.57 34.49 -15.80
C GLN D 237 18.83 35.78 -15.54
N GLY D 238 18.76 36.17 -14.27
CA GLY D 238 18.09 37.40 -13.90
C GLY D 238 16.62 37.20 -13.57
N ILE D 239 16.09 38.05 -12.71
CA ILE D 239 14.70 37.97 -12.31
C ILE D 239 13.77 38.47 -13.43
N LYS D 240 12.77 37.67 -13.75
CA LYS D 240 11.80 38.03 -14.78
C LYS D 240 10.45 37.42 -14.44
N ASN D 241 9.40 38.23 -14.52
CA ASN D 241 8.05 37.77 -14.18
C ASN D 241 7.09 37.93 -15.34
N LEU D 242 5.94 37.26 -15.22
CA LEU D 242 4.89 37.33 -16.23
C LEU D 242 3.80 38.27 -15.74
N SER D 243 3.27 39.08 -16.64
CA SER D 243 2.20 39.98 -16.25
C SER D 243 0.98 39.11 -15.98
N VAL D 244 0.03 39.65 -15.22
CA VAL D 244 -1.18 38.90 -14.91
C VAL D 244 -1.89 38.48 -16.20
N GLU D 245 -1.85 39.34 -17.21
CA GLU D 245 -2.49 39.05 -18.49
C GLU D 245 -1.81 37.90 -19.23
N ASP D 246 -0.49 37.95 -19.30
CA ASP D 246 0.27 36.90 -19.98
C ASP D 246 0.17 35.55 -19.26
N ALA D 247 0.18 35.59 -17.93
CA ALA D 247 0.10 34.36 -17.14
C ALA D 247 -1.24 33.66 -17.38
N ALA D 248 -2.31 34.44 -17.45
CA ALA D 248 -3.64 33.89 -17.68
C ALA D 248 -3.72 33.23 -19.05
N ARG D 249 -3.13 33.87 -20.06
CA ARG D 249 -3.14 33.35 -21.41
C ARG D 249 -2.36 32.04 -21.50
N LEU D 250 -1.19 32.02 -20.89
CA LEU D 250 -0.35 30.82 -20.89
C LEU D 250 -1.00 29.71 -20.07
N ALA D 251 -1.88 30.07 -19.16
CA ALA D 251 -2.56 29.10 -18.31
C ALA D 251 -3.37 28.11 -19.14
N HIS D 252 -3.94 28.57 -20.25
CA HIS D 252 -4.73 27.68 -21.09
C HIS D 252 -3.99 27.34 -22.40
N GLU D 253 -3.16 28.27 -22.86
CA GLU D 253 -2.40 28.07 -24.09
C GLU D 253 -1.31 27.03 -23.88
N ASP D 254 -0.66 27.07 -22.72
CA ASP D 254 0.39 26.11 -22.41
C ASP D 254 0.55 25.96 -20.89
N PRO D 255 -0.31 25.13 -20.27
CA PRO D 255 -0.27 24.89 -18.83
C PRO D 255 1.06 24.31 -18.37
N ASP D 256 1.86 23.82 -19.32
CA ASP D 256 3.15 23.23 -18.99
C ASP D 256 4.29 24.13 -19.48
N TYR D 257 4.02 25.43 -19.48
CA TYR D 257 4.98 26.44 -19.91
C TYR D 257 6.32 26.30 -19.20
N GLY D 258 6.28 26.10 -17.89
CA GLY D 258 7.51 25.95 -17.11
C GLY D 258 8.29 24.71 -17.44
N LEU D 259 7.59 23.59 -17.65
CA LEU D 259 8.24 22.34 -18.01
C LEU D 259 8.96 22.48 -19.35
N ARG D 260 8.23 22.98 -20.35
CA ARG D 260 8.77 23.15 -21.69
C ARG D 260 9.96 24.11 -21.73
N ASP D 261 9.81 25.26 -21.10
CA ASP D 261 10.86 26.26 -21.05
C ASP D 261 12.19 25.69 -20.55
N LEU D 262 12.13 24.96 -19.44
CA LEU D 262 13.33 24.36 -18.85
C LEU D 262 13.93 23.27 -19.72
N PHE D 263 13.08 22.38 -20.22
CA PHE D 263 13.58 21.30 -21.06
C PHE D 263 14.33 21.85 -22.28
N ASN D 264 13.70 22.79 -22.99
CA ASN D 264 14.31 23.39 -24.17
C ASN D 264 15.60 24.15 -23.87
N ALA D 265 15.63 24.90 -22.77
CA ALA D 265 16.84 25.64 -22.41
C ALA D 265 18.02 24.69 -22.31
N ILE D 266 17.82 23.58 -21.60
CA ILE D 266 18.87 22.59 -21.41
C ILE D 266 19.19 21.85 -22.70
N ALA D 267 18.15 21.51 -23.46
CA ALA D 267 18.31 20.77 -24.72
C ALA D 267 19.10 21.56 -25.77
N THR D 268 19.03 22.88 -25.69
CA THR D 268 19.74 23.73 -26.64
C THR D 268 21.07 24.23 -26.10
N GLY D 269 21.45 23.76 -24.91
CA GLY D 269 22.72 24.16 -24.33
C GLY D 269 22.68 25.45 -23.53
N ASN D 270 21.50 26.03 -23.38
CA ASN D 270 21.34 27.26 -22.62
C ASN D 270 21.11 26.91 -21.15
N TYR D 271 22.08 26.21 -20.57
CA TYR D 271 22.01 25.77 -19.18
C TYR D 271 21.80 26.89 -18.16
N PRO D 272 20.69 26.82 -17.40
CA PRO D 272 20.41 27.86 -16.40
C PRO D 272 21.32 27.64 -15.19
N SER D 273 21.69 28.72 -14.52
CA SER D 273 22.56 28.62 -13.36
C SER D 273 22.14 29.57 -12.24
N TRP D 274 22.61 29.29 -11.04
CA TRP D 274 22.31 30.10 -9.86
C TRP D 274 23.59 30.25 -9.04
N THR D 275 23.75 31.40 -8.40
CA THR D 275 24.92 31.63 -7.56
C THR D 275 24.49 31.44 -6.11
N LEU D 276 25.14 30.51 -5.42
CA LEU D 276 24.82 30.20 -4.04
C LEU D 276 25.56 31.07 -3.04
N TYR D 277 24.80 31.75 -2.19
CA TYR D 277 25.35 32.61 -1.14
C TYR D 277 24.78 32.17 0.20
N ILE D 278 25.36 32.69 1.27
CA ILE D 278 24.88 32.43 2.62
C ILE D 278 25.04 33.71 3.44
N GLN D 279 24.18 33.86 4.43
CA GLN D 279 24.24 35.00 5.34
C GLN D 279 24.68 34.30 6.62
N VAL D 280 25.55 34.95 7.39
CA VAL D 280 26.01 34.33 8.62
C VAL D 280 25.71 35.18 9.84
N MET D 281 25.14 34.55 10.86
CA MET D 281 24.79 35.23 12.11
C MET D 281 25.41 34.43 13.25
N THR D 282 26.21 35.08 14.09
CA THR D 282 26.82 34.37 15.20
C THR D 282 25.76 34.14 16.27
N PHE D 283 26.04 33.25 17.20
CA PHE D 283 25.09 32.96 18.27
C PHE D 283 24.87 34.20 19.12
N SER D 284 25.90 35.05 19.23
CA SER D 284 25.81 36.28 20.00
C SER D 284 24.82 37.24 19.37
N GLU D 285 24.90 37.38 18.06
CA GLU D 285 24.02 38.28 17.33
C GLU D 285 22.59 37.74 17.39
N ALA D 286 22.46 36.42 17.31
CA ALA D 286 21.16 35.77 17.36
C ALA D 286 20.40 36.17 18.61
N GLU D 287 21.12 36.31 19.72
CA GLU D 287 20.50 36.69 20.98
C GLU D 287 20.13 38.17 21.01
N ILE D 288 20.73 38.95 20.12
CA ILE D 288 20.47 40.40 20.04
C ILE D 288 19.52 40.78 18.90
N PHE D 289 19.40 39.92 17.90
CA PHE D 289 18.51 40.20 16.77
C PHE D 289 17.17 40.75 17.26
N PRO D 290 16.71 41.87 16.67
CA PRO D 290 15.46 42.55 17.01
C PRO D 290 14.20 41.68 16.90
N PHE D 291 14.32 40.58 16.16
CA PHE D 291 13.21 39.66 15.98
C PHE D 291 13.69 38.27 16.34
N ASN D 292 12.79 37.30 16.31
CA ASN D 292 13.20 35.92 16.57
C ASN D 292 13.93 35.56 15.29
N PRO D 293 15.24 35.29 15.37
CA PRO D 293 16.00 34.95 14.15
C PRO D 293 15.58 33.63 13.54
N PHE D 294 14.78 32.86 14.28
CA PHE D 294 14.31 31.56 13.79
C PHE D 294 12.85 31.65 13.34
N ASP D 295 12.38 32.89 13.18
CA ASP D 295 11.02 33.17 12.75
C ASP D 295 11.01 33.18 11.22
N LEU D 296 10.35 32.18 10.64
CA LEU D 296 10.28 32.04 9.19
C LEU D 296 9.58 33.17 8.45
N THR D 297 8.89 34.06 9.17
CA THR D 297 8.22 35.18 8.53
C THR D 297 9.13 36.41 8.52
N LYS D 298 10.39 36.20 8.88
CA LYS D 298 11.36 37.29 8.95
C LYS D 298 12.60 37.02 8.09
N VAL D 299 13.18 38.09 7.56
CA VAL D 299 14.40 37.99 6.77
C VAL D 299 15.51 38.64 7.59
N TRP D 300 16.76 38.35 7.23
CA TRP D 300 17.89 38.96 7.90
C TRP D 300 18.33 40.11 6.99
N PRO D 301 18.20 41.37 7.46
CA PRO D 301 18.59 42.52 6.64
C PRO D 301 19.97 42.32 6.01
N HIS D 302 20.05 42.53 4.69
CA HIS D 302 21.32 42.38 3.99
C HIS D 302 22.39 43.33 4.49
N GLY D 303 21.99 44.54 4.85
CA GLY D 303 22.95 45.51 5.34
C GLY D 303 23.72 45.02 6.55
N ASP D 304 23.03 44.35 7.46
CA ASP D 304 23.66 43.84 8.67
C ASP D 304 24.24 42.44 8.51
N TYR D 305 23.73 41.71 7.52
CA TYR D 305 24.20 40.34 7.27
C TYR D 305 24.42 40.16 5.77
N PRO D 306 25.57 40.62 5.28
CA PRO D 306 25.97 40.56 3.86
C PRO D 306 25.96 39.16 3.28
N LEU D 307 25.59 39.07 2.00
CA LEU D 307 25.55 37.81 1.30
C LEU D 307 26.99 37.41 0.99
N ILE D 308 27.37 36.20 1.39
CA ILE D 308 28.70 35.68 1.16
C ILE D 308 28.65 34.60 0.08
N PRO D 309 29.43 34.77 -1.00
CA PRO D 309 29.46 33.79 -2.10
C PRO D 309 30.03 32.44 -1.68
N VAL D 310 29.47 31.37 -2.24
CA VAL D 310 29.92 30.01 -1.92
C VAL D 310 30.19 29.19 -3.18
N GLY D 311 29.22 29.17 -4.09
CA GLY D 311 29.41 28.39 -5.31
C GLY D 311 28.34 28.63 -6.36
N LYS D 312 28.33 27.75 -7.36
CA LYS D 312 27.37 27.86 -8.44
C LYS D 312 26.62 26.57 -8.71
N LEU D 313 25.33 26.71 -9.01
CA LEU D 313 24.46 25.58 -9.30
C LEU D 313 24.17 25.62 -10.81
N VAL D 314 24.46 24.52 -11.49
CA VAL D 314 24.23 24.45 -12.94
C VAL D 314 23.38 23.24 -13.33
N LEU D 315 22.35 23.49 -14.14
CA LEU D 315 21.49 22.41 -14.61
C LEU D 315 21.80 22.18 -16.09
N ASN D 316 22.46 21.08 -16.40
CA ASN D 316 22.84 20.78 -17.77
C ASN D 316 22.36 19.43 -18.29
N ARG D 317 21.41 18.81 -17.60
CA ARG D 317 20.89 17.52 -18.04
C ARG D 317 19.40 17.33 -17.75
N ASN D 318 18.64 17.06 -18.80
CA ASN D 318 17.21 16.83 -18.68
C ASN D 318 16.95 15.40 -18.23
N PRO D 319 15.77 15.15 -17.65
CA PRO D 319 15.49 13.79 -17.24
C PRO D 319 15.21 12.96 -18.50
N VAL D 320 15.48 11.66 -18.45
CA VAL D 320 15.25 10.78 -19.59
C VAL D 320 13.82 10.27 -19.48
N ASN D 321 13.43 9.88 -18.27
CA ASN D 321 12.07 9.42 -18.00
C ASN D 321 11.55 10.23 -16.82
N TYR D 322 10.53 11.04 -17.08
CA TYR D 322 9.95 11.91 -16.06
C TYR D 322 9.45 11.22 -14.81
N PHE D 323 8.60 10.21 -14.96
CA PHE D 323 8.07 9.51 -13.79
C PHE D 323 9.18 9.00 -12.86
N ALA D 324 10.13 8.29 -13.44
CA ALA D 324 11.23 7.71 -12.67
C ALA D 324 12.19 8.70 -12.03
N GLU D 325 12.55 9.75 -12.76
CA GLU D 325 13.51 10.73 -12.26
C GLU D 325 12.95 12.00 -11.62
N VAL D 326 11.72 12.37 -11.96
CA VAL D 326 11.15 13.58 -11.41
C VAL D 326 9.96 13.32 -10.47
N GLU D 327 8.95 12.61 -10.95
CA GLU D 327 7.77 12.34 -10.12
C GLU D 327 8.15 11.58 -8.85
N GLN D 328 9.14 10.70 -8.94
CA GLN D 328 9.58 9.92 -7.79
C GLN D 328 10.66 10.60 -6.93
N LEU D 329 11.12 11.78 -7.36
CA LEU D 329 12.13 12.50 -6.59
C LEU D 329 11.62 12.83 -5.19
N ALA D 330 12.45 12.56 -4.19
CA ALA D 330 12.08 12.82 -2.81
C ALA D 330 13.16 13.63 -2.09
N PHE D 331 12.78 14.80 -1.58
CA PHE D 331 13.73 15.65 -0.85
C PHE D 331 13.33 15.69 0.62
N ASP D 332 14.29 15.39 1.49
CA ASP D 332 14.06 15.40 2.94
C ASP D 332 14.97 16.44 3.60
N PRO D 333 14.39 17.50 4.20
CA PRO D 333 15.23 18.51 4.84
C PRO D 333 16.13 17.90 5.92
N SER D 334 15.69 16.77 6.47
CA SER D 334 16.46 16.07 7.50
C SER D 334 17.74 15.45 6.92
N ASN D 335 17.83 15.41 5.60
CA ASN D 335 19.01 14.88 4.92
C ASN D 335 20.09 15.97 4.97
N MET D 336 20.88 15.97 6.05
CA MET D 336 21.94 16.95 6.23
C MET D 336 23.23 16.25 6.62
N PRO D 337 24.32 16.51 5.88
CA PRO D 337 25.60 15.86 6.20
C PRO D 337 26.28 16.63 7.33
N PRO D 338 27.32 16.04 7.94
CA PRO D 338 28.03 16.73 9.03
C PRO D 338 28.52 18.08 8.53
N GLY D 339 28.32 19.12 9.35
CA GLY D 339 28.73 20.45 8.96
C GLY D 339 27.53 21.34 8.76
N ILE D 340 26.38 20.70 8.55
CA ILE D 340 25.11 21.41 8.36
C ILE D 340 24.08 20.81 9.31
N GLU D 341 23.41 21.66 10.08
CA GLU D 341 22.41 21.21 11.03
C GLU D 341 21.22 22.16 11.05
N PRO D 342 20.10 21.73 11.64
CA PRO D 342 18.94 22.63 11.69
C PRO D 342 19.05 23.65 12.81
N SER D 343 18.12 24.60 12.82
CA SER D 343 18.06 25.62 13.86
C SER D 343 16.77 25.31 14.61
N PRO D 344 16.46 26.08 15.66
CA PRO D 344 15.23 25.83 16.42
C PRO D 344 13.95 26.29 15.72
N ASP D 345 14.08 26.78 14.49
CA ASP D 345 12.92 27.25 13.71
C ASP D 345 11.80 26.22 13.85
N LYS D 346 10.69 26.61 14.49
CA LYS D 346 9.57 25.69 14.70
C LYS D 346 9.06 25.06 13.41
N MET D 347 9.10 25.82 12.32
CA MET D 347 8.65 25.30 11.03
C MET D 347 9.62 24.27 10.50
N LEU D 348 10.91 24.58 10.53
CA LEU D 348 11.93 23.65 10.06
C LEU D 348 11.86 22.37 10.87
N GLN D 349 11.68 22.52 12.19
CA GLN D 349 11.61 21.36 13.07
C GLN D 349 10.51 20.40 12.62
N GLY D 350 9.35 20.95 12.27
CA GLY D 350 8.25 20.11 11.79
C GLY D 350 8.59 19.40 10.49
N ARG D 351 9.29 20.10 9.59
CA ARG D 351 9.66 19.53 8.31
C ARG D 351 10.62 18.36 8.46
N LEU D 352 11.42 18.37 9.54
CA LEU D 352 12.35 17.28 9.78
C LEU D 352 11.60 15.96 9.81
N PHE D 353 10.35 16.01 10.29
CA PHE D 353 9.50 14.83 10.38
C PHE D 353 8.63 14.56 9.15
N ALA D 354 7.92 15.58 8.69
CA ALA D 354 6.99 15.47 7.57
C ALA D 354 7.43 14.86 6.24
N TYR D 355 8.60 15.24 5.73
CA TYR D 355 9.02 14.74 4.43
C TYR D 355 9.33 13.25 4.35
N PRO D 356 10.23 12.75 5.22
CA PRO D 356 10.50 11.31 5.12
C PRO D 356 9.19 10.56 5.39
N ASP D 357 8.36 11.11 6.26
CA ASP D 357 7.07 10.48 6.60
C ASP D 357 6.14 10.40 5.38
N THR D 358 5.94 11.52 4.68
CA THR D 358 5.05 11.50 3.52
C THR D 358 5.65 10.64 2.40
N HIS D 359 6.98 10.62 2.31
CA HIS D 359 7.67 9.84 1.30
C HIS D 359 7.45 8.33 1.49
N ARG D 360 7.45 7.89 2.75
CA ARG D 360 7.22 6.47 3.03
C ARG D 360 5.83 6.07 2.55
N HIS D 361 4.90 7.03 2.52
CA HIS D 361 3.54 6.79 2.06
C HIS D 361 3.38 6.94 0.54
N ARG D 362 3.80 8.09 0.02
CA ARG D 362 3.68 8.38 -1.41
C ARG D 362 4.47 7.45 -2.33
N LEU D 363 5.70 7.14 -1.91
CA LEU D 363 6.57 6.29 -2.71
C LEU D 363 6.66 4.90 -2.12
N GLY D 364 7.03 4.81 -0.85
CA GLY D 364 7.12 3.51 -0.21
C GLY D 364 8.18 3.50 0.87
N PRO D 365 8.14 2.51 1.78
CA PRO D 365 9.11 2.41 2.87
C PRO D 365 10.56 2.48 2.39
N ASN D 366 10.83 1.86 1.25
CA ASN D 366 12.19 1.84 0.70
C ASN D 366 12.42 2.86 -0.42
N TYR D 367 11.80 4.02 -0.29
CA TYR D 367 11.92 5.06 -1.31
C TYR D 367 13.34 5.56 -1.53
N LEU D 368 14.21 5.40 -0.53
CA LEU D 368 15.60 5.84 -0.67
C LEU D 368 16.40 4.89 -1.56
N GLN D 369 15.75 3.82 -1.99
CA GLN D 369 16.40 2.85 -2.87
C GLN D 369 16.05 3.14 -4.33
N ILE D 370 15.11 4.04 -4.55
CA ILE D 370 14.76 4.41 -5.92
C ILE D 370 16.01 5.16 -6.42
N PRO D 371 16.55 4.75 -7.57
CA PRO D 371 17.75 5.38 -8.14
C PRO D 371 17.96 6.88 -7.90
N VAL D 372 17.02 7.71 -8.34
CA VAL D 372 17.20 9.14 -8.18
C VAL D 372 17.26 9.60 -6.71
N ASN D 373 16.77 8.78 -5.79
CA ASN D 373 16.81 9.14 -4.37
C ASN D 373 17.97 8.48 -3.61
N CYS D 374 18.63 7.51 -4.22
CA CYS D 374 19.74 6.82 -3.55
C CYS D 374 20.97 7.71 -3.39
N PRO D 375 21.60 7.67 -2.21
CA PRO D 375 22.81 8.49 -2.02
C PRO D 375 23.97 7.69 -2.62
N TYR D 376 24.04 7.69 -3.95
CA TYR D 376 25.04 6.92 -4.68
C TYR D 376 26.49 7.38 -4.58
N ARG D 377 26.73 8.53 -3.97
CA ARG D 377 28.09 9.03 -3.83
C ARG D 377 28.61 8.64 -2.45
N ALA D 378 27.77 7.96 -1.69
CA ALA D 378 28.13 7.52 -0.34
C ALA D 378 27.91 6.01 -0.23
N ARG D 379 28.41 5.43 0.85
CA ARG D 379 28.26 4.01 1.09
C ARG D 379 27.23 3.79 2.21
N VAL D 380 26.01 3.43 1.84
CA VAL D 380 24.99 3.20 2.83
C VAL D 380 25.24 1.88 3.54
N ALA D 381 25.52 1.97 4.83
CA ALA D 381 25.79 0.78 5.64
C ALA D 381 25.16 1.02 7.00
N ASN D 382 24.24 0.15 7.39
CA ASN D 382 23.57 0.27 8.67
C ASN D 382 22.92 -1.03 9.09
N TYR D 383 22.05 -0.94 10.10
CA TYR D 383 21.37 -2.12 10.61
C TYR D 383 19.88 -2.17 10.26
N GLN D 384 19.54 -1.46 9.19
CA GLN D 384 18.18 -1.42 8.68
C GLN D 384 18.04 -2.56 7.67
N ARG D 385 16.89 -3.25 7.69
CA ARG D 385 16.66 -4.37 6.78
C ARG D 385 15.21 -4.51 6.37
N ASP D 386 15.03 -5.22 5.25
CA ASP D 386 13.72 -5.56 4.70
C ASP D 386 12.80 -4.44 4.22
N GLY D 387 11.50 -4.61 4.48
CA GLY D 387 10.52 -3.64 4.04
C GLY D 387 10.08 -3.99 2.62
N PRO D 388 8.88 -3.55 2.18
CA PRO D 388 8.42 -3.88 0.83
C PRO D 388 9.30 -3.33 -0.30
N MET D 389 9.31 -4.05 -1.42
CA MET D 389 10.11 -3.68 -2.58
C MET D 389 11.56 -3.42 -2.20
N CYS D 390 12.16 -4.38 -1.52
CA CYS D 390 13.54 -4.31 -1.07
C CYS D 390 14.44 -4.65 -2.26
N MET D 391 15.27 -3.70 -2.66
CA MET D 391 16.18 -3.88 -3.78
C MET D 391 17.59 -4.28 -3.37
N MET D 392 18.47 -4.36 -4.36
CA MET D 392 19.85 -4.74 -4.13
C MET D 392 19.94 -6.05 -3.35
N ASP D 393 20.88 -6.12 -2.41
CA ASP D 393 21.04 -7.34 -1.65
C ASP D 393 20.57 -7.21 -0.21
N ASN D 394 19.98 -6.08 0.14
CA ASN D 394 19.49 -5.87 1.49
C ASN D 394 20.64 -6.04 2.49
N GLN D 395 21.82 -5.61 2.05
CA GLN D 395 23.05 -5.68 2.83
C GLN D 395 23.52 -7.12 3.14
N GLY D 396 23.06 -8.05 2.31
CA GLY D 396 23.45 -9.44 2.43
C GLY D 396 23.30 -10.13 3.77
N GLY D 397 24.34 -10.85 4.16
CA GLY D 397 24.31 -11.58 5.42
C GLY D 397 25.02 -10.86 6.55
N ALA D 398 25.24 -9.56 6.42
CA ALA D 398 25.92 -8.80 7.45
C ALA D 398 25.12 -8.78 8.75
N PRO D 399 25.81 -8.85 9.90
CA PRO D 399 25.17 -8.83 11.22
C PRO D 399 24.18 -7.68 11.23
N ASN D 400 22.95 -7.93 11.70
CA ASN D 400 21.92 -6.90 11.68
C ASN D 400 21.57 -6.22 12.99
N TYR D 401 22.44 -6.37 14.00
CA TYR D 401 22.21 -5.77 15.30
C TYR D 401 23.47 -5.01 15.73
N TYR D 402 23.26 -3.90 16.44
CA TYR D 402 24.35 -3.06 16.91
C TYR D 402 24.15 -2.74 18.40
N PRO D 403 25.20 -2.88 19.22
CA PRO D 403 26.56 -3.31 18.88
C PRO D 403 26.67 -4.81 18.61
N ASN D 404 27.78 -5.21 18.00
CA ASN D 404 28.02 -6.61 17.69
C ASN D 404 29.52 -6.85 17.68
N SER D 405 29.93 -8.10 17.85
CA SER D 405 31.34 -8.47 17.86
C SER D 405 31.75 -9.10 16.52
N PHE D 406 31.07 -8.73 15.44
CA PHE D 406 31.40 -9.33 14.15
C PHE D 406 31.82 -8.39 13.03
N SER D 407 32.31 -7.21 13.39
CA SER D 407 32.81 -6.24 12.42
C SER D 407 31.82 -5.56 11.47
N ALA D 408 30.57 -5.44 11.89
CA ALA D 408 29.57 -4.79 11.05
C ALA D 408 29.82 -3.27 11.20
N PRO D 409 29.09 -2.43 10.43
CA PRO D 409 29.29 -0.98 10.53
C PRO D 409 29.35 -0.38 11.93
N GLU D 410 30.20 0.64 12.08
CA GLU D 410 30.40 1.34 13.34
C GLU D 410 30.13 2.83 13.18
N HIS D 411 29.57 3.47 14.20
CA HIS D 411 29.31 4.90 14.13
C HIS D 411 30.62 5.67 14.26
N GLN D 412 30.64 6.90 13.74
CA GLN D 412 31.84 7.72 13.78
C GLN D 412 31.64 8.96 14.64
N PRO D 413 32.29 9.00 15.82
CA PRO D 413 32.19 10.11 16.76
C PRO D 413 32.36 11.50 16.14
N SER D 414 33.10 11.57 15.04
CA SER D 414 33.34 12.84 14.36
C SER D 414 32.06 13.41 13.75
N ALA D 415 31.09 12.53 13.47
CA ALA D 415 29.84 12.97 12.87
C ALA D 415 28.85 13.46 13.93
N LEU D 416 29.24 13.44 15.21
CA LEU D 416 28.36 13.89 16.27
C LEU D 416 27.88 15.31 16.01
N GLU D 417 26.63 15.58 16.37
CA GLU D 417 26.05 16.90 16.16
C GLU D 417 26.60 17.91 17.16
N HIS D 418 26.55 19.19 16.76
CA HIS D 418 27.02 20.30 17.59
C HIS D 418 26.12 20.40 18.83
N ARG D 419 26.74 20.57 20.00
CA ARG D 419 25.97 20.66 21.24
C ARG D 419 25.60 22.10 21.59
N THR D 420 24.30 22.33 21.76
CA THR D 420 23.78 23.64 22.11
C THR D 420 23.07 23.51 23.45
N HIS D 421 22.98 24.60 24.20
CA HIS D 421 22.29 24.55 25.49
C HIS D 421 20.93 25.22 25.38
N PHE D 422 19.94 24.60 26.01
CA PHE D 422 18.58 25.12 26.01
C PHE D 422 18.01 25.01 27.42
N SER D 423 17.16 25.97 27.78
CA SER D 423 16.54 25.97 29.09
C SER D 423 15.17 26.61 29.00
N GLY D 424 14.24 26.13 29.83
CA GLY D 424 12.90 26.67 29.83
C GLY D 424 11.87 25.60 30.09
N ASP D 425 10.63 26.02 30.26
CA ASP D 425 9.55 25.08 30.51
C ASP D 425 9.16 24.41 29.21
N VAL D 426 8.61 23.21 29.32
CA VAL D 426 8.15 22.48 28.15
C VAL D 426 6.68 22.87 28.02
N GLN D 427 6.40 23.70 27.03
CA GLN D 427 5.04 24.14 26.81
C GLN D 427 4.86 24.64 25.40
N ARG D 428 3.63 24.99 25.07
CA ARG D 428 3.29 25.49 23.75
C ARG D 428 3.32 27.03 23.81
N PHE D 429 4.49 27.60 23.55
CA PHE D 429 4.63 29.05 23.60
C PHE D 429 3.94 29.71 22.40
N ASN D 430 3.11 30.71 22.69
CA ASN D 430 2.39 31.40 21.64
C ASN D 430 3.31 32.34 20.86
N SER D 431 3.38 32.13 19.56
CA SER D 431 4.22 32.97 18.69
C SER D 431 3.36 33.73 17.70
N ALA D 432 2.05 33.64 17.86
CA ALA D 432 1.12 34.31 16.96
C ALA D 432 1.30 35.82 16.93
N ASN D 433 1.84 36.39 18.00
CA ASN D 433 2.03 37.84 18.08
C ASN D 433 3.47 38.32 18.00
N ASP D 434 4.32 37.56 17.29
CA ASP D 434 5.73 37.92 17.13
C ASP D 434 5.95 38.95 16.01
N ASP D 435 5.53 40.19 16.25
CA ASP D 435 5.68 41.28 15.28
C ASP D 435 5.30 40.84 13.87
N ASN D 436 4.05 41.09 13.49
CA ASN D 436 3.57 40.68 12.19
C ASN D 436 3.55 41.79 11.13
N VAL D 437 4.03 42.98 11.47
CA VAL D 437 3.98 44.09 10.51
C VAL D 437 5.25 44.86 10.21
N THR D 438 6.16 44.98 11.18
CA THR D 438 7.38 45.75 10.97
C THR D 438 8.11 45.53 9.65
N GLN D 439 8.50 44.29 9.35
CA GLN D 439 9.21 44.02 8.10
C GLN D 439 8.29 44.11 6.89
N VAL D 440 6.99 43.92 7.10
CA VAL D 440 6.04 44.01 5.99
C VAL D 440 5.97 45.46 5.54
N ARG D 441 6.09 46.39 6.48
CA ARG D 441 6.03 47.81 6.16
C ARG D 441 7.26 48.21 5.33
N THR D 442 8.42 47.67 5.66
CA THR D 442 9.62 47.98 4.91
C THR D 442 9.53 47.40 3.49
N PHE D 443 8.89 46.24 3.36
CA PHE D 443 8.72 45.62 2.06
C PHE D 443 7.83 46.50 1.20
N TYR D 444 6.70 46.91 1.77
CA TYR D 444 5.73 47.75 1.09
C TYR D 444 6.29 49.12 0.70
N LEU D 445 7.13 49.69 1.57
CA LEU D 445 7.70 51.02 1.33
C LEU D 445 9.08 51.11 0.67
N LYS D 446 9.96 50.16 0.92
CA LYS D 446 11.30 50.19 0.35
C LYS D 446 11.55 49.21 -0.78
N VAL D 447 11.25 47.94 -0.54
CA VAL D 447 11.46 46.92 -1.56
C VAL D 447 10.65 47.21 -2.82
N LEU D 448 9.44 47.73 -2.64
CA LEU D 448 8.57 48.04 -3.76
C LEU D 448 8.55 49.55 -4.04
N ASN D 449 8.27 49.92 -5.29
CA ASN D 449 8.17 51.33 -5.65
C ASN D 449 6.68 51.63 -5.81
N GLU D 450 6.36 52.82 -6.29
CA GLU D 450 4.97 53.21 -6.46
C GLU D 450 4.15 52.36 -7.42
N GLU D 451 4.68 52.09 -8.62
CA GLU D 451 3.93 51.30 -9.58
C GLU D 451 3.71 49.86 -9.09
N GLN D 452 4.70 49.32 -8.38
CA GLN D 452 4.59 47.97 -7.86
C GLN D 452 3.53 47.91 -6.76
N ARG D 453 3.50 48.93 -5.89
CA ARG D 453 2.51 48.97 -4.83
C ARG D 453 1.13 49.02 -5.46
N LYS D 454 1.04 49.67 -6.61
CA LYS D 454 -0.21 49.82 -7.34
C LYS D 454 -0.71 48.43 -7.75
N ARG D 455 0.16 47.66 -8.40
CA ARG D 455 -0.19 46.32 -8.84
C ARG D 455 -0.48 45.41 -7.65
N LEU D 456 0.38 45.47 -6.64
CA LEU D 456 0.21 44.65 -5.44
C LEU D 456 -1.21 44.73 -4.93
N CYS D 457 -1.71 45.94 -4.72
CA CYS D 457 -3.06 46.14 -4.21
C CYS D 457 -4.15 45.70 -5.19
N GLU D 458 -3.88 45.85 -6.48
CA GLU D 458 -4.85 45.44 -7.51
C GLU D 458 -4.98 43.91 -7.51
N ASN D 459 -3.84 43.23 -7.39
CA ASN D 459 -3.84 41.77 -7.39
C ASN D 459 -4.53 41.25 -6.14
N ILE D 460 -4.26 41.89 -5.00
CA ILE D 460 -4.89 41.47 -3.75
C ILE D 460 -6.38 41.68 -3.80
N ALA D 461 -6.79 42.91 -4.14
CA ALA D 461 -8.21 43.25 -4.21
C ALA D 461 -8.94 42.38 -5.24
N GLY D 462 -8.25 42.02 -6.32
CA GLY D 462 -8.86 41.21 -7.35
C GLY D 462 -9.25 39.82 -6.88
N HIS D 463 -8.57 39.33 -5.85
CA HIS D 463 -8.87 38.02 -5.30
C HIS D 463 -9.75 38.14 -4.06
N LEU D 464 -9.36 39.04 -3.16
CA LEU D 464 -10.10 39.25 -1.91
C LEU D 464 -11.54 39.69 -2.14
N LYS D 465 -11.82 40.28 -3.29
CA LYS D 465 -13.16 40.76 -3.61
C LYS D 465 -14.21 39.65 -3.55
N ASP D 466 -13.80 38.41 -3.78
CA ASP D 466 -14.74 37.29 -3.76
C ASP D 466 -15.04 36.73 -2.38
N ALA D 467 -14.34 37.23 -1.37
CA ALA D 467 -14.57 36.78 0.01
C ALA D 467 -15.74 37.57 0.59
N GLN D 468 -16.34 37.07 1.66
CA GLN D 468 -17.45 37.76 2.29
C GLN D 468 -16.98 39.11 2.84
N LEU D 469 -17.89 40.08 2.93
CA LEU D 469 -17.56 41.40 3.43
C LEU D 469 -16.86 41.40 4.78
N PHE D 470 -17.34 40.58 5.72
CA PHE D 470 -16.73 40.55 7.05
C PHE D 470 -15.28 40.07 6.96
N ILE D 471 -14.99 39.24 5.97
CA ILE D 471 -13.62 38.75 5.79
C ILE D 471 -12.78 39.85 5.14
N GLN D 472 -13.37 40.56 4.19
CA GLN D 472 -12.70 41.65 3.51
C GLN D 472 -12.29 42.70 4.54
N LYS D 473 -13.20 42.94 5.50
CA LYS D 473 -12.96 43.91 6.56
C LYS D 473 -11.76 43.56 7.42
N LYS D 474 -11.71 42.31 7.88
CA LYS D 474 -10.61 41.85 8.71
C LYS D 474 -9.29 41.94 7.98
N ALA D 475 -9.29 41.49 6.73
CA ALA D 475 -8.09 41.51 5.90
C ALA D 475 -7.57 42.93 5.74
N VAL D 476 -8.45 43.84 5.35
CA VAL D 476 -8.05 45.23 5.15
C VAL D 476 -7.46 45.79 6.45
N LYS D 477 -8.10 45.48 7.57
CA LYS D 477 -7.61 45.95 8.87
C LYS D 477 -6.15 45.55 9.04
N ASN D 478 -5.83 44.30 8.72
CA ASN D 478 -4.46 43.82 8.84
C ASN D 478 -3.52 44.58 7.93
N PHE D 479 -3.96 44.85 6.71
CA PHE D 479 -3.13 45.60 5.78
C PHE D 479 -2.92 47.02 6.30
N SER D 480 -3.98 47.61 6.86
CA SER D 480 -3.89 48.95 7.43
C SER D 480 -2.89 48.97 8.58
N ASP D 481 -2.80 47.88 9.33
CA ASP D 481 -1.85 47.79 10.44
C ASP D 481 -0.42 47.88 9.91
N VAL D 482 -0.21 47.35 8.71
CA VAL D 482 1.11 47.40 8.10
C VAL D 482 1.38 48.85 7.72
N HIS D 483 0.40 49.45 7.05
CA HIS D 483 0.48 50.84 6.62
C HIS D 483 -0.92 51.30 6.24
N PRO D 484 -1.39 52.41 6.81
CA PRO D 484 -2.73 52.92 6.49
C PRO D 484 -3.03 53.03 5.01
N GLU D 485 -2.00 53.36 4.22
CA GLU D 485 -2.17 53.50 2.78
C GLU D 485 -2.32 52.13 2.12
N TYR D 486 -1.64 51.13 2.66
CA TYR D 486 -1.71 49.76 2.15
C TYR D 486 -3.18 49.35 2.22
N GLY D 487 -3.75 49.47 3.41
CA GLY D 487 -5.15 49.10 3.60
C GLY D 487 -6.17 49.95 2.86
N SER D 488 -6.01 51.27 2.87
CA SER D 488 -6.96 52.16 2.20
C SER D 488 -7.00 51.95 0.69
N ARG D 489 -5.86 51.72 0.06
CA ARG D 489 -5.82 51.52 -1.39
C ARG D 489 -6.56 50.24 -1.77
N ILE D 490 -6.39 49.19 -0.96
CA ILE D 490 -7.07 47.94 -1.23
C ILE D 490 -8.57 48.13 -1.03
N GLN D 491 -8.95 48.86 0.02
CA GLN D 491 -10.35 49.10 0.30
C GLN D 491 -11.02 49.89 -0.82
N ALA D 492 -10.29 50.83 -1.40
CA ALA D 492 -10.82 51.64 -2.50
C ALA D 492 -11.17 50.72 -3.66
N LEU D 493 -10.27 49.79 -3.97
CA LEU D 493 -10.48 48.84 -5.05
C LEU D 493 -11.63 47.91 -4.72
N LEU D 494 -11.68 47.44 -3.47
CA LEU D 494 -12.75 46.55 -3.05
C LEU D 494 -14.11 47.23 -3.20
N ASP D 495 -14.19 48.48 -2.78
CA ASP D 495 -15.46 49.22 -2.89
C ASP D 495 -15.92 49.26 -4.34
N LYS D 496 -14.97 49.42 -5.26
CA LYS D 496 -15.29 49.46 -6.68
C LYS D 496 -15.78 48.08 -7.13
N TYR D 497 -15.04 47.04 -6.75
CA TYR D 497 -15.40 45.66 -7.11
C TYR D 497 -16.78 45.31 -6.59
N ASN D 498 -17.03 45.59 -5.32
CA ASN D 498 -18.31 45.30 -4.70
C ASN D 498 -19.40 46.19 -5.31
N GLU D 499 -19.12 46.71 -6.50
CA GLU D 499 -20.03 47.60 -7.23
C GLU D 499 -21.50 47.33 -6.96
#